data_3W5A
#
_entry.id   3W5A
#
_cell.length_a   352.883
_cell.length_b   55.729
_cell.length_c   187.951
_cell.angle_alpha   90.00
_cell.angle_beta   119.02
_cell.angle_gamma   90.00
#
_symmetry.space_group_name_H-M   'C 1 2 1'
#
loop_
_entity.id
_entity.type
_entity.pdbx_description
1 polymer SERCA1a
2 polymer Sarcolipin
3 non-polymer "2',3'-O-[(1r)-2,4,6-trinitrocyclohexa-2,5-diene-1,1-diyl]adenosine 5'-(dihydrogen phosphate)"
4 non-polymer PHOSPHATIDYLETHANOLAMINE
5 non-polymer 'MAGNESIUM ION'
6 non-polymer 'SODIUM ION'
7 water water
#
loop_
_entity_poly.entity_id
_entity_poly.type
_entity_poly.pdbx_seq_one_letter_code
_entity_poly.pdbx_strand_id
1 'polypeptide(L)'
;(ACE)MEAAHSKSTEECLAYFGVSETTGLTPDQVKRHLEKYGHNELPAEEGKSLWELVIEQFEDLLVRILLLAACISFVL
AWFEEGEETITAFVEPFVILLILIANAIVGVWQERNAENAIEALKEYEPEMGKVYRADRKSVQRIKARDIVPGDIVEVAV
GDKVPADIRILSIKSTTLRVDQSILTGESVSVIKHTEPVPDPRAVNQDKKNMLFSGTNIAAGKALGIVATTGVSTEIGKI
RDQMAATEQDKTPLQQKLDEFGEQLSKVISLICVAVWLINIGHFNDPVHGGSWIRGAIYYFKIAVALAVAAIPEGLPAVI
TTCLALGTRRMAKKNAIVRSLPSVETLGCTSVICSDKTGTLTTNQMSVCKMFIIDKVDGDFCSLNEFSITGSTYAPEGEV
LKNDKPIRSGQFDGLVELATICALCNDSSLDFNETKGVYEKVGEATETALTTLVEKMNVFNTEVRNLSKVERANACNSVI
RQLMKKEFTLEFSRDRKSMSVYCSPAKSSRAAVGNKMFVKGAPEGVIDRCNYVRVGTTRVPMTGPVKEKILSVIKEWGTG
RDTLRCLALATRDTPPKREEMVLDDSSRFMEYETDLTFVGVVGMLDPPRKEVMGSIQLCRDAGIRVIMITGDNKGTAIAI
CRRIGIFGENEEVADRAYTGREFDDLPLAEQREACRRACCFARVEPSHKSKIVEYLQSYDEITAMTGDGVNDAPALKKAE
IGIAMGSGTAVAKTASEMVLADDNFSTIVAAVEEGRAIYNNMKQFIRYLISSNVGEVVCIFLTAALGLPEALIPVQLLWV
NLVTDGLPATALGFNPPDLDIMDRPPRSPKEPLISGWLFFRYMAIGGYVGAATVGAAAWWFMYAEDGPGVTYHQLTHFMQ
CTEDHPHFEGLDCEIFEAPEPMTMALSVLVTIEMCNALNSLSENQSLMRMPPWVNIWLLGSICLSMSLHFLILYVDPLPM
IFKLKALDLTQWLMVLKISLPVIGLDEILKFIARNYLEG
;
A,B
2 'polypeptide(L)' MERSTRELCLNFTVVLITVILIWLLVRSYQY C
#
# COMPACT_ATOMS: atom_id res chain seq x y z
N MET A 2 -45.88 -34.94 -11.79
CA MET A 2 -46.06 -36.41 -11.68
C MET A 2 -44.73 -37.13 -11.75
N GLU A 3 -44.78 -38.44 -11.61
CA GLU A 3 -43.62 -39.32 -11.76
C GLU A 3 -43.96 -40.39 -12.79
N ALA A 4 -42.93 -40.96 -13.39
CA ALA A 4 -43.06 -42.08 -14.34
C ALA A 4 -44.41 -42.16 -15.08
N ALA A 5 -44.80 -41.05 -15.69
CA ALA A 5 -46.07 -40.92 -16.43
C ALA A 5 -46.09 -41.82 -17.66
N HIS A 6 -44.89 -42.22 -18.09
CA HIS A 6 -44.72 -43.15 -19.20
C HIS A 6 -45.15 -44.53 -18.81
N SER A 7 -44.94 -44.89 -17.56
CA SER A 7 -45.37 -46.18 -17.03
C SER A 7 -46.88 -46.23 -16.84
N LYS A 8 -47.49 -45.07 -16.58
CA LYS A 8 -48.93 -44.98 -16.39
C LYS A 8 -49.67 -44.89 -17.69
N SER A 9 -50.95 -45.21 -17.65
CA SER A 9 -51.84 -45.12 -18.81
C SER A 9 -52.30 -43.68 -19.01
N THR A 10 -53.01 -43.45 -20.12
CA THR A 10 -53.53 -42.12 -20.46
C THR A 10 -54.50 -41.60 -19.40
N GLU A 11 -55.40 -42.48 -18.93
CA GLU A 11 -56.37 -42.14 -17.90
C GLU A 11 -55.73 -41.99 -16.53
N GLU A 12 -54.76 -42.85 -16.22
CA GLU A 12 -54.03 -42.81 -14.94
C GLU A 12 -53.29 -41.49 -14.75
N CYS A 13 -53.08 -40.76 -15.84
CA CYS A 13 -52.46 -39.45 -15.79
C CYS A 13 -53.52 -38.37 -15.67
N LEU A 14 -54.54 -38.44 -16.52
CA LEU A 14 -55.70 -37.54 -16.44
C LEU A 14 -56.24 -37.49 -15.01
N ALA A 15 -56.30 -38.66 -14.39
CA ALA A 15 -56.77 -38.84 -13.02
C ALA A 15 -55.83 -38.19 -12.00
N TYR A 16 -54.60 -38.68 -11.93
CA TYR A 16 -53.57 -38.20 -10.99
C TYR A 16 -53.59 -36.68 -10.74
N PHE A 17 -53.88 -35.90 -11.78
CA PHE A 17 -54.01 -34.46 -11.63
C PHE A 17 -55.47 -34.04 -11.54
N GLY A 18 -56.35 -34.87 -12.10
CA GLY A 18 -57.79 -34.59 -12.08
C GLY A 18 -58.15 -33.45 -13.02
N VAL A 19 -58.28 -33.79 -14.30
CA VAL A 19 -58.68 -32.85 -15.33
C VAL A 19 -59.13 -33.61 -16.57
N SER A 20 -60.20 -33.14 -17.21
CA SER A 20 -60.69 -33.77 -18.42
C SER A 20 -59.95 -33.21 -19.62
N GLU A 21 -59.67 -34.09 -20.59
CA GLU A 21 -58.95 -33.69 -21.81
C GLU A 21 -59.83 -32.89 -22.77
N THR A 22 -60.84 -32.22 -22.21
CA THR A 22 -61.73 -31.33 -22.97
C THR A 22 -61.90 -30.03 -22.20
N THR A 23 -61.94 -30.14 -20.87
CA THR A 23 -62.10 -28.99 -19.98
C THR A 23 -60.83 -28.17 -19.94
N GLY A 24 -59.70 -28.87 -19.81
CA GLY A 24 -58.43 -28.24 -19.48
C GLY A 24 -58.45 -27.86 -18.02
N LEU A 25 -57.37 -27.21 -17.57
CA LEU A 25 -57.22 -26.88 -16.15
C LEU A 25 -58.09 -25.68 -15.75
N THR A 26 -58.38 -25.56 -14.45
CA THR A 26 -59.18 -24.45 -13.91
C THR A 26 -58.30 -23.40 -13.22
N PRO A 27 -58.64 -22.09 -13.38
CA PRO A 27 -57.89 -21.00 -12.78
C PRO A 27 -57.43 -21.28 -11.35
N ASP A 28 -58.24 -22.04 -10.60
CA ASP A 28 -57.86 -22.51 -9.26
C ASP A 28 -56.66 -23.44 -9.34
N GLN A 29 -56.83 -24.57 -10.03
CA GLN A 29 -55.78 -25.57 -10.23
C GLN A 29 -54.50 -24.92 -10.76
N VAL A 30 -54.69 -23.92 -11.63
CA VAL A 30 -53.60 -23.13 -12.18
C VAL A 30 -52.76 -22.50 -11.04
N LYS A 31 -53.35 -21.54 -10.33
CA LYS A 31 -52.68 -20.88 -9.21
C LYS A 31 -52.05 -21.88 -8.22
N ARG A 32 -52.78 -22.96 -7.94
CA ARG A 32 -52.35 -23.99 -7.00
C ARG A 32 -51.01 -24.62 -7.42
N HIS A 33 -50.99 -25.29 -8.57
CA HIS A 33 -49.79 -25.96 -9.08
C HIS A 33 -48.69 -24.95 -9.22
N LEU A 34 -49.08 -23.76 -9.66
CA LEU A 34 -48.16 -22.65 -9.86
C LEU A 34 -47.36 -22.37 -8.61
N GLU A 35 -47.95 -22.64 -7.45
CA GLU A 35 -47.29 -22.48 -6.17
C GLU A 35 -46.72 -23.82 -5.65
N LYS A 36 -47.43 -24.91 -5.94
CA LYS A 36 -47.03 -26.25 -5.49
C LYS A 36 -45.82 -26.78 -6.26
N TYR A 37 -45.59 -26.24 -7.46
CA TYR A 37 -44.50 -26.70 -8.33
C TYR A 37 -43.53 -25.57 -8.70
N GLY A 38 -44.06 -24.40 -9.03
CA GLY A 38 -43.25 -23.26 -9.43
C GLY A 38 -43.30 -22.99 -10.92
N HIS A 39 -42.95 -21.77 -11.31
CA HIS A 39 -42.93 -21.36 -12.73
C HIS A 39 -42.12 -22.31 -13.57
N ASN A 40 -42.60 -22.56 -14.79
CA ASN A 40 -41.94 -23.48 -15.71
C ASN A 40 -40.72 -22.84 -16.37
N GLU A 41 -39.55 -23.09 -15.79
CA GLU A 41 -38.30 -22.46 -16.18
C GLU A 41 -37.15 -23.01 -15.32
N LEU A 42 -35.94 -22.52 -15.55
CA LEU A 42 -34.77 -22.91 -14.78
C LEU A 42 -34.48 -21.84 -13.71
N PRO A 43 -33.83 -22.23 -12.58
CA PRO A 43 -33.50 -21.26 -11.52
C PRO A 43 -32.40 -20.26 -11.91
N ALA A 44 -32.78 -18.98 -12.00
CA ALA A 44 -31.87 -17.91 -12.43
C ALA A 44 -30.55 -17.94 -11.65
N GLU A 45 -29.47 -18.22 -12.36
CA GLU A 45 -28.14 -18.37 -11.76
C GLU A 45 -27.66 -17.08 -11.08
N GLU A 46 -26.93 -17.23 -9.99
CA GLU A 46 -26.39 -16.08 -9.27
C GLU A 46 -25.14 -15.55 -9.96
N GLY A 47 -24.17 -16.44 -10.19
CA GLY A 47 -22.88 -16.04 -10.71
C GLY A 47 -21.98 -15.58 -9.57
N LYS A 48 -21.46 -14.36 -9.69
CA LYS A 48 -20.50 -13.81 -8.72
C LYS A 48 -20.84 -12.37 -8.34
N SER A 49 -20.12 -11.86 -7.33
CA SER A 49 -20.29 -10.49 -6.84
C SER A 49 -19.20 -9.55 -7.36
N LEU A 50 -19.59 -8.27 -7.49
CA LEU A 50 -18.70 -7.19 -7.93
C LEU A 50 -17.31 -7.35 -7.33
N TRP A 51 -17.26 -7.30 -6.00
CA TRP A 51 -16.03 -7.44 -5.20
C TRP A 51 -15.38 -8.78 -5.39
N GLU A 52 -16.18 -9.83 -5.48
CA GLU A 52 -15.66 -11.20 -5.63
C GLU A 52 -14.90 -11.41 -6.92
N LEU A 53 -15.20 -10.59 -7.94
CA LEU A 53 -14.50 -10.64 -9.21
C LEU A 53 -13.28 -9.70 -9.23
N VAL A 54 -13.43 -8.56 -8.57
CA VAL A 54 -12.31 -7.61 -8.38
C VAL A 54 -11.07 -8.37 -7.88
N ILE A 55 -11.27 -9.12 -6.80
CA ILE A 55 -10.20 -9.91 -6.18
C ILE A 55 -9.57 -10.86 -7.21
N GLU A 56 -10.42 -11.48 -8.02
CA GLU A 56 -9.96 -12.38 -9.06
C GLU A 56 -8.96 -11.68 -9.98
N GLN A 57 -9.22 -10.41 -10.29
CA GLN A 57 -8.32 -9.66 -11.15
C GLN A 57 -7.00 -9.34 -10.44
N PHE A 58 -7.03 -9.35 -9.10
CA PHE A 58 -5.83 -9.06 -8.30
C PHE A 58 -4.90 -10.27 -8.15
N GLU A 59 -4.90 -11.15 -9.14
CA GLU A 59 -4.17 -12.41 -9.03
C GLU A 59 -3.05 -12.55 -10.06
N ASP A 60 -2.86 -11.53 -10.88
CA ASP A 60 -1.86 -11.56 -11.95
C ASP A 60 -0.46 -11.73 -11.42
N LEU A 61 0.35 -12.51 -12.15
CA LEU A 61 1.80 -12.58 -11.95
C LEU A 61 2.33 -11.16 -11.79
N LEU A 62 1.99 -10.30 -12.75
CA LEU A 62 2.49 -8.93 -12.81
C LEU A 62 1.98 -8.05 -11.65
N VAL A 63 0.68 -8.11 -11.36
CA VAL A 63 0.10 -7.31 -10.26
C VAL A 63 0.70 -7.72 -8.91
N ARG A 64 0.98 -9.01 -8.75
CA ARG A 64 1.69 -9.50 -7.56
C ARG A 64 3.08 -8.87 -7.48
N ILE A 65 3.93 -9.24 -8.44
CA ILE A 65 5.32 -8.76 -8.55
C ILE A 65 5.46 -7.25 -8.35
N LEU A 66 4.65 -6.48 -9.07
CA LEU A 66 4.65 -5.02 -8.95
C LEU A 66 4.21 -4.54 -7.55
N LEU A 67 3.09 -5.07 -7.06
CA LEU A 67 2.53 -4.66 -5.76
C LEU A 67 3.36 -5.23 -4.59
N LEU A 68 4.39 -6.00 -4.91
CA LEU A 68 5.32 -6.56 -3.92
C LEU A 68 6.57 -5.69 -3.77
N ALA A 69 7.30 -5.52 -4.87
CA ALA A 69 8.52 -4.69 -4.90
C ALA A 69 8.21 -3.18 -4.83
N ALA A 70 6.97 -2.84 -4.46
CA ALA A 70 6.56 -1.47 -4.16
C ALA A 70 6.46 -1.27 -2.65
N CYS A 71 6.42 -2.39 -1.93
CA CYS A 71 6.44 -2.41 -0.47
C CYS A 71 7.81 -2.85 0.05
N ILE A 72 8.45 -3.79 -0.66
CA ILE A 72 9.86 -4.14 -0.41
C ILE A 72 10.71 -2.85 -0.47
N SER A 73 10.48 -2.05 -1.50
CA SER A 73 11.14 -0.76 -1.66
C SER A 73 10.83 0.22 -0.52
N PHE A 74 9.61 0.21 -0.01
CA PHE A 74 9.25 1.09 1.10
C PHE A 74 9.79 0.61 2.47
N VAL A 75 9.81 -0.69 2.68
CA VAL A 75 10.38 -1.25 3.91
C VAL A 75 11.88 -0.95 3.92
N LEU A 76 12.52 -1.03 2.75
CA LEU A 76 13.92 -0.61 2.60
C LEU A 76 14.06 0.92 2.58
N ALA A 77 12.98 1.63 2.91
CA ALA A 77 12.96 3.10 2.93
C ALA A 77 12.80 3.72 4.33
N TRP A 78 12.04 3.06 5.20
CA TRP A 78 11.93 3.52 6.60
C TRP A 78 13.03 2.95 7.45
N PHE A 79 13.53 1.77 7.08
CA PHE A 79 14.43 0.99 7.94
C PHE A 79 15.90 0.96 7.53
N GLU A 80 16.20 1.29 6.27
CA GLU A 80 17.60 1.34 5.82
C GLU A 80 18.17 2.75 5.97
N GLU A 81 17.54 3.73 5.32
CA GLU A 81 17.94 5.13 5.44
C GLU A 81 16.73 6.07 5.57
N GLY A 82 15.84 5.74 6.52
CA GLY A 82 14.55 6.43 6.70
C GLY A 82 14.55 7.94 6.90
N GLU A 83 14.71 8.66 5.78
CA GLU A 83 14.67 10.13 5.76
C GLU A 83 13.23 10.61 5.55
N GLU A 84 13.06 11.92 5.31
CA GLU A 84 11.75 12.50 4.98
C GLU A 84 11.15 11.75 3.79
N THR A 85 9.92 11.25 3.96
CA THR A 85 9.33 10.36 2.94
C THR A 85 8.03 10.84 2.25
N ILE A 86 7.04 11.29 3.05
CA ILE A 86 5.64 11.54 2.59
C ILE A 86 5.18 10.75 1.34
N THR A 87 5.70 11.11 0.16
CA THR A 87 5.36 10.45 -1.11
C THR A 87 5.77 8.96 -1.13
N ALA A 88 6.93 8.65 -0.54
CA ALA A 88 7.48 7.30 -0.53
C ALA A 88 6.57 6.27 0.12
N PHE A 89 5.87 6.66 1.18
CA PHE A 89 4.88 5.78 1.83
C PHE A 89 3.59 5.68 1.00
N VAL A 90 3.12 6.81 0.48
CA VAL A 90 1.83 6.88 -0.20
C VAL A 90 1.84 6.20 -1.58
N GLU A 91 3.01 6.09 -2.20
CA GLU A 91 3.13 5.47 -3.53
C GLU A 91 2.51 4.06 -3.62
N PRO A 92 3.04 3.08 -2.84
CA PRO A 92 2.40 1.77 -2.86
C PRO A 92 0.89 1.86 -2.57
N PHE A 93 0.53 2.64 -1.55
CA PHE A 93 -0.88 2.81 -1.15
C PHE A 93 -1.73 3.59 -2.18
N VAL A 94 -1.08 3.98 -3.28
CA VAL A 94 -1.77 4.58 -4.43
C VAL A 94 -1.84 3.61 -5.62
N ILE A 95 -0.76 2.84 -5.85
CA ILE A 95 -0.73 1.81 -6.90
C ILE A 95 -1.95 0.88 -6.83
N LEU A 96 -2.21 0.38 -5.62
CA LEU A 96 -3.36 -0.46 -5.34
C LEU A 96 -4.67 0.31 -5.48
N LEU A 97 -4.70 1.55 -4.99
CA LEU A 97 -5.88 2.42 -5.13
C LEU A 97 -6.27 2.59 -6.59
N ILE A 98 -5.25 2.79 -7.43
CA ILE A 98 -5.36 2.90 -8.89
C ILE A 98 -5.89 1.59 -9.48
N LEU A 99 -5.20 0.49 -9.18
CA LEU A 99 -5.63 -0.85 -9.62
C LEU A 99 -7.07 -1.23 -9.25
N ILE A 100 -7.52 -0.81 -8.07
CA ILE A 100 -8.92 -0.95 -7.64
C ILE A 100 -9.83 -0.28 -8.69
N ALA A 101 -9.55 0.98 -9.00
CA ALA A 101 -10.37 1.76 -9.93
C ALA A 101 -10.21 1.28 -11.37
N ASN A 102 -9.17 0.48 -11.62
CA ASN A 102 -8.96 -0.16 -12.90
C ASN A 102 -9.95 -1.33 -13.12
N ALA A 103 -9.95 -2.26 -12.18
CA ALA A 103 -10.87 -3.42 -12.19
C ALA A 103 -12.32 -2.99 -12.27
N ILE A 104 -12.68 -1.93 -11.56
CA ILE A 104 -14.04 -1.37 -11.58
C ILE A 104 -14.53 -1.11 -13.00
N VAL A 105 -13.63 -0.60 -13.85
CA VAL A 105 -13.95 -0.39 -15.26
C VAL A 105 -14.07 -1.76 -15.94
N GLY A 106 -13.09 -2.63 -15.68
CA GLY A 106 -13.07 -3.98 -16.23
C GLY A 106 -14.38 -4.72 -16.03
N VAL A 107 -14.76 -4.88 -14.75
CA VAL A 107 -16.01 -5.54 -14.38
C VAL A 107 -17.24 -4.84 -14.96
N TRP A 108 -17.25 -3.50 -14.97
CA TRP A 108 -18.35 -2.75 -15.58
C TRP A 108 -18.54 -3.13 -17.02
N GLN A 109 -17.43 -3.27 -17.75
CA GLN A 109 -17.49 -3.62 -19.16
C GLN A 109 -17.99 -5.05 -19.41
N GLU A 110 -17.53 -5.99 -18.60
CA GLU A 110 -17.99 -7.38 -18.70
C GLU A 110 -19.46 -7.51 -18.32
N ARG A 111 -19.89 -6.73 -17.33
CA ARG A 111 -21.31 -6.61 -16.97
C ARG A 111 -22.11 -6.19 -18.20
N ASN A 112 -21.74 -5.05 -18.79
CA ASN A 112 -22.37 -4.53 -20.00
C ASN A 112 -22.34 -5.54 -21.14
N ALA A 113 -21.24 -6.28 -21.24
CA ALA A 113 -21.11 -7.37 -22.22
C ALA A 113 -22.13 -8.46 -21.96
N GLU A 114 -22.31 -8.85 -20.70
CA GLU A 114 -23.33 -9.82 -20.31
C GLU A 114 -24.74 -9.31 -20.60
N ASN A 115 -25.03 -8.09 -20.16
CA ASN A 115 -26.38 -7.50 -20.25
C ASN A 115 -26.97 -7.55 -21.64
N ALA A 116 -26.24 -6.99 -22.60
CA ALA A 116 -26.64 -7.05 -24.00
C ALA A 116 -26.98 -8.47 -24.42
N ILE A 117 -26.10 -9.43 -24.09
CA ILE A 117 -26.28 -10.83 -24.49
C ILE A 117 -27.59 -11.43 -23.99
N GLU A 118 -27.73 -11.56 -22.68
CA GLU A 118 -28.94 -12.13 -22.08
C GLU A 118 -30.20 -11.39 -22.53
N ALA A 119 -30.08 -10.10 -22.86
CA ALA A 119 -31.21 -9.25 -23.26
C ALA A 119 -31.78 -9.61 -24.63
N LEU A 120 -31.20 -10.64 -25.26
CA LEU A 120 -31.65 -11.14 -26.56
C LEU A 120 -32.82 -12.11 -26.43
N LYS A 121 -32.82 -12.92 -25.37
CA LYS A 121 -33.92 -13.86 -25.12
C LYS A 121 -35.23 -13.13 -24.83
N GLU A 122 -35.13 -11.89 -24.35
CA GLU A 122 -36.27 -11.00 -24.11
C GLU A 122 -37.10 -10.79 -25.38
N TYR A 123 -36.41 -10.83 -26.53
CA TYR A 123 -37.02 -10.56 -27.84
C TYR A 123 -37.84 -11.72 -28.35
N GLU A 124 -37.35 -12.94 -28.11
CA GLU A 124 -38.01 -14.12 -28.62
C GLU A 124 -38.39 -15.07 -27.49
N PRO A 125 -39.55 -14.80 -26.84
CA PRO A 125 -39.94 -15.59 -25.69
C PRO A 125 -40.53 -16.93 -26.10
N GLU A 126 -40.20 -17.97 -25.37
CA GLU A 126 -40.78 -19.29 -25.60
C GLU A 126 -42.23 -19.34 -25.18
N MET A 127 -43.07 -19.81 -26.09
CA MET A 127 -44.50 -19.89 -25.88
C MET A 127 -44.95 -21.35 -25.78
N GLY A 128 -46.27 -21.55 -25.60
CA GLY A 128 -46.89 -22.87 -25.63
C GLY A 128 -48.36 -22.77 -25.99
N LYS A 129 -48.92 -23.88 -26.48
CA LYS A 129 -50.35 -23.95 -26.76
C LYS A 129 -51.00 -24.75 -25.63
N VAL A 130 -51.87 -24.10 -24.86
CA VAL A 130 -52.58 -24.81 -23.80
C VAL A 130 -54.09 -24.67 -23.91
N TYR A 131 -54.75 -25.74 -23.48
CA TYR A 131 -56.18 -25.77 -23.22
C TYR A 131 -56.41 -25.59 -21.72
N ARG A 132 -57.29 -24.65 -21.37
CA ARG A 132 -57.63 -24.38 -19.99
C ARG A 132 -59.15 -24.17 -19.84
N ALA A 133 -59.59 -23.67 -18.69
CA ALA A 133 -61.02 -23.45 -18.47
C ALA A 133 -61.52 -22.15 -19.10
N ASP A 134 -60.69 -21.11 -19.06
CA ASP A 134 -61.09 -19.75 -19.49
C ASP A 134 -61.93 -19.71 -20.76
N ARG A 135 -61.35 -20.14 -21.88
CA ARG A 135 -62.03 -20.14 -23.16
C ARG A 135 -62.09 -21.56 -23.71
N LYS A 136 -62.91 -21.76 -24.75
CA LYS A 136 -63.07 -23.09 -25.36
C LYS A 136 -62.02 -23.40 -26.41
N SER A 137 -61.53 -22.37 -27.09
CA SER A 137 -60.48 -22.52 -28.10
C SER A 137 -59.09 -22.55 -27.46
N VAL A 138 -58.06 -22.79 -28.28
CA VAL A 138 -56.67 -22.88 -27.81
C VAL A 138 -56.16 -21.54 -27.27
N GLN A 139 -55.26 -21.60 -26.30
CA GLN A 139 -54.73 -20.40 -25.68
C GLN A 139 -53.21 -20.40 -25.73
N ARG A 140 -52.63 -19.35 -26.32
CA ARG A 140 -51.19 -19.23 -26.50
C ARG A 140 -50.54 -18.36 -25.42
N ILE A 141 -49.57 -18.92 -24.69
CA ILE A 141 -49.05 -18.29 -23.47
C ILE A 141 -47.53 -18.41 -23.32
N LYS A 142 -46.97 -17.83 -22.27
CA LYS A 142 -45.55 -18.02 -21.95
C LYS A 142 -45.35 -19.44 -21.49
N ALA A 143 -44.25 -20.05 -21.91
CA ALA A 143 -43.92 -21.41 -21.51
C ALA A 143 -43.71 -21.50 -19.99
N ARG A 144 -43.32 -20.38 -19.39
CA ARG A 144 -43.11 -20.31 -17.94
C ARG A 144 -44.42 -20.35 -17.19
N ASP A 145 -45.49 -19.90 -17.82
CA ASP A 145 -46.83 -19.93 -17.25
C ASP A 145 -47.53 -21.29 -17.45
N ILE A 146 -46.76 -22.36 -17.54
CA ILE A 146 -47.32 -23.71 -17.74
C ILE A 146 -47.11 -24.60 -16.52
N VAL A 147 -48.24 -25.02 -15.94
CA VAL A 147 -48.23 -25.82 -14.72
C VAL A 147 -48.34 -27.31 -15.01
N PRO A 148 -47.42 -28.12 -14.45
CA PRO A 148 -47.44 -29.55 -14.72
C PRO A 148 -48.80 -30.12 -14.38
N GLY A 149 -49.56 -30.49 -15.41
CA GLY A 149 -50.91 -30.97 -15.20
C GLY A 149 -51.82 -30.56 -16.32
N ASP A 150 -51.69 -29.33 -16.82
CA ASP A 150 -52.61 -28.86 -17.86
C ASP A 150 -52.43 -29.55 -19.22
N ILE A 151 -53.43 -29.36 -20.09
CA ILE A 151 -53.50 -30.04 -21.37
C ILE A 151 -52.83 -29.20 -22.46
N VAL A 152 -51.82 -29.79 -23.11
CA VAL A 152 -50.98 -29.12 -24.12
C VAL A 152 -51.25 -29.67 -25.51
N GLU A 153 -51.33 -28.75 -26.48
CA GLU A 153 -51.45 -29.13 -27.88
C GLU A 153 -50.19 -28.74 -28.65
N VAL A 154 -49.67 -29.68 -29.42
CA VAL A 154 -48.48 -29.39 -30.23
C VAL A 154 -48.70 -29.78 -31.70
N ALA A 155 -48.03 -29.04 -32.58
CA ALA A 155 -48.20 -29.23 -34.03
C ALA A 155 -46.85 -29.23 -34.77
N VAL A 156 -46.91 -29.41 -36.09
CA VAL A 156 -45.72 -29.42 -36.92
C VAL A 156 -44.91 -28.17 -36.68
N GLY A 157 -43.63 -28.37 -36.38
CA GLY A 157 -42.68 -27.29 -36.30
C GLY A 157 -42.58 -26.61 -34.96
N ASP A 158 -43.34 -27.10 -33.98
CA ASP A 158 -43.37 -26.55 -32.62
C ASP A 158 -42.23 -27.07 -31.72
N LYS A 159 -41.83 -26.24 -30.75
CA LYS A 159 -41.00 -26.69 -29.65
C LYS A 159 -41.86 -27.20 -28.51
N VAL A 160 -41.51 -28.35 -27.95
CA VAL A 160 -42.25 -28.89 -26.81
C VAL A 160 -41.88 -28.05 -25.59
N PRO A 161 -42.89 -27.34 -25.02
CA PRO A 161 -42.70 -26.38 -23.92
C PRO A 161 -42.33 -27.03 -22.58
N ALA A 162 -42.90 -28.19 -22.30
CA ALA A 162 -42.61 -28.92 -21.06
C ALA A 162 -42.56 -30.42 -21.36
N ASP A 163 -42.13 -31.24 -20.39
CA ASP A 163 -42.26 -32.70 -20.52
C ASP A 163 -43.73 -33.14 -20.53
N ILE A 164 -44.19 -33.71 -21.66
CA ILE A 164 -45.61 -34.03 -21.85
C ILE A 164 -45.86 -35.52 -22.01
N ARG A 165 -46.98 -35.97 -21.45
CA ARG A 165 -47.46 -37.34 -21.62
C ARG A 165 -48.48 -37.33 -22.74
N ILE A 166 -48.19 -38.06 -23.81
CA ILE A 166 -49.06 -38.02 -25.00
C ILE A 166 -50.46 -38.55 -24.70
N LEU A 167 -51.46 -37.68 -24.84
CA LEU A 167 -52.85 -38.09 -24.66
C LEU A 167 -53.43 -38.62 -25.95
N SER A 168 -53.49 -37.77 -26.98
CA SER A 168 -54.17 -38.12 -28.20
C SER A 168 -53.48 -37.56 -29.44
N ILE A 169 -53.11 -38.46 -30.35
CA ILE A 169 -52.46 -38.09 -31.61
C ILE A 169 -53.50 -37.74 -32.67
N LYS A 170 -53.65 -36.45 -32.96
CA LYS A 170 -54.65 -35.96 -33.93
C LYS A 170 -54.36 -36.34 -35.38
N SER A 171 -53.11 -36.25 -35.80
CA SER A 171 -52.71 -36.66 -37.14
C SER A 171 -52.62 -38.19 -37.22
N THR A 172 -52.26 -38.71 -38.40
CA THR A 172 -52.18 -40.16 -38.61
C THR A 172 -50.91 -40.79 -38.07
N THR A 173 -49.82 -40.02 -38.04
CA THR A 173 -48.55 -40.42 -37.43
C THR A 173 -47.97 -39.21 -36.73
N LEU A 174 -47.06 -39.46 -35.78
CA LEU A 174 -46.43 -38.36 -35.08
C LEU A 174 -44.93 -38.56 -35.02
N ARG A 175 -44.21 -37.63 -35.63
CA ARG A 175 -42.77 -37.70 -35.68
C ARG A 175 -42.16 -36.58 -34.86
N VAL A 176 -41.05 -36.89 -34.20
CA VAL A 176 -40.44 -35.99 -33.22
C VAL A 176 -38.93 -35.97 -33.36
N ASP A 177 -38.36 -34.76 -33.33
CA ASP A 177 -36.92 -34.58 -33.39
C ASP A 177 -36.36 -34.35 -31.99
N GLN A 178 -35.88 -35.44 -31.38
CA GLN A 178 -35.33 -35.39 -30.04
C GLN A 178 -33.82 -35.29 -30.04
N SER A 179 -33.25 -35.13 -31.23
CA SER A 179 -31.80 -34.95 -31.41
C SER A 179 -31.09 -34.30 -30.22
N ILE A 180 -31.67 -33.19 -29.74
CA ILE A 180 -31.08 -32.33 -28.70
C ILE A 180 -30.78 -33.05 -27.37
N LEU A 181 -31.55 -34.09 -27.07
CA LEU A 181 -31.42 -34.84 -25.82
C LEU A 181 -30.99 -36.29 -26.07
N THR A 182 -31.72 -36.96 -26.96
CA THR A 182 -31.51 -38.37 -27.29
C THR A 182 -30.22 -38.60 -28.09
N GLY A 183 -29.77 -37.56 -28.81
CA GLY A 183 -28.63 -37.69 -29.70
C GLY A 183 -28.97 -38.29 -31.05
N GLU A 184 -30.13 -38.96 -31.13
CA GLU A 184 -30.58 -39.60 -32.37
C GLU A 184 -31.08 -38.54 -33.37
N SER A 185 -30.34 -38.41 -34.47
CA SER A 185 -30.64 -37.45 -35.53
C SER A 185 -31.96 -37.73 -36.23
N VAL A 186 -32.18 -39.00 -36.59
CA VAL A 186 -33.43 -39.43 -37.24
C VAL A 186 -34.62 -39.20 -36.32
N SER A 187 -35.71 -38.72 -36.90
CA SER A 187 -36.95 -38.50 -36.17
C SER A 187 -37.60 -39.82 -35.74
N VAL A 188 -38.07 -39.86 -34.50
CA VAL A 188 -38.70 -41.05 -33.94
C VAL A 188 -40.21 -40.93 -33.92
N ILE A 189 -40.91 -42.06 -34.04
CA ILE A 189 -42.35 -42.09 -33.95
C ILE A 189 -42.79 -42.21 -32.49
N LYS A 190 -43.97 -41.65 -32.21
CA LYS A 190 -44.52 -41.68 -30.87
C LYS A 190 -45.90 -42.35 -30.87
N HIS A 191 -46.30 -42.89 -29.71
CA HIS A 191 -47.62 -43.51 -29.54
C HIS A 191 -48.25 -43.14 -28.21
N THR A 192 -49.52 -43.51 -28.03
CA THR A 192 -50.27 -43.11 -26.85
C THR A 192 -50.34 -44.21 -25.77
N GLU A 193 -49.78 -45.37 -26.08
CA GLU A 193 -49.79 -46.53 -25.18
C GLU A 193 -48.79 -46.41 -24.01
N PRO A 194 -49.01 -47.16 -22.91
CA PRO A 194 -48.05 -47.10 -21.81
C PRO A 194 -46.81 -47.99 -21.98
N VAL A 195 -45.63 -47.44 -21.72
CA VAL A 195 -44.38 -48.19 -21.72
C VAL A 195 -44.23 -48.93 -20.39
N PRO A 196 -43.96 -50.27 -20.43
CA PRO A 196 -43.93 -51.12 -19.24
C PRO A 196 -43.01 -50.62 -18.12
N ASP A 197 -41.74 -51.02 -18.18
CA ASP A 197 -40.74 -50.72 -17.15
C ASP A 197 -40.64 -49.23 -16.81
N PRO A 198 -40.97 -48.85 -15.56
CA PRO A 198 -40.79 -47.46 -15.14
C PRO A 198 -39.30 -47.10 -15.06
N ARG A 199 -38.45 -48.11 -14.91
CA ARG A 199 -37.01 -47.93 -14.82
C ARG A 199 -36.34 -47.82 -16.19
N ALA A 200 -37.14 -47.61 -17.24
CA ALA A 200 -36.65 -47.52 -18.62
C ALA A 200 -35.93 -46.19 -18.91
N VAL A 201 -35.41 -46.06 -20.14
CA VAL A 201 -34.66 -44.89 -20.58
C VAL A 201 -35.51 -43.94 -21.42
N ASN A 202 -34.99 -42.72 -21.63
CA ASN A 202 -35.62 -41.71 -22.49
C ASN A 202 -35.95 -42.25 -23.89
N GLN A 203 -34.93 -42.81 -24.55
CA GLN A 203 -35.06 -43.35 -25.90
C GLN A 203 -36.18 -44.37 -26.03
N ASP A 204 -36.58 -44.96 -24.90
CA ASP A 204 -37.62 -45.97 -24.88
C ASP A 204 -39.00 -45.40 -24.56
N LYS A 205 -39.03 -44.21 -23.97
CA LYS A 205 -40.28 -43.57 -23.58
C LYS A 205 -41.03 -42.99 -24.78
N LYS A 206 -41.49 -43.88 -25.66
CA LYS A 206 -42.13 -43.48 -26.92
C LYS A 206 -43.58 -43.02 -26.81
N ASN A 207 -43.97 -42.55 -25.63
CA ASN A 207 -45.30 -41.99 -25.42
C ASN A 207 -45.14 -40.65 -24.72
N MET A 208 -43.90 -40.20 -24.68
CA MET A 208 -43.50 -38.99 -23.99
C MET A 208 -42.94 -37.94 -24.95
N LEU A 209 -42.98 -36.67 -24.54
CA LEU A 209 -42.47 -35.57 -25.35
C LEU A 209 -41.60 -34.66 -24.49
N PHE A 210 -40.30 -34.63 -24.75
CA PHE A 210 -39.38 -33.92 -23.84
C PHE A 210 -39.21 -32.45 -24.14
N SER A 211 -39.54 -31.63 -23.15
CA SER A 211 -39.29 -30.21 -23.22
C SER A 211 -37.94 -29.97 -23.90
N GLY A 212 -37.95 -29.16 -24.96
CA GLY A 212 -36.73 -28.84 -25.70
C GLY A 212 -36.64 -29.58 -27.02
N THR A 213 -37.59 -30.48 -27.24
CA THR A 213 -37.64 -31.25 -28.47
C THR A 213 -38.61 -30.59 -29.47
N ASN A 214 -38.53 -31.01 -30.73
CA ASN A 214 -39.36 -30.43 -31.80
C ASN A 214 -40.30 -31.45 -32.39
N ILE A 215 -41.48 -30.99 -32.78
CA ILE A 215 -42.40 -31.83 -33.54
C ILE A 215 -41.96 -31.81 -35.00
N ALA A 216 -41.42 -32.94 -35.44
CA ALA A 216 -40.91 -33.11 -36.81
C ALA A 216 -42.05 -33.27 -37.83
N ALA A 217 -43.13 -33.93 -37.42
CA ALA A 217 -44.34 -34.02 -38.24
C ALA A 217 -45.51 -34.46 -37.40
N GLY A 218 -46.66 -33.85 -37.69
CA GLY A 218 -47.92 -34.26 -37.08
C GLY A 218 -48.56 -33.24 -36.17
N LYS A 219 -49.50 -33.74 -35.36
CA LYS A 219 -50.22 -32.97 -34.37
C LYS A 219 -50.64 -33.94 -33.27
N ALA A 220 -50.64 -33.47 -32.02
CA ALA A 220 -51.01 -34.30 -30.89
C ALA A 220 -51.50 -33.50 -29.69
N LEU A 221 -52.17 -34.22 -28.79
CA LEU A 221 -52.63 -33.67 -27.54
C LEU A 221 -51.99 -34.45 -26.41
N GLY A 222 -51.84 -33.77 -25.27
CA GLY A 222 -51.15 -34.37 -24.15
C GLY A 222 -51.39 -33.61 -22.86
N ILE A 223 -50.77 -34.11 -21.79
CA ILE A 223 -50.91 -33.55 -20.46
C ILE A 223 -49.50 -33.36 -19.91
N VAL A 224 -49.25 -32.24 -19.26
CA VAL A 224 -47.93 -31.97 -18.72
C VAL A 224 -47.69 -32.84 -17.50
N ALA A 225 -46.50 -33.46 -17.44
CA ALA A 225 -46.08 -34.25 -16.29
C ALA A 225 -45.16 -33.45 -15.37
N THR A 226 -43.95 -33.19 -15.84
CA THR A 226 -42.97 -32.41 -15.08
C THR A 226 -42.62 -31.10 -15.79
N THR A 227 -42.12 -30.13 -15.03
CA THR A 227 -41.69 -28.84 -15.57
C THR A 227 -40.38 -28.44 -14.91
N GLY A 228 -39.90 -27.23 -15.23
CA GLY A 228 -38.71 -26.66 -14.60
C GLY A 228 -37.50 -27.56 -14.54
N VAL A 229 -36.94 -27.72 -13.35
CA VAL A 229 -35.76 -28.58 -13.12
C VAL A 229 -36.10 -30.08 -12.98
N SER A 230 -37.40 -30.38 -12.93
CA SER A 230 -37.89 -31.76 -12.88
C SER A 230 -37.86 -32.41 -14.28
N THR A 231 -37.68 -31.56 -15.29
CA THR A 231 -37.67 -31.94 -16.71
C THR A 231 -36.46 -32.80 -17.06
N GLU A 232 -36.61 -33.62 -18.10
CA GLU A 232 -35.52 -34.46 -18.56
C GLU A 232 -34.41 -33.65 -19.23
N ILE A 233 -34.76 -32.50 -19.77
CA ILE A 233 -33.76 -31.53 -20.22
C ILE A 233 -33.25 -30.73 -19.02
N GLY A 234 -34.17 -30.38 -18.11
CA GLY A 234 -33.84 -29.59 -16.91
C GLY A 234 -32.75 -30.17 -16.04
N LYS A 235 -32.79 -31.50 -15.86
CA LYS A 235 -31.81 -32.24 -15.06
C LYS A 235 -30.44 -32.35 -15.74
N ILE A 236 -30.38 -31.99 -17.02
CA ILE A 236 -29.15 -31.99 -17.80
C ILE A 236 -28.54 -30.59 -17.83
N ARG A 237 -29.39 -29.57 -17.75
CA ARG A 237 -28.95 -28.17 -17.74
C ARG A 237 -28.30 -27.82 -16.40
N ASP A 238 -28.45 -28.72 -15.42
CA ASP A 238 -27.73 -28.64 -14.16
C ASP A 238 -26.40 -29.38 -14.26
N GLN A 239 -25.96 -29.64 -15.50
CA GLN A 239 -24.70 -30.34 -15.77
C GLN A 239 -23.58 -29.42 -16.27
N MET A 240 -23.72 -28.87 -17.48
CA MET A 240 -22.68 -28.04 -18.09
C MET A 240 -22.99 -26.54 -18.00
N ALA A 241 -22.05 -25.78 -17.44
CA ALA A 241 -22.15 -24.32 -17.30
C ALA A 241 -21.32 -23.58 -18.35
N ALA A 242 -20.15 -24.13 -18.67
CA ALA A 242 -19.26 -23.54 -19.67
C ALA A 242 -19.49 -24.17 -21.06
N THR A 243 -20.55 -23.72 -21.73
CA THR A 243 -20.88 -24.20 -23.09
C THR A 243 -20.56 -23.14 -24.15
N GLU A 244 -19.37 -22.54 -24.04
CA GLU A 244 -18.84 -21.62 -25.04
C GLU A 244 -17.48 -22.15 -25.52
N GLN A 245 -17.48 -23.44 -25.86
CA GLN A 245 -16.27 -24.18 -26.19
C GLN A 245 -15.82 -23.95 -27.65
N ASP A 246 -16.05 -22.73 -28.15
CA ASP A 246 -15.65 -22.34 -29.50
C ASP A 246 -15.28 -20.86 -29.60
N LYS A 247 -14.41 -20.55 -30.56
CA LYS A 247 -13.98 -19.18 -30.82
C LYS A 247 -13.87 -18.93 -32.32
N THR A 248 -14.48 -17.84 -32.78
CA THR A 248 -14.42 -17.43 -34.19
C THR A 248 -12.98 -17.32 -34.68
N PRO A 249 -12.73 -17.74 -35.94
CA PRO A 249 -11.39 -17.67 -36.55
C PRO A 249 -10.78 -16.25 -36.53
N LEU A 250 -11.63 -15.26 -36.26
CA LEU A 250 -11.22 -13.86 -36.12
C LEU A 250 -10.69 -13.53 -34.72
N GLN A 251 -11.37 -14.03 -33.69
CA GLN A 251 -10.89 -13.89 -32.31
C GLN A 251 -9.49 -14.44 -32.16
N GLN A 252 -9.28 -15.63 -32.73
CA GLN A 252 -7.98 -16.31 -32.67
C GLN A 252 -6.91 -15.50 -33.38
N LYS A 253 -7.23 -15.04 -34.58
CA LYS A 253 -6.35 -14.19 -35.37
C LYS A 253 -5.93 -12.94 -34.59
N LEU A 254 -6.76 -12.54 -33.63
CA LEU A 254 -6.47 -11.39 -32.79
C LEU A 254 -5.72 -11.74 -31.51
N ASP A 255 -6.14 -12.80 -30.81
CA ASP A 255 -5.41 -13.29 -29.64
C ASP A 255 -3.99 -13.66 -30.00
N GLU A 256 -3.81 -14.16 -31.22
CA GLU A 256 -2.51 -14.47 -31.80
C GLU A 256 -1.64 -13.22 -31.95
N PHE A 257 -2.26 -12.11 -32.37
CA PHE A 257 -1.54 -10.85 -32.55
C PHE A 257 -1.13 -10.22 -31.22
N GLY A 258 -2.07 -10.17 -30.27
CA GLY A 258 -1.81 -9.59 -28.95
C GLY A 258 -0.75 -10.39 -28.20
N GLU A 259 -0.76 -11.69 -28.41
CA GLU A 259 0.24 -12.61 -27.87
C GLU A 259 1.64 -12.29 -28.40
N GLN A 260 1.72 -11.95 -29.69
CA GLN A 260 2.98 -11.52 -30.29
C GLN A 260 3.47 -10.22 -29.64
N LEU A 261 2.57 -9.25 -29.52
CA LEU A 261 2.90 -7.98 -28.87
C LEU A 261 3.36 -8.19 -27.44
N SER A 262 2.57 -8.95 -26.69
CA SER A 262 2.91 -9.35 -25.34
C SER A 262 4.37 -9.81 -25.25
N LYS A 263 4.73 -10.77 -26.09
CA LYS A 263 6.08 -11.31 -26.14
C LYS A 263 7.15 -10.24 -26.40
N VAL A 264 6.89 -9.36 -27.36
CA VAL A 264 7.79 -8.26 -27.66
C VAL A 264 7.80 -7.21 -26.53
N ILE A 265 6.62 -6.87 -25.99
CA ILE A 265 6.47 -5.98 -24.81
C ILE A 265 7.19 -6.54 -23.56
N SER A 266 7.39 -7.86 -23.53
CA SER A 266 8.14 -8.51 -22.45
C SER A 266 9.63 -8.34 -22.65
N LEU A 267 10.10 -8.63 -23.86
CA LEU A 267 11.52 -8.49 -24.20
C LEU A 267 11.99 -7.06 -23.98
N ILE A 268 11.44 -6.12 -24.75
CA ILE A 268 11.84 -4.73 -24.60
C ILE A 268 11.27 -4.11 -23.31
N CYS A 269 11.11 -4.94 -22.29
CA CYS A 269 10.67 -4.50 -20.96
C CYS A 269 11.70 -4.90 -19.91
N VAL A 270 12.15 -6.15 -19.99
CA VAL A 270 13.23 -6.63 -19.13
C VAL A 270 14.57 -6.31 -19.81
N ALA A 271 14.50 -5.71 -21.00
CA ALA A 271 15.67 -5.10 -21.62
C ALA A 271 15.87 -3.68 -21.07
N VAL A 272 14.76 -3.02 -20.74
CA VAL A 272 14.78 -1.69 -20.09
C VAL A 272 15.50 -1.79 -18.75
N TRP A 273 15.04 -2.69 -17.90
CA TRP A 273 15.66 -2.89 -16.60
C TRP A 273 17.07 -3.42 -16.75
N LEU A 274 17.23 -4.40 -17.65
CA LEU A 274 18.51 -5.08 -17.86
C LEU A 274 19.64 -4.14 -18.26
N ILE A 275 19.41 -3.28 -19.24
CA ILE A 275 20.45 -2.33 -19.69
C ILE A 275 20.78 -1.29 -18.60
N ASN A 276 19.93 -1.19 -17.59
CA ASN A 276 20.14 -0.30 -16.45
C ASN A 276 20.73 -0.99 -15.21
N ILE A 277 21.96 -1.49 -15.34
CA ILE A 277 22.72 -2.03 -14.20
C ILE A 277 23.82 -1.08 -13.70
N GLY A 278 24.50 -0.41 -14.64
CA GLY A 278 25.55 0.55 -14.31
C GLY A 278 25.00 1.83 -13.71
N HIS A 279 23.79 1.74 -13.16
CA HIS A 279 23.12 2.86 -12.51
C HIS A 279 22.40 2.35 -11.29
N PHE A 280 22.77 1.14 -10.85
CA PHE A 280 22.23 0.55 -9.63
C PHE A 280 22.81 1.20 -8.37
N ASN A 281 24.04 1.72 -8.47
CA ASN A 281 24.77 2.26 -7.32
C ASN A 281 24.77 3.77 -7.13
N ASP A 282 23.86 4.46 -7.79
CA ASP A 282 23.76 5.91 -7.66
C ASP A 282 23.45 6.33 -6.22
N PRO A 283 24.01 7.47 -5.78
CA PRO A 283 23.79 8.04 -4.44
C PRO A 283 22.32 8.31 -4.08
N VAL A 284 21.50 8.64 -5.08
CA VAL A 284 20.08 8.87 -4.84
C VAL A 284 19.37 7.52 -4.56
N HIS A 285 20.06 6.41 -4.85
CA HIS A 285 19.58 5.06 -4.52
C HIS A 285 20.17 4.55 -3.23
N GLY A 286 20.73 5.46 -2.44
CA GLY A 286 21.45 5.09 -1.21
C GLY A 286 22.64 4.19 -1.52
N GLY A 287 23.06 4.19 -2.79
CA GLY A 287 24.15 3.37 -3.27
C GLY A 287 23.94 1.90 -2.99
N SER A 288 22.88 1.33 -3.56
CA SER A 288 22.51 -0.06 -3.29
C SER A 288 22.15 -0.83 -4.57
N TRP A 289 22.96 -1.84 -4.89
CA TRP A 289 22.68 -2.80 -5.96
C TRP A 289 21.25 -3.27 -5.85
N ILE A 290 20.85 -3.50 -4.60
CA ILE A 290 19.52 -4.00 -4.26
C ILE A 290 18.45 -2.91 -4.38
N ARG A 291 18.72 -1.71 -3.87
CA ARG A 291 17.76 -0.61 -3.99
C ARG A 291 17.58 -0.17 -5.44
N GLY A 292 18.67 -0.12 -6.20
CA GLY A 292 18.63 0.19 -7.63
C GLY A 292 17.86 -0.81 -8.46
N ALA A 293 18.11 -2.09 -8.23
CA ALA A 293 17.40 -3.18 -8.89
C ALA A 293 15.89 -3.03 -8.70
N ILE A 294 15.46 -2.88 -7.44
CA ILE A 294 14.06 -2.66 -7.09
C ILE A 294 13.44 -1.52 -7.88
N TYR A 295 14.09 -0.36 -7.84
CA TYR A 295 13.53 0.85 -8.45
C TYR A 295 13.29 0.70 -9.95
N TYR A 296 14.31 0.23 -10.68
CA TYR A 296 14.17 0.02 -12.12
C TYR A 296 13.27 -1.17 -12.39
N PHE A 297 13.30 -2.15 -11.50
CA PHE A 297 12.45 -3.33 -11.57
C PHE A 297 10.98 -2.93 -11.47
N LYS A 298 10.71 -1.91 -10.65
CA LYS A 298 9.38 -1.34 -10.56
C LYS A 298 8.93 -0.71 -11.88
N ILE A 299 9.84 -0.03 -12.57
CA ILE A 299 9.50 0.58 -13.85
C ILE A 299 9.16 -0.50 -14.88
N ALA A 300 10.01 -1.52 -14.99
CA ALA A 300 9.78 -2.65 -15.90
C ALA A 300 8.35 -3.22 -15.78
N VAL A 301 8.04 -3.76 -14.61
CA VAL A 301 6.71 -4.33 -14.34
C VAL A 301 5.59 -3.30 -14.49
N ALA A 302 5.84 -2.04 -14.09
CA ALA A 302 4.86 -0.95 -14.25
C ALA A 302 4.59 -0.64 -15.72
N LEU A 303 5.52 -1.01 -16.58
CA LEU A 303 5.29 -1.00 -18.01
C LEU A 303 4.30 -2.11 -18.33
N ALA A 304 4.78 -3.35 -18.30
CA ALA A 304 3.95 -4.54 -18.55
C ALA A 304 2.49 -4.35 -18.20
N VAL A 305 2.21 -4.04 -16.93
CA VAL A 305 0.85 -3.88 -16.41
C VAL A 305 -0.05 -2.91 -17.19
N ALA A 306 0.56 -1.93 -17.86
CA ALA A 306 -0.19 -0.97 -18.65
C ALA A 306 0.07 -1.13 -20.15
N ALA A 307 1.15 -1.83 -20.48
CA ALA A 307 1.62 -1.89 -21.86
C ALA A 307 1.08 -3.10 -22.59
N ILE A 308 1.16 -4.27 -21.94
CA ILE A 308 0.61 -5.51 -22.49
C ILE A 308 -0.91 -5.42 -22.62
N PRO A 309 -1.44 -5.58 -23.86
CA PRO A 309 -2.88 -5.51 -24.13
C PRO A 309 -3.63 -6.72 -23.57
N GLU A 310 -4.34 -6.50 -22.46
CA GLU A 310 -4.97 -7.59 -21.71
C GLU A 310 -6.30 -8.03 -22.32
N GLY A 311 -7.25 -7.10 -22.36
CA GLY A 311 -8.63 -7.42 -22.75
C GLY A 311 -8.95 -7.21 -24.21
N LEU A 312 -8.04 -7.63 -25.09
CA LEU A 312 -8.33 -7.68 -26.52
C LEU A 312 -9.44 -8.69 -26.86
N PRO A 313 -9.30 -9.96 -26.41
CA PRO A 313 -10.38 -10.90 -26.70
C PRO A 313 -11.72 -10.40 -26.17
N ALA A 314 -11.67 -9.55 -25.16
CA ALA A 314 -12.86 -8.94 -24.58
C ALA A 314 -13.43 -7.80 -25.42
N VAL A 315 -12.56 -7.06 -26.14
CA VAL A 315 -13.01 -5.96 -27.00
C VAL A 315 -13.93 -6.47 -28.11
N ILE A 316 -13.59 -7.65 -28.65
CA ILE A 316 -14.41 -8.26 -29.67
C ILE A 316 -15.82 -8.44 -29.11
N THR A 317 -15.89 -9.03 -27.92
CA THR A 317 -17.17 -9.27 -27.25
C THR A 317 -17.95 -7.98 -26.98
N THR A 318 -17.27 -6.93 -26.51
CA THR A 318 -17.89 -5.62 -26.34
C THR A 318 -18.65 -5.25 -27.60
N CYS A 319 -17.97 -5.36 -28.73
CA CYS A 319 -18.51 -4.98 -30.04
C CYS A 319 -19.76 -5.78 -30.39
N LEU A 320 -19.62 -7.09 -30.45
CA LEU A 320 -20.74 -7.98 -30.71
C LEU A 320 -21.93 -7.63 -29.82
N ALA A 321 -21.69 -7.47 -28.53
CA ALA A 321 -22.74 -7.06 -27.61
C ALA A 321 -23.55 -5.88 -28.14
N LEU A 322 -22.89 -4.76 -28.40
CA LEU A 322 -23.57 -3.53 -28.81
C LEU A 322 -24.06 -3.58 -30.24
N GLY A 323 -23.44 -4.43 -31.05
CA GLY A 323 -23.88 -4.69 -32.40
C GLY A 323 -25.20 -5.43 -32.40
N THR A 324 -25.18 -6.64 -31.84
CA THR A 324 -26.38 -7.48 -31.65
C THR A 324 -27.60 -6.68 -31.20
N ARG A 325 -27.41 -5.91 -30.14
CA ARG A 325 -28.42 -5.05 -29.55
C ARG A 325 -29.07 -4.13 -30.59
N ARG A 326 -28.25 -3.44 -31.38
CA ARG A 326 -28.75 -2.55 -32.43
C ARG A 326 -29.52 -3.33 -33.47
N MET A 327 -28.96 -4.48 -33.83
CA MET A 327 -29.54 -5.36 -34.85
C MET A 327 -30.94 -5.75 -34.44
N ALA A 328 -31.06 -6.20 -33.20
CA ALA A 328 -32.34 -6.58 -32.61
C ALA A 328 -33.31 -5.40 -32.58
N LYS A 329 -32.79 -4.19 -32.39
CA LYS A 329 -33.61 -2.99 -32.40
C LYS A 329 -34.13 -2.71 -33.82
N LYS A 330 -33.46 -3.27 -34.81
CA LYS A 330 -33.85 -3.11 -36.21
C LYS A 330 -34.59 -4.34 -36.75
N ASN A 331 -34.98 -5.22 -35.83
CA ASN A 331 -35.79 -6.41 -36.12
C ASN A 331 -35.01 -7.59 -36.69
N ALA A 332 -33.73 -7.65 -36.35
CA ALA A 332 -32.91 -8.79 -36.72
C ALA A 332 -32.31 -9.41 -35.47
N ILE A 333 -32.96 -10.46 -34.98
CA ILE A 333 -32.51 -11.12 -33.76
C ILE A 333 -31.43 -12.11 -34.08
N VAL A 334 -30.26 -11.82 -33.54
CA VAL A 334 -29.10 -12.64 -33.77
C VAL A 334 -29.11 -13.81 -32.81
N ARG A 335 -29.48 -14.97 -33.35
CA ARG A 335 -29.43 -16.19 -32.57
C ARG A 335 -27.97 -16.59 -32.27
N SER A 336 -27.13 -16.59 -33.30
CA SER A 336 -25.74 -17.03 -33.12
C SER A 336 -24.73 -15.88 -33.17
N LEU A 337 -23.99 -15.71 -32.07
CA LEU A 337 -23.02 -14.63 -31.91
C LEU A 337 -21.86 -14.60 -32.90
N PRO A 338 -21.26 -15.78 -33.21
CA PRO A 338 -20.20 -15.76 -34.21
C PRO A 338 -20.74 -15.23 -35.53
N SER A 339 -21.95 -15.66 -35.89
CA SER A 339 -22.64 -15.27 -37.11
C SER A 339 -22.52 -13.81 -37.51
N VAL A 340 -22.49 -12.91 -36.53
CA VAL A 340 -22.40 -11.49 -36.84
C VAL A 340 -21.12 -11.16 -37.62
N GLU A 341 -20.01 -11.76 -37.22
CA GLU A 341 -18.73 -11.58 -37.89
C GLU A 341 -18.86 -12.02 -39.35
N THR A 342 -19.47 -13.18 -39.56
CA THR A 342 -19.79 -13.65 -40.90
C THR A 342 -20.69 -12.64 -41.60
N LEU A 343 -21.78 -12.26 -40.95
CA LEU A 343 -22.78 -11.38 -41.54
C LEU A 343 -22.18 -10.26 -42.41
N GLY A 344 -21.01 -9.75 -42.02
CA GLY A 344 -20.33 -8.74 -42.81
C GLY A 344 -19.93 -9.24 -44.19
N CYS A 345 -19.30 -10.41 -44.21
CA CYS A 345 -18.81 -11.05 -45.43
C CYS A 345 -19.91 -11.60 -46.36
N THR A 346 -21.17 -11.43 -45.97
CA THR A 346 -22.29 -11.95 -46.77
C THR A 346 -22.12 -11.50 -48.19
N SER A 347 -22.08 -12.48 -49.10
CA SER A 347 -21.92 -12.19 -50.53
C SER A 347 -23.18 -12.48 -51.34
N VAL A 348 -24.03 -13.37 -50.80
CA VAL A 348 -25.28 -13.80 -51.47
C VAL A 348 -26.44 -13.98 -50.49
N ILE A 349 -27.64 -13.54 -50.89
CA ILE A 349 -28.86 -13.75 -50.13
C ILE A 349 -29.90 -14.46 -50.99
N CYS A 350 -30.27 -15.69 -50.60
CA CYS A 350 -31.41 -16.39 -51.21
C CYS A 350 -32.64 -16.17 -50.40
N SER A 351 -33.51 -15.31 -50.90
CA SER A 351 -34.74 -14.99 -50.24
C SER A 351 -35.93 -15.58 -50.96
N ASP A 352 -36.91 -16.05 -50.18
CA ASP A 352 -38.20 -16.45 -50.71
C ASP A 352 -38.99 -15.21 -51.06
N LYS A 353 -39.92 -15.34 -52.00
CA LYS A 353 -40.58 -14.15 -52.51
C LYS A 353 -41.74 -13.75 -51.62
N THR A 354 -42.75 -14.60 -51.64
CA THR A 354 -44.00 -14.40 -50.90
C THR A 354 -43.75 -14.14 -49.42
N GLY A 355 -44.27 -13.01 -48.94
CA GLY A 355 -44.18 -12.67 -47.52
C GLY A 355 -42.91 -11.97 -47.10
N THR A 356 -41.82 -12.22 -47.81
CA THR A 356 -40.54 -11.63 -47.48
C THR A 356 -40.22 -10.51 -48.44
N LEU A 357 -40.32 -10.79 -49.73
CA LEU A 357 -40.21 -9.73 -50.73
C LEU A 357 -41.55 -9.02 -50.88
N THR A 358 -42.64 -9.76 -50.69
CA THR A 358 -43.98 -9.21 -50.79
C THR A 358 -44.63 -9.17 -49.41
N THR A 359 -45.76 -8.48 -49.32
CA THR A 359 -46.46 -8.34 -48.06
C THR A 359 -47.24 -9.59 -47.69
N ASN A 360 -47.62 -10.35 -48.71
CA ASN A 360 -48.55 -11.45 -48.53
C ASN A 360 -49.92 -10.90 -48.07
N GLN A 361 -50.29 -9.76 -48.66
CA GLN A 361 -51.59 -9.15 -48.46
C GLN A 361 -52.49 -9.53 -49.63
N MET A 362 -52.85 -10.81 -49.67
CA MET A 362 -53.53 -11.39 -50.82
C MET A 362 -54.94 -10.81 -51.10
N SER A 363 -55.21 -10.54 -52.38
CA SER A 363 -56.52 -10.06 -52.86
C SER A 363 -56.68 -10.24 -54.37
N VAL A 364 -57.91 -10.57 -54.82
CA VAL A 364 -58.20 -10.75 -56.25
C VAL A 364 -58.52 -9.43 -56.97
N CYS A 365 -57.63 -8.97 -57.85
CA CYS A 365 -57.84 -7.74 -58.62
C CYS A 365 -58.78 -7.92 -59.78
N LYS A 366 -58.61 -9.02 -60.49
CA LYS A 366 -59.30 -9.18 -61.74
C LYS A 366 -59.73 -10.62 -61.89
N MET A 367 -60.65 -10.84 -62.82
CA MET A 367 -61.21 -12.14 -63.10
C MET A 367 -61.96 -12.06 -64.42
N PHE A 368 -61.92 -13.14 -65.19
CA PHE A 368 -62.74 -13.21 -66.37
C PHE A 368 -63.51 -14.52 -66.46
N ILE A 369 -64.51 -14.50 -67.35
CA ILE A 369 -65.34 -15.65 -67.70
C ILE A 369 -65.59 -15.55 -69.19
N ILE A 370 -66.05 -16.63 -69.80
CA ILE A 370 -66.33 -16.59 -71.23
C ILE A 370 -67.62 -15.82 -71.53
N ASP A 371 -67.48 -14.84 -72.42
CA ASP A 371 -68.60 -14.02 -72.88
C ASP A 371 -69.33 -14.70 -74.03
N LYS A 372 -68.64 -14.87 -75.15
CA LYS A 372 -69.20 -15.59 -76.28
C LYS A 372 -68.14 -16.34 -77.06
N VAL A 373 -68.55 -17.51 -77.55
CA VAL A 373 -67.71 -18.32 -78.40
C VAL A 373 -68.50 -18.70 -79.65
N ASP A 374 -67.91 -18.41 -80.79
CA ASP A 374 -68.47 -18.79 -82.08
C ASP A 374 -67.31 -19.27 -82.95
N GLY A 375 -66.95 -20.56 -82.81
CA GLY A 375 -65.89 -21.18 -83.63
C GLY A 375 -64.50 -20.57 -83.49
N ASP A 376 -64.28 -19.42 -84.16
CA ASP A 376 -63.02 -18.66 -84.11
C ASP A 376 -63.16 -17.31 -83.39
N PHE A 377 -64.39 -16.95 -83.04
CA PHE A 377 -64.64 -15.75 -82.26
C PHE A 377 -64.64 -16.16 -80.79
N CYS A 378 -63.93 -15.40 -79.96
CA CYS A 378 -63.88 -15.69 -78.54
C CYS A 378 -63.79 -14.38 -77.77
N SER A 379 -64.85 -14.06 -77.05
CA SER A 379 -64.89 -12.87 -76.22
C SER A 379 -64.83 -13.24 -74.74
N LEU A 380 -64.10 -12.45 -73.97
CA LEU A 380 -64.03 -12.64 -72.54
C LEU A 380 -64.78 -11.55 -71.79
N ASN A 381 -65.28 -11.90 -70.61
CA ASN A 381 -65.85 -10.92 -69.70
C ASN A 381 -64.87 -10.60 -68.57
N GLU A 382 -64.10 -9.53 -68.74
CA GLU A 382 -63.07 -9.16 -67.77
C GLU A 382 -63.63 -8.19 -66.75
N PHE A 383 -63.27 -8.42 -65.50
CA PHE A 383 -63.75 -7.63 -64.40
C PHE A 383 -62.59 -7.22 -63.50
N SER A 384 -62.75 -6.11 -62.81
CA SER A 384 -61.81 -5.70 -61.80
C SER A 384 -62.58 -5.59 -60.51
N ILE A 385 -61.90 -5.88 -59.41
CA ILE A 385 -62.49 -5.76 -58.08
C ILE A 385 -61.70 -4.70 -57.32
N THR A 386 -62.38 -3.92 -56.48
CA THR A 386 -61.71 -2.86 -55.70
C THR A 386 -61.53 -3.22 -54.21
N GLY A 387 -60.41 -2.78 -53.64
CA GLY A 387 -60.11 -3.01 -52.22
C GLY A 387 -59.15 -4.16 -52.05
N SER A 388 -57.96 -3.88 -51.55
CA SER A 388 -56.90 -4.88 -51.51
C SER A 388 -56.87 -5.57 -50.16
N THR A 389 -57.57 -5.00 -49.20
CA THR A 389 -57.65 -5.57 -47.87
C THR A 389 -58.53 -6.82 -47.90
N TYR A 390 -58.39 -7.68 -46.88
CA TYR A 390 -59.23 -8.90 -46.75
C TYR A 390 -60.67 -8.57 -46.39
N ALA A 391 -60.93 -7.29 -46.11
CA ALA A 391 -62.27 -6.73 -45.86
C ALA A 391 -63.25 -6.93 -47.01
N PRO A 392 -64.45 -7.43 -46.71
CA PRO A 392 -65.45 -7.65 -47.74
C PRO A 392 -66.10 -6.34 -48.10
N GLU A 393 -65.29 -5.33 -48.39
CA GLU A 393 -65.83 -4.05 -48.78
C GLU A 393 -65.15 -3.59 -50.07
N GLY A 394 -65.86 -3.65 -51.18
CA GLY A 394 -65.33 -3.22 -52.47
C GLY A 394 -66.35 -3.39 -53.55
N GLU A 395 -65.96 -3.15 -54.79
CA GLU A 395 -66.91 -3.22 -55.90
C GLU A 395 -66.35 -3.84 -57.18
N VAL A 396 -67.21 -4.55 -57.91
CA VAL A 396 -66.84 -5.23 -59.15
C VAL A 396 -67.20 -4.36 -60.35
N LEU A 397 -66.19 -3.93 -61.08
CA LEU A 397 -66.40 -3.08 -62.23
C LEU A 397 -66.27 -3.86 -63.52
N LYS A 398 -66.96 -3.41 -64.54
CA LYS A 398 -66.66 -3.85 -65.89
C LYS A 398 -66.40 -2.60 -66.71
N ASN A 399 -65.27 -2.56 -67.42
CA ASN A 399 -64.88 -1.38 -68.17
C ASN A 399 -64.99 -0.09 -67.34
N ASP A 400 -64.50 -0.14 -66.10
CA ASP A 400 -64.47 1.03 -65.22
C ASP A 400 -65.88 1.46 -64.72
N LYS A 401 -66.86 0.59 -64.93
CA LYS A 401 -68.22 0.84 -64.49
C LYS A 401 -68.68 -0.28 -63.58
N PRO A 402 -69.07 0.04 -62.33
CA PRO A 402 -69.52 -0.99 -61.38
C PRO A 402 -70.74 -1.74 -61.90
N ILE A 403 -70.82 -3.03 -61.63
CA ILE A 403 -71.94 -3.83 -62.10
C ILE A 403 -72.41 -4.78 -60.99
N ARG A 404 -73.53 -5.44 -61.24
CA ARG A 404 -74.05 -6.44 -60.31
C ARG A 404 -73.66 -7.83 -60.77
N SER A 405 -72.59 -8.34 -60.20
CA SER A 405 -72.04 -9.65 -60.57
C SER A 405 -73.04 -10.81 -60.67
N GLY A 406 -74.09 -10.82 -59.83
CA GLY A 406 -75.14 -11.85 -59.88
C GLY A 406 -75.85 -11.96 -61.24
N GLN A 407 -75.78 -10.88 -62.03
CA GLN A 407 -76.37 -10.83 -63.37
C GLN A 407 -75.55 -11.53 -64.45
N PHE A 408 -74.41 -12.12 -64.07
CA PHE A 408 -73.57 -12.83 -65.00
C PHE A 408 -73.46 -14.24 -64.48
N ASP A 409 -73.97 -15.19 -65.26
CA ASP A 409 -74.06 -16.58 -64.86
C ASP A 409 -72.68 -17.16 -64.62
N GLY A 410 -71.76 -16.88 -65.53
CA GLY A 410 -70.38 -17.32 -65.41
C GLY A 410 -69.83 -16.99 -64.03
N LEU A 411 -69.93 -15.70 -63.66
CA LEU A 411 -69.54 -15.22 -62.34
C LEU A 411 -70.23 -15.97 -61.18
N VAL A 412 -71.48 -16.37 -61.37
CA VAL A 412 -72.18 -17.13 -60.33
C VAL A 412 -71.44 -18.41 -60.02
N GLU A 413 -71.26 -19.25 -61.05
CA GLU A 413 -70.46 -20.46 -60.95
C GLU A 413 -69.04 -20.16 -60.45
N LEU A 414 -68.44 -19.09 -60.97
CA LEU A 414 -67.08 -18.67 -60.58
C LEU A 414 -66.98 -18.52 -59.07
N ALA A 415 -67.94 -17.80 -58.51
CA ALA A 415 -67.99 -17.55 -57.07
C ALA A 415 -68.30 -18.84 -56.31
N THR A 416 -69.15 -19.68 -56.88
CA THR A 416 -69.48 -20.96 -56.28
C THR A 416 -68.23 -21.80 -56.09
N ILE A 417 -67.47 -21.99 -57.18
CA ILE A 417 -66.18 -22.67 -57.14
C ILE A 417 -65.23 -22.07 -56.10
N CYS A 418 -65.19 -20.74 -56.02
CA CYS A 418 -64.31 -20.10 -55.06
C CYS A 418 -64.68 -20.34 -53.62
N ALA A 419 -65.98 -20.35 -53.34
CA ALA A 419 -66.49 -20.54 -51.99
C ALA A 419 -66.40 -21.99 -51.53
N LEU A 420 -66.47 -22.92 -52.49
CA LEU A 420 -66.50 -24.34 -52.19
C LEU A 420 -65.14 -25.05 -52.32
N CYS A 421 -64.25 -24.47 -53.12
CA CYS A 421 -62.86 -24.95 -53.22
C CYS A 421 -62.01 -24.30 -52.16
N ASN A 422 -62.65 -23.90 -51.07
CA ASN A 422 -62.00 -23.09 -50.05
C ASN A 422 -62.02 -23.77 -48.67
N ASP A 423 -60.91 -23.65 -47.96
CA ASP A 423 -60.81 -24.21 -46.61
C ASP A 423 -60.61 -23.11 -45.59
N SER A 424 -60.26 -21.91 -46.06
CA SER A 424 -60.09 -20.75 -45.19
C SER A 424 -61.41 -20.01 -45.01
N SER A 425 -61.38 -18.92 -44.23
CA SER A 425 -62.56 -18.07 -44.03
C SER A 425 -62.16 -16.70 -43.47
N LEU A 426 -63.15 -15.86 -43.22
CA LEU A 426 -62.90 -14.54 -42.67
C LEU A 426 -63.30 -14.39 -41.22
N ASP A 427 -62.70 -13.42 -40.56
CA ASP A 427 -63.05 -13.09 -39.20
C ASP A 427 -62.88 -11.62 -38.91
N PHE A 428 -63.93 -11.04 -38.35
CA PHE A 428 -63.91 -9.64 -37.95
C PHE A 428 -63.44 -9.51 -36.51
N ASN A 429 -62.32 -8.85 -36.34
CA ASN A 429 -61.78 -8.60 -35.02
C ASN A 429 -62.40 -7.33 -34.47
N GLU A 430 -62.91 -7.37 -33.24
CA GLU A 430 -63.50 -6.17 -32.64
C GLU A 430 -62.45 -5.21 -32.07
N THR A 431 -61.52 -5.75 -31.30
CA THR A 431 -60.42 -4.96 -30.73
C THR A 431 -59.82 -4.06 -31.79
N LYS A 432 -59.28 -4.70 -32.82
CA LYS A 432 -58.63 -4.02 -33.92
C LYS A 432 -59.68 -3.35 -34.82
N GLY A 433 -60.87 -3.94 -34.90
CA GLY A 433 -61.96 -3.40 -35.72
C GLY A 433 -61.73 -3.59 -37.21
N VAL A 434 -60.89 -4.58 -37.55
CA VAL A 434 -60.53 -4.91 -38.92
C VAL A 434 -60.79 -6.40 -39.19
N TYR A 435 -61.13 -6.72 -40.45
CA TYR A 435 -61.30 -8.11 -40.85
C TYR A 435 -59.93 -8.76 -41.00
N GLU A 436 -59.85 -10.03 -40.64
CA GLU A 436 -58.59 -10.75 -40.79
C GLU A 436 -58.78 -12.22 -41.15
N LYS A 437 -57.80 -12.75 -41.86
CA LYS A 437 -57.85 -14.10 -42.44
C LYS A 437 -57.95 -15.22 -41.40
N VAL A 438 -58.53 -16.33 -41.80
CA VAL A 438 -58.60 -17.52 -40.95
C VAL A 438 -58.20 -18.72 -41.80
N GLY A 439 -56.89 -18.86 -42.03
CA GLY A 439 -56.36 -19.89 -42.92
C GLY A 439 -55.30 -19.30 -43.83
N GLU A 440 -55.19 -19.82 -45.05
CA GLU A 440 -54.18 -19.35 -45.99
C GLU A 440 -54.65 -18.13 -46.74
N ALA A 441 -53.74 -17.17 -46.90
CA ALA A 441 -54.04 -15.89 -47.55
C ALA A 441 -54.69 -16.08 -48.92
N THR A 442 -54.09 -16.92 -49.77
CA THR A 442 -54.66 -17.22 -51.07
C THR A 442 -56.14 -17.50 -50.97
N GLU A 443 -56.50 -18.46 -50.12
CA GLU A 443 -57.88 -18.89 -50.00
C GLU A 443 -58.78 -17.83 -49.38
N THR A 444 -58.30 -17.15 -48.36
CA THR A 444 -59.10 -16.10 -47.74
C THR A 444 -59.42 -15.00 -48.74
N ALA A 445 -58.43 -14.60 -49.53
CA ALA A 445 -58.63 -13.58 -50.59
C ALA A 445 -59.75 -14.02 -51.49
N LEU A 446 -59.95 -15.33 -51.55
CA LEU A 446 -60.97 -15.92 -52.36
C LEU A 446 -62.32 -15.71 -51.68
N THR A 447 -62.35 -15.93 -50.37
CA THR A 447 -63.56 -15.73 -49.53
C THR A 447 -64.06 -14.30 -49.61
N THR A 448 -63.09 -13.38 -49.51
CA THR A 448 -63.32 -11.95 -49.73
C THR A 448 -63.94 -11.65 -51.09
N LEU A 449 -63.50 -12.37 -52.13
CA LEU A 449 -64.03 -12.12 -53.46
C LEU A 449 -65.53 -12.45 -53.54
N VAL A 450 -65.88 -13.61 -53.02
CA VAL A 450 -67.26 -14.06 -52.98
C VAL A 450 -68.14 -13.10 -52.19
N GLU A 451 -67.59 -12.61 -51.07
CA GLU A 451 -68.27 -11.63 -50.24
C GLU A 451 -68.49 -10.29 -50.94
N LYS A 452 -67.56 -9.93 -51.82
CA LYS A 452 -67.71 -8.71 -52.58
C LYS A 452 -68.65 -8.89 -53.76
N MET A 453 -68.71 -10.09 -54.32
CA MET A 453 -69.53 -10.36 -55.48
C MET A 453 -70.99 -10.48 -55.11
N ASN A 454 -71.29 -11.37 -54.17
CA ASN A 454 -72.66 -11.65 -53.75
C ASN A 454 -73.54 -11.99 -54.92
N VAL A 455 -73.32 -13.18 -55.46
CA VAL A 455 -73.93 -13.57 -56.71
C VAL A 455 -75.43 -13.83 -56.56
N PHE A 456 -75.91 -13.74 -55.32
CA PHE A 456 -77.30 -14.06 -55.00
C PHE A 456 -78.11 -12.87 -54.46
N ASN A 457 -77.48 -11.70 -54.41
CA ASN A 457 -78.14 -10.49 -53.95
C ASN A 457 -78.78 -10.70 -52.58
N THR A 458 -78.01 -11.34 -51.69
CA THR A 458 -78.40 -11.54 -50.29
C THR A 458 -78.17 -10.24 -49.52
N GLU A 459 -78.80 -10.10 -48.36
CA GLU A 459 -78.66 -8.89 -47.55
C GLU A 459 -77.30 -8.74 -46.87
N VAL A 460 -76.88 -7.50 -46.64
CA VAL A 460 -75.52 -7.22 -46.16
C VAL A 460 -75.40 -6.11 -45.10
N ARG A 461 -76.08 -5.00 -45.37
CA ARG A 461 -76.02 -3.77 -44.56
C ARG A 461 -76.75 -3.91 -43.21
N ASN A 462 -77.85 -4.65 -43.21
CA ASN A 462 -78.62 -4.89 -42.00
C ASN A 462 -78.05 -6.03 -41.15
N LEU A 463 -76.80 -6.41 -41.45
CA LEU A 463 -76.08 -7.43 -40.70
C LEU A 463 -74.93 -6.79 -39.96
N SER A 464 -74.65 -7.28 -38.76
CA SER A 464 -73.52 -6.80 -37.96
C SER A 464 -72.21 -7.00 -38.73
N LYS A 465 -71.20 -6.23 -38.34
CA LYS A 465 -69.88 -6.33 -38.97
C LYS A 465 -69.28 -7.74 -38.85
N VAL A 466 -69.88 -8.60 -38.03
CA VAL A 466 -69.40 -9.97 -37.84
C VAL A 466 -70.10 -10.97 -38.77
N GLU A 467 -71.41 -10.79 -38.95
CA GLU A 467 -72.20 -11.69 -39.77
C GLU A 467 -71.89 -11.47 -41.24
N ARG A 468 -71.58 -10.22 -41.58
CA ARG A 468 -71.16 -9.82 -42.92
C ARG A 468 -69.99 -10.68 -43.38
N ALA A 469 -69.04 -10.91 -42.46
CA ALA A 469 -67.80 -11.65 -42.72
C ALA A 469 -67.93 -12.86 -43.63
N ASN A 470 -68.93 -13.70 -43.39
CA ASN A 470 -69.06 -14.94 -44.16
C ASN A 470 -70.44 -15.15 -44.79
N ALA A 471 -71.19 -14.05 -44.92
CA ALA A 471 -72.58 -14.08 -45.38
C ALA A 471 -72.80 -14.90 -46.64
N CYS A 472 -72.33 -14.35 -47.77
CA CYS A 472 -72.54 -14.92 -49.10
C CYS A 472 -71.89 -16.27 -49.23
N ASN A 473 -70.79 -16.45 -48.50
CA ASN A 473 -70.08 -17.70 -48.47
C ASN A 473 -70.93 -18.79 -47.88
N SER A 474 -71.58 -18.47 -46.76
CA SER A 474 -72.55 -19.37 -46.15
C SER A 474 -73.64 -19.73 -47.16
N VAL A 475 -74.23 -18.71 -47.77
CA VAL A 475 -75.26 -18.92 -48.78
C VAL A 475 -74.86 -19.96 -49.81
N ILE A 476 -73.68 -19.80 -50.42
CA ILE A 476 -73.22 -20.73 -51.46
C ILE A 476 -73.11 -22.14 -50.91
N ARG A 477 -72.66 -22.27 -49.66
CA ARG A 477 -72.59 -23.58 -49.02
C ARG A 477 -73.97 -24.17 -48.72
N GLN A 478 -74.99 -23.31 -48.57
CA GLN A 478 -76.37 -23.77 -48.36
C GLN A 478 -76.89 -24.57 -49.55
N LEU A 479 -76.30 -24.35 -50.72
CA LEU A 479 -76.76 -24.94 -51.97
C LEU A 479 -76.13 -26.30 -52.26
N MET A 480 -74.82 -26.40 -52.01
CA MET A 480 -74.06 -27.64 -52.27
C MET A 480 -73.55 -28.26 -50.97
N LYS A 481 -73.36 -29.57 -50.98
CA LYS A 481 -72.83 -30.25 -49.82
C LYS A 481 -71.46 -30.82 -50.16
N LYS A 482 -70.41 -30.18 -49.67
CA LYS A 482 -69.06 -30.64 -49.93
C LYS A 482 -68.85 -31.97 -49.23
N GLU A 483 -68.87 -33.03 -50.03
CA GLU A 483 -68.69 -34.37 -49.50
C GLU A 483 -67.23 -34.55 -49.02
N PHE A 484 -66.29 -34.35 -49.94
CA PHE A 484 -64.86 -34.52 -49.67
C PHE A 484 -64.04 -33.68 -50.65
N THR A 485 -62.77 -33.49 -50.33
CA THR A 485 -61.88 -32.71 -51.19
C THR A 485 -60.68 -33.56 -51.62
N LEU A 486 -60.32 -33.46 -52.90
CA LEU A 486 -59.10 -34.06 -53.40
C LEU A 486 -58.03 -33.00 -53.34
N GLU A 487 -57.36 -32.89 -52.18
CA GLU A 487 -56.42 -31.78 -51.92
C GLU A 487 -55.25 -31.66 -52.88
N PHE A 488 -54.58 -30.53 -52.82
CA PHE A 488 -53.59 -30.13 -53.81
C PHE A 488 -52.33 -30.99 -53.78
N SER A 489 -51.79 -31.27 -54.95
CA SER A 489 -50.52 -31.96 -55.07
C SER A 489 -49.75 -31.28 -56.20
N ARG A 490 -48.51 -30.89 -55.90
CA ARG A 490 -47.65 -30.15 -56.83
C ARG A 490 -47.44 -30.90 -58.15
N ASP A 491 -47.67 -32.22 -58.13
CA ASP A 491 -47.48 -33.03 -59.33
C ASP A 491 -48.60 -32.81 -60.35
N ARG A 492 -49.69 -32.17 -59.93
CA ARG A 492 -50.78 -31.86 -60.86
C ARG A 492 -51.23 -30.39 -60.81
N LYS A 493 -50.68 -29.63 -59.87
CA LYS A 493 -50.95 -28.19 -59.70
C LYS A 493 -52.45 -27.78 -59.63
N SER A 494 -53.22 -28.46 -58.79
CA SER A 494 -54.65 -28.23 -58.71
C SER A 494 -55.28 -29.03 -57.59
N MET A 495 -56.57 -28.81 -57.37
CA MET A 495 -57.35 -29.47 -56.32
C MET A 495 -58.82 -29.36 -56.66
N SER A 496 -59.64 -30.15 -55.98
CA SER A 496 -61.06 -30.19 -56.27
C SER A 496 -61.88 -30.69 -55.11
N VAL A 497 -63.17 -30.39 -55.15
CA VAL A 497 -64.10 -30.90 -54.19
C VAL A 497 -65.19 -31.67 -54.93
N TYR A 498 -65.86 -32.54 -54.19
CA TYR A 498 -67.03 -33.26 -54.67
C TYR A 498 -68.25 -32.81 -53.86
N CYS A 499 -69.28 -32.32 -54.56
CA CYS A 499 -70.46 -31.75 -53.92
C CYS A 499 -71.74 -32.40 -54.40
N SER A 500 -72.73 -32.46 -53.51
CA SER A 500 -74.09 -32.86 -53.83
C SER A 500 -75.03 -31.70 -53.50
N PRO A 501 -76.10 -31.52 -54.31
CA PRO A 501 -77.06 -30.45 -54.01
C PRO A 501 -77.82 -30.69 -52.69
N ALA A 502 -78.44 -29.63 -52.17
CA ALA A 502 -79.15 -29.69 -50.88
C ALA A 502 -80.47 -30.45 -50.99
N LYS A 503 -81.57 -29.73 -51.22
CA LYS A 503 -82.89 -30.36 -51.43
C LYS A 503 -82.92 -31.20 -52.72
N SER A 504 -82.51 -32.47 -52.59
CA SER A 504 -82.46 -33.42 -53.71
C SER A 504 -81.88 -34.74 -53.22
N SER A 505 -82.73 -35.76 -53.13
CA SER A 505 -82.30 -37.10 -52.73
C SER A 505 -81.91 -37.93 -53.96
N ARG A 506 -82.88 -38.14 -54.84
CA ARG A 506 -82.71 -38.99 -56.03
C ARG A 506 -82.09 -38.20 -57.19
N ALA A 507 -80.83 -37.79 -57.03
CA ALA A 507 -80.10 -37.08 -58.08
C ALA A 507 -78.70 -37.67 -58.29
N ALA A 508 -78.66 -38.91 -58.81
CA ALA A 508 -77.42 -39.55 -59.24
C ALA A 508 -76.79 -38.76 -60.39
N VAL A 509 -77.63 -38.06 -61.16
CA VAL A 509 -77.17 -37.08 -62.16
C VAL A 509 -77.50 -35.66 -61.64
N GLY A 510 -76.75 -35.24 -60.63
CA GLY A 510 -76.89 -33.91 -60.03
C GLY A 510 -75.64 -33.47 -59.32
N ASN A 511 -74.78 -34.44 -58.98
CA ASN A 511 -73.51 -34.20 -58.30
C ASN A 511 -72.48 -33.57 -59.22
N LYS A 512 -71.62 -32.73 -58.66
CA LYS A 512 -70.61 -32.00 -59.44
C LYS A 512 -69.24 -32.03 -58.76
N MET A 513 -68.19 -31.82 -59.56
CA MET A 513 -66.82 -31.70 -59.03
C MET A 513 -66.30 -30.32 -59.34
N PHE A 514 -65.73 -29.66 -58.33
CA PHE A 514 -65.20 -28.32 -58.51
C PHE A 514 -63.68 -28.26 -58.41
N VAL A 515 -63.06 -27.80 -59.50
CA VAL A 515 -61.61 -27.77 -59.63
C VAL A 515 -61.08 -26.32 -59.57
N LYS A 516 -59.95 -26.15 -58.90
CA LYS A 516 -59.24 -24.89 -58.86
C LYS A 516 -57.77 -25.21 -58.89
N GLY A 517 -57.01 -24.49 -59.70
CA GLY A 517 -55.56 -24.71 -59.76
C GLY A 517 -54.88 -23.90 -60.84
N ALA A 518 -53.60 -24.16 -61.07
CA ALA A 518 -52.83 -23.45 -62.10
C ALA A 518 -53.47 -23.62 -63.48
N PRO A 519 -53.57 -22.51 -64.21
CA PRO A 519 -54.20 -22.43 -65.53
C PRO A 519 -53.65 -23.46 -66.51
N GLU A 520 -52.32 -23.49 -66.64
CA GLU A 520 -51.60 -24.52 -67.39
C GLU A 520 -52.36 -25.87 -67.49
N GLY A 521 -52.22 -26.68 -66.46
CA GLY A 521 -52.77 -28.04 -66.45
C GLY A 521 -54.27 -28.13 -66.31
N VAL A 522 -54.89 -27.23 -65.56
CA VAL A 522 -56.34 -27.21 -65.42
C VAL A 522 -57.00 -27.04 -66.78
N ILE A 523 -56.53 -26.08 -67.57
CA ILE A 523 -57.14 -25.80 -68.89
C ILE A 523 -57.00 -26.98 -69.87
N ASP A 524 -55.90 -27.70 -69.76
CA ASP A 524 -55.61 -28.86 -70.59
C ASP A 524 -56.51 -30.04 -70.29
N ARG A 525 -57.06 -30.09 -69.09
CA ARG A 525 -58.01 -31.12 -68.75
C ARG A 525 -59.45 -30.64 -68.93
N CYS A 526 -59.65 -29.70 -69.87
CA CYS A 526 -60.97 -29.18 -70.20
C CYS A 526 -61.33 -29.52 -71.63
N ASN A 527 -62.55 -30.01 -71.84
CA ASN A 527 -63.05 -30.27 -73.19
C ASN A 527 -64.25 -29.41 -73.51
N TYR A 528 -64.70 -28.66 -72.51
CA TYR A 528 -65.79 -27.72 -72.66
C TYR A 528 -65.43 -26.38 -72.06
N VAL A 529 -66.15 -25.35 -72.51
CA VAL A 529 -65.99 -24.00 -72.04
C VAL A 529 -67.39 -23.48 -71.76
N ARG A 530 -67.78 -23.43 -70.49
CA ARG A 530 -69.08 -22.88 -70.10
C ARG A 530 -69.31 -21.44 -70.56
N VAL A 531 -70.45 -21.20 -71.23
CA VAL A 531 -70.85 -19.86 -71.70
C VAL A 531 -72.17 -19.43 -71.01
N GLY A 532 -72.06 -18.79 -69.85
CA GLY A 532 -73.24 -18.50 -69.04
C GLY A 532 -73.82 -19.75 -68.38
N THR A 533 -74.90 -20.30 -68.94
CA THR A 533 -75.47 -21.56 -68.42
C THR A 533 -75.24 -22.72 -69.38
N THR A 534 -74.75 -22.40 -70.57
CA THR A 534 -74.56 -23.37 -71.64
C THR A 534 -73.18 -24.04 -71.56
N ARG A 535 -72.97 -25.02 -72.43
CA ARG A 535 -71.66 -25.63 -72.63
C ARG A 535 -71.34 -25.75 -74.13
N VAL A 536 -70.08 -25.54 -74.50
CA VAL A 536 -69.61 -25.76 -75.87
C VAL A 536 -68.28 -26.52 -75.80
N PRO A 537 -67.84 -27.12 -76.91
CA PRO A 537 -66.55 -27.78 -76.89
C PRO A 537 -65.39 -26.78 -76.86
N MET A 538 -64.26 -27.21 -76.31
CA MET A 538 -63.09 -26.37 -76.16
C MET A 538 -62.27 -26.43 -77.46
N THR A 539 -62.25 -25.31 -78.18
CA THR A 539 -61.50 -25.25 -79.43
C THR A 539 -60.08 -24.74 -79.22
N GLY A 540 -59.25 -24.88 -80.24
CA GLY A 540 -57.88 -24.36 -80.22
C GLY A 540 -57.82 -22.85 -79.99
N PRO A 541 -58.62 -22.07 -80.76
CA PRO A 541 -58.75 -20.62 -80.58
C PRO A 541 -59.25 -20.14 -79.20
N VAL A 542 -60.16 -20.90 -78.57
CA VAL A 542 -60.70 -20.53 -77.25
C VAL A 542 -59.59 -20.60 -76.21
N LYS A 543 -58.96 -21.78 -76.14
CA LYS A 543 -57.81 -22.02 -75.27
C LYS A 543 -56.73 -20.95 -75.44
N GLU A 544 -56.55 -20.50 -76.69
CA GLU A 544 -55.58 -19.46 -77.00
C GLU A 544 -55.94 -18.07 -76.50
N LYS A 545 -57.21 -17.71 -76.54
CA LYS A 545 -57.66 -16.44 -75.99
C LYS A 545 -57.43 -16.41 -74.48
N ILE A 546 -57.90 -17.47 -73.78
CA ILE A 546 -57.75 -17.61 -72.34
C ILE A 546 -56.29 -17.44 -71.93
N LEU A 547 -55.45 -18.30 -72.49
CA LEU A 547 -54.03 -18.30 -72.18
C LEU A 547 -53.34 -16.98 -72.39
N SER A 548 -53.75 -16.25 -73.43
CA SER A 548 -53.10 -14.97 -73.71
C SER A 548 -53.40 -13.96 -72.63
N VAL A 549 -54.61 -14.02 -72.07
CA VAL A 549 -55.04 -13.06 -71.06
C VAL A 549 -54.34 -13.36 -69.75
N ILE A 550 -54.21 -14.65 -69.45
CA ILE A 550 -53.49 -15.11 -68.27
C ILE A 550 -52.04 -14.64 -68.34
N LYS A 551 -51.44 -14.77 -69.51
CA LYS A 551 -50.06 -14.35 -69.73
C LYS A 551 -49.93 -12.86 -69.55
N GLU A 552 -50.86 -12.12 -70.15
CA GLU A 552 -50.88 -10.67 -70.06
C GLU A 552 -50.86 -10.22 -68.60
N TRP A 553 -51.72 -10.81 -67.80
CA TRP A 553 -51.80 -10.45 -66.39
C TRP A 553 -50.57 -10.84 -65.60
N GLY A 554 -50.03 -12.03 -65.88
CA GLY A 554 -48.88 -12.55 -65.15
C GLY A 554 -47.61 -11.79 -65.48
N THR A 555 -47.58 -11.16 -66.65
CA THR A 555 -46.43 -10.38 -67.11
C THR A 555 -46.62 -8.88 -66.95
N GLY A 556 -47.86 -8.44 -66.85
CA GLY A 556 -48.17 -7.01 -66.68
C GLY A 556 -47.47 -6.33 -65.51
N ARG A 557 -47.82 -5.07 -65.28
CA ARG A 557 -47.20 -4.30 -64.22
C ARG A 557 -47.82 -4.61 -62.87
N ASP A 558 -48.56 -5.72 -62.79
CA ASP A 558 -49.16 -6.17 -61.54
C ASP A 558 -48.67 -7.56 -61.18
N THR A 559 -48.10 -8.23 -62.18
CA THR A 559 -47.56 -9.57 -62.07
C THR A 559 -48.47 -10.49 -61.23
N LEU A 560 -49.73 -10.57 -61.64
CA LEU A 560 -50.73 -11.37 -60.95
C LEU A 560 -50.45 -12.85 -61.00
N ARG A 561 -50.72 -13.49 -59.87
CA ARG A 561 -50.67 -14.93 -59.73
C ARG A 561 -52.13 -15.33 -59.84
N CYS A 562 -52.50 -15.96 -60.96
CA CYS A 562 -53.91 -16.29 -61.22
C CYS A 562 -54.19 -17.78 -61.36
N LEU A 563 -55.39 -18.18 -60.94
CA LEU A 563 -55.82 -19.56 -60.94
C LEU A 563 -56.96 -19.74 -61.92
N ALA A 564 -57.10 -20.95 -62.45
CA ALA A 564 -58.23 -21.29 -63.29
C ALA A 564 -59.25 -22.08 -62.48
N LEU A 565 -60.52 -21.81 -62.76
CA LEU A 565 -61.62 -22.41 -62.05
C LEU A 565 -62.42 -23.19 -63.08
N ALA A 566 -62.61 -24.47 -62.80
CA ALA A 566 -63.32 -25.36 -63.71
C ALA A 566 -64.26 -26.27 -62.93
N THR A 567 -65.23 -26.85 -63.63
CA THR A 567 -66.10 -27.87 -63.03
C THR A 567 -66.14 -29.15 -63.86
N ARG A 568 -66.31 -30.27 -63.18
CA ARG A 568 -66.64 -31.51 -63.85
C ARG A 568 -68.14 -31.69 -63.70
N ASP A 569 -68.85 -31.75 -64.83
CA ASP A 569 -70.31 -31.86 -64.84
C ASP A 569 -70.78 -33.29 -64.64
N THR A 570 -70.07 -34.22 -65.27
CA THR A 570 -70.38 -35.64 -65.16
C THR A 570 -69.24 -36.33 -64.40
N PRO A 571 -69.24 -36.21 -63.07
CA PRO A 571 -68.15 -36.74 -62.29
C PRO A 571 -68.28 -38.24 -62.14
N PRO A 572 -67.14 -38.96 -62.07
CA PRO A 572 -67.23 -40.40 -61.87
C PRO A 572 -68.07 -40.73 -60.64
N LYS A 573 -68.61 -41.94 -60.63
CA LYS A 573 -69.46 -42.42 -59.54
C LYS A 573 -68.82 -42.19 -58.17
N ARG A 574 -69.67 -41.99 -57.17
CA ARG A 574 -69.25 -41.75 -55.80
C ARG A 574 -68.30 -42.84 -55.23
N GLU A 575 -68.37 -44.05 -55.78
CA GLU A 575 -67.61 -45.21 -55.30
C GLU A 575 -66.35 -45.48 -56.13
N GLU A 576 -66.38 -45.13 -57.41
CA GLU A 576 -65.26 -45.36 -58.32
C GLU A 576 -63.95 -44.70 -57.86
N MET A 577 -64.06 -43.80 -56.89
CA MET A 577 -62.93 -42.98 -56.46
C MET A 577 -62.24 -43.48 -55.19
N VAL A 578 -60.92 -43.64 -55.28
CA VAL A 578 -60.08 -44.02 -54.15
C VAL A 578 -59.36 -42.79 -53.60
N LEU A 579 -59.61 -42.48 -52.34
CA LEU A 579 -59.14 -41.22 -51.74
C LEU A 579 -57.83 -41.35 -50.95
N ASP A 580 -57.05 -42.40 -51.23
CA ASP A 580 -55.76 -42.62 -50.56
C ASP A 580 -54.60 -42.09 -51.37
N ASP A 581 -54.55 -42.51 -52.63
CA ASP A 581 -53.45 -42.15 -53.52
C ASP A 581 -53.69 -40.87 -54.32
N SER A 582 -52.72 -39.97 -54.25
CA SER A 582 -52.72 -38.72 -55.01
C SER A 582 -52.65 -38.99 -56.52
N SER A 583 -51.93 -40.04 -56.90
CA SER A 583 -51.71 -40.36 -58.30
C SER A 583 -52.99 -40.50 -59.11
N ARG A 584 -54.07 -40.94 -58.47
CA ARG A 584 -55.33 -41.15 -59.17
C ARG A 584 -56.20 -39.91 -59.26
N PHE A 585 -55.83 -38.85 -58.54
CA PHE A 585 -56.67 -37.65 -58.49
C PHE A 585 -56.78 -36.90 -59.83
N MET A 586 -55.65 -36.75 -60.51
CA MET A 586 -55.65 -36.08 -61.80
C MET A 586 -56.51 -36.80 -62.79
N GLU A 587 -56.56 -38.12 -62.66
CA GLU A 587 -57.41 -38.94 -63.49
C GLU A 587 -58.88 -38.57 -63.26
N TYR A 588 -59.26 -38.34 -62.01
CA TYR A 588 -60.63 -37.91 -61.70
C TYR A 588 -60.93 -36.52 -62.28
N GLU A 589 -60.03 -35.57 -62.03
CA GLU A 589 -60.20 -34.19 -62.48
C GLU A 589 -59.90 -34.01 -63.95
N THR A 590 -60.71 -34.62 -64.80
CA THR A 590 -60.54 -34.56 -66.24
C THR A 590 -61.91 -34.46 -66.88
N ASP A 591 -61.94 -34.20 -68.19
CA ASP A 591 -63.20 -33.98 -68.91
C ASP A 591 -63.95 -32.81 -68.24
N LEU A 592 -63.28 -31.67 -68.17
CA LEU A 592 -63.81 -30.56 -67.41
C LEU A 592 -64.38 -29.48 -68.31
N THR A 593 -65.12 -28.57 -67.68
CA THR A 593 -65.66 -27.37 -68.32
C THR A 593 -64.99 -26.16 -67.68
N PHE A 594 -64.26 -25.39 -68.50
CA PHE A 594 -63.63 -24.15 -68.02
C PHE A 594 -64.69 -23.11 -67.67
N VAL A 595 -64.54 -22.47 -66.52
CA VAL A 595 -65.51 -21.47 -66.08
C VAL A 595 -64.91 -20.09 -66.18
N GLY A 596 -63.79 -19.88 -65.48
CA GLY A 596 -63.15 -18.58 -65.48
C GLY A 596 -61.85 -18.50 -64.72
N VAL A 597 -61.25 -17.32 -64.72
CA VAL A 597 -59.94 -17.17 -64.15
C VAL A 597 -59.96 -16.06 -63.13
N VAL A 598 -59.40 -16.30 -61.94
CA VAL A 598 -59.18 -15.24 -60.95
C VAL A 598 -57.72 -14.83 -60.97
N GLY A 599 -57.45 -13.55 -61.19
CA GLY A 599 -56.11 -13.03 -61.11
C GLY A 599 -55.90 -12.30 -59.80
N MET A 600 -54.88 -12.67 -59.03
CA MET A 600 -54.68 -12.06 -57.73
C MET A 600 -53.30 -11.50 -57.49
N LEU A 601 -53.22 -10.59 -56.52
CA LEU A 601 -52.04 -9.81 -56.23
C LEU A 601 -51.53 -9.97 -54.79
N ASP A 602 -50.22 -10.02 -54.66
CA ASP A 602 -49.57 -9.64 -53.40
C ASP A 602 -48.43 -8.69 -53.76
N PRO A 603 -48.56 -7.41 -53.37
CA PRO A 603 -47.60 -6.44 -53.84
C PRO A 603 -46.24 -6.64 -53.18
N PRO A 604 -45.16 -6.23 -53.87
CA PRO A 604 -43.83 -6.20 -53.31
C PRO A 604 -43.76 -5.09 -52.28
N ARG A 605 -43.03 -5.33 -51.18
CA ARG A 605 -42.79 -4.32 -50.18
C ARG A 605 -42.15 -3.10 -50.82
N LYS A 606 -42.59 -1.92 -50.38
CA LYS A 606 -42.06 -0.64 -50.83
C LYS A 606 -40.51 -0.57 -50.75
N GLU A 607 -39.97 -0.91 -49.58
CA GLU A 607 -38.53 -0.85 -49.32
C GLU A 607 -37.72 -1.81 -50.17
N VAL A 608 -38.26 -3.00 -50.40
CA VAL A 608 -37.57 -4.05 -51.15
C VAL A 608 -36.79 -3.48 -52.31
N MET A 609 -37.47 -2.71 -53.14
CA MET A 609 -36.86 -2.05 -54.29
C MET A 609 -35.46 -1.46 -53.99
N GLY A 610 -35.42 -0.52 -53.06
CA GLY A 610 -34.18 0.14 -52.68
C GLY A 610 -33.18 -0.82 -52.07
N SER A 611 -33.65 -1.65 -51.14
CA SER A 611 -32.82 -2.66 -50.51
C SER A 611 -32.02 -3.48 -51.52
N ILE A 612 -32.69 -3.89 -52.61
CA ILE A 612 -32.05 -4.61 -53.70
C ILE A 612 -30.94 -3.76 -54.26
N GLN A 613 -31.27 -2.50 -54.59
CA GLN A 613 -30.27 -1.55 -55.06
C GLN A 613 -29.07 -1.46 -54.14
N LEU A 614 -29.35 -1.36 -52.84
CA LEU A 614 -28.31 -1.32 -51.83
C LEU A 614 -27.43 -2.56 -51.91
N CYS A 615 -28.02 -3.70 -52.24
CA CYS A 615 -27.28 -4.95 -52.35
C CYS A 615 -26.38 -4.96 -53.55
N ARG A 616 -26.86 -4.33 -54.63
CA ARG A 616 -26.08 -4.18 -55.87
C ARG A 616 -24.83 -3.38 -55.58
N ASP A 617 -25.00 -2.27 -54.86
CA ASP A 617 -23.91 -1.40 -54.44
C ASP A 617 -22.90 -2.11 -53.54
N ALA A 618 -23.39 -2.91 -52.60
CA ALA A 618 -22.51 -3.61 -51.66
C ALA A 618 -21.83 -4.79 -52.32
N GLY A 619 -22.11 -5.01 -53.60
CA GLY A 619 -21.52 -6.12 -54.30
C GLY A 619 -22.06 -7.45 -53.82
N ILE A 620 -23.31 -7.45 -53.35
CA ILE A 620 -24.00 -8.64 -52.85
C ILE A 620 -25.10 -9.03 -53.82
N ARG A 621 -25.05 -10.27 -54.31
CA ARG A 621 -26.08 -10.81 -55.25
C ARG A 621 -27.33 -11.33 -54.54
N VAL A 622 -28.50 -11.00 -55.10
CA VAL A 622 -29.79 -11.41 -54.54
C VAL A 622 -30.48 -12.49 -55.41
N ILE A 623 -30.79 -13.65 -54.82
CA ILE A 623 -31.43 -14.77 -55.55
C ILE A 623 -32.86 -15.02 -55.07
N MET A 624 -33.84 -14.68 -55.91
CA MET A 624 -35.23 -14.87 -55.55
C MET A 624 -35.70 -16.29 -55.78
N ILE A 625 -36.29 -16.88 -54.75
CA ILE A 625 -36.90 -18.20 -54.89
C ILE A 625 -38.40 -18.02 -54.69
N THR A 626 -39.19 -18.39 -55.70
CA THR A 626 -40.65 -18.18 -55.71
C THR A 626 -41.39 -19.39 -56.24
N GLY A 627 -42.64 -19.55 -55.83
CA GLY A 627 -43.46 -20.66 -56.34
C GLY A 627 -44.23 -20.32 -57.60
N ASP A 628 -44.07 -19.11 -58.13
CA ASP A 628 -44.80 -18.75 -59.34
C ASP A 628 -44.18 -19.51 -60.50
N ASN A 629 -44.85 -19.51 -61.64
CA ASN A 629 -44.28 -20.05 -62.85
C ASN A 629 -43.11 -19.20 -63.31
N LYS A 630 -42.35 -19.74 -64.26
CA LYS A 630 -41.15 -19.11 -64.76
C LYS A 630 -41.44 -17.68 -65.26
N GLY A 631 -42.45 -17.53 -66.10
CA GLY A 631 -42.81 -16.23 -66.66
C GLY A 631 -43.02 -15.11 -65.65
N THR A 632 -44.05 -15.25 -64.81
CA THR A 632 -44.35 -14.31 -63.73
C THR A 632 -43.15 -14.05 -62.83
N ALA A 633 -42.39 -15.11 -62.53
CA ALA A 633 -41.20 -15.01 -61.67
C ALA A 633 -40.24 -13.98 -62.26
N ILE A 634 -39.80 -14.22 -63.49
CA ILE A 634 -38.93 -13.25 -64.18
C ILE A 634 -39.53 -11.83 -64.18
N ALA A 635 -40.82 -11.74 -64.52
CA ALA A 635 -41.57 -10.48 -64.45
C ALA A 635 -41.35 -9.77 -63.12
N ILE A 636 -41.65 -10.46 -62.03
CA ILE A 636 -41.48 -9.92 -60.69
C ILE A 636 -40.04 -9.45 -60.51
N CYS A 637 -39.08 -10.31 -60.85
CA CYS A 637 -37.67 -9.94 -60.76
C CYS A 637 -37.38 -8.63 -61.45
N ARG A 638 -37.83 -8.49 -62.70
CA ARG A 638 -37.69 -7.23 -63.43
C ARG A 638 -38.32 -6.09 -62.65
N ARG A 639 -39.55 -6.32 -62.20
CA ARG A 639 -40.35 -5.35 -61.46
C ARG A 639 -39.70 -4.85 -60.16
N ILE A 640 -38.85 -5.65 -59.52
CA ILE A 640 -38.23 -5.22 -58.27
C ILE A 640 -36.75 -4.90 -58.46
N GLY A 641 -36.30 -4.93 -59.71
CA GLY A 641 -34.92 -4.57 -60.03
C GLY A 641 -33.89 -5.68 -59.87
N ILE A 642 -34.33 -6.89 -59.57
CA ILE A 642 -33.41 -8.02 -59.63
C ILE A 642 -32.89 -8.11 -61.06
N PHE A 643 -33.76 -7.90 -62.02
CA PHE A 643 -33.35 -7.87 -63.42
C PHE A 643 -33.59 -6.50 -64.04
N GLY A 644 -32.81 -6.21 -65.08
CA GLY A 644 -33.03 -5.04 -65.92
C GLY A 644 -34.32 -5.17 -66.71
N GLU A 645 -34.96 -4.04 -66.95
CA GLU A 645 -36.20 -3.94 -67.71
C GLU A 645 -36.14 -4.71 -69.03
N ASN A 646 -34.99 -4.68 -69.69
CA ASN A 646 -34.84 -5.28 -71.01
C ASN A 646 -33.86 -6.45 -71.12
N GLU A 647 -32.92 -6.52 -70.18
CA GLU A 647 -31.81 -7.49 -70.25
C GLU A 647 -32.22 -8.93 -70.50
N GLU A 648 -31.31 -9.69 -71.08
CA GLU A 648 -31.54 -11.08 -71.37
C GLU A 648 -31.23 -11.93 -70.14
N VAL A 649 -32.11 -12.88 -69.85
CA VAL A 649 -32.07 -13.61 -68.61
C VAL A 649 -32.18 -15.12 -68.82
N ALA A 650 -32.11 -15.53 -70.08
CA ALA A 650 -32.39 -16.91 -70.48
C ALA A 650 -31.66 -17.96 -69.67
N ASP A 651 -30.53 -17.57 -69.10
CA ASP A 651 -29.66 -18.49 -68.37
C ASP A 651 -29.52 -18.10 -66.90
N ARG A 652 -30.38 -17.18 -66.45
CA ARG A 652 -30.30 -16.69 -65.09
C ARG A 652 -31.62 -16.93 -64.35
N ALA A 653 -32.44 -17.80 -64.90
CA ALA A 653 -33.71 -18.13 -64.30
C ALA A 653 -34.03 -19.55 -64.65
N TYR A 654 -34.25 -20.37 -63.64
CA TYR A 654 -34.55 -21.77 -63.83
C TYR A 654 -35.72 -22.17 -63.00
N THR A 655 -36.46 -23.16 -63.48
CA THR A 655 -37.53 -23.77 -62.72
C THR A 655 -36.94 -24.99 -62.06
N GLY A 656 -37.56 -25.45 -60.98
CA GLY A 656 -37.17 -26.72 -60.36
C GLY A 656 -36.85 -27.74 -61.43
N ARG A 657 -37.88 -28.09 -62.21
CA ARG A 657 -37.79 -29.00 -63.35
C ARG A 657 -36.56 -28.77 -64.22
N GLU A 658 -36.45 -27.58 -64.80
CA GLU A 658 -35.33 -27.26 -65.69
C GLU A 658 -33.99 -27.57 -65.04
N PHE A 659 -33.79 -27.05 -63.84
CA PHE A 659 -32.58 -27.32 -63.08
C PHE A 659 -32.29 -28.82 -62.97
N ASP A 660 -33.29 -29.60 -62.60
CA ASP A 660 -33.14 -31.06 -62.49
C ASP A 660 -32.77 -31.72 -63.79
N ASP A 661 -33.15 -31.12 -64.91
CA ASP A 661 -32.85 -31.68 -66.22
C ASP A 661 -31.41 -31.38 -66.65
N LEU A 662 -30.76 -30.45 -65.96
CA LEU A 662 -29.34 -30.24 -66.16
C LEU A 662 -28.52 -31.36 -65.50
N PRO A 663 -27.38 -31.73 -66.10
CA PRO A 663 -26.45 -32.62 -65.40
C PRO A 663 -25.67 -31.84 -64.32
N LEU A 664 -25.09 -32.57 -63.37
CA LEU A 664 -24.49 -31.98 -62.16
C LEU A 664 -23.50 -30.84 -62.41
N ALA A 665 -22.60 -31.02 -63.38
CA ALA A 665 -21.64 -29.98 -63.73
C ALA A 665 -22.31 -28.71 -64.24
N GLU A 666 -23.38 -28.86 -65.02
CA GLU A 666 -24.14 -27.72 -65.54
C GLU A 666 -24.89 -26.98 -64.43
N GLN A 667 -25.35 -27.72 -63.42
CA GLN A 667 -26.07 -27.16 -62.29
C GLN A 667 -25.17 -26.21 -61.52
N ARG A 668 -24.00 -26.72 -61.14
CA ARG A 668 -22.98 -25.92 -60.47
C ARG A 668 -22.69 -24.65 -61.27
N GLU A 669 -22.72 -24.78 -62.59
CA GLU A 669 -22.48 -23.65 -63.46
C GLU A 669 -23.66 -22.68 -63.38
N ALA A 670 -24.87 -23.22 -63.29
CA ALA A 670 -26.08 -22.39 -63.29
C ALA A 670 -26.14 -21.45 -62.08
N CYS A 671 -25.66 -21.92 -60.94
CA CYS A 671 -25.68 -21.16 -59.71
C CYS A 671 -24.78 -19.93 -59.69
N ARG A 672 -23.71 -19.98 -60.47
CA ARG A 672 -22.74 -18.88 -60.48
C ARG A 672 -23.30 -17.58 -61.08
N ARG A 673 -24.43 -17.67 -61.76
CA ARG A 673 -25.05 -16.50 -62.40
C ARG A 673 -26.57 -16.43 -62.21
N ALA A 674 -27.17 -17.55 -61.79
CA ALA A 674 -28.60 -17.62 -61.54
C ALA A 674 -29.07 -16.67 -60.41
N CYS A 675 -30.24 -16.07 -60.63
CA CYS A 675 -30.77 -15.07 -59.72
C CYS A 675 -32.25 -15.27 -59.44
N CYS A 676 -32.84 -16.24 -60.14
CA CYS A 676 -34.25 -16.51 -59.99
C CYS A 676 -34.59 -18.00 -60.07
N PHE A 677 -35.23 -18.50 -59.03
CA PHE A 677 -35.64 -19.89 -59.01
C PHE A 677 -37.13 -20.05 -58.75
N ALA A 678 -37.80 -20.70 -59.71
CA ALA A 678 -39.26 -20.86 -59.72
C ALA A 678 -39.75 -22.32 -59.67
N ARG A 679 -40.71 -22.58 -58.78
CA ARG A 679 -41.30 -23.91 -58.59
C ARG A 679 -40.18 -24.91 -58.31
N VAL A 680 -39.55 -24.77 -57.16
CA VAL A 680 -38.49 -25.68 -56.81
C VAL A 680 -38.93 -26.56 -55.67
N GLU A 681 -38.20 -27.65 -55.47
CA GLU A 681 -38.48 -28.61 -54.42
C GLU A 681 -37.71 -28.14 -53.20
N PRO A 682 -37.99 -28.75 -52.03
CA PRO A 682 -37.26 -28.38 -50.81
C PRO A 682 -35.75 -28.64 -50.93
N SER A 683 -35.38 -29.78 -51.52
CA SER A 683 -33.98 -30.17 -51.72
C SER A 683 -33.13 -29.12 -52.47
N HIS A 684 -33.71 -28.46 -53.48
CA HIS A 684 -32.99 -27.42 -54.24
C HIS A 684 -32.40 -26.31 -53.41
N LYS A 685 -32.96 -26.03 -52.25
CA LYS A 685 -32.36 -25.03 -51.39
C LYS A 685 -30.96 -25.48 -51.00
N SER A 686 -30.83 -26.65 -50.39
CA SER A 686 -29.51 -27.25 -50.07
C SER A 686 -28.49 -27.29 -51.22
N LYS A 687 -28.91 -27.85 -52.37
CA LYS A 687 -28.02 -27.99 -53.52
C LYS A 687 -27.52 -26.65 -53.96
N ILE A 688 -28.42 -25.67 -53.99
CA ILE A 688 -28.07 -24.32 -54.38
C ILE A 688 -26.98 -23.83 -53.45
N VAL A 689 -27.25 -23.86 -52.14
CA VAL A 689 -26.31 -23.43 -51.11
C VAL A 689 -24.96 -24.04 -51.40
N GLU A 690 -24.97 -25.37 -51.55
CA GLU A 690 -23.77 -26.17 -51.75
C GLU A 690 -22.92 -25.67 -52.92
N TYR A 691 -23.56 -25.46 -54.07
CA TYR A 691 -22.85 -24.92 -55.23
C TYR A 691 -22.28 -23.54 -54.91
N LEU A 692 -23.10 -22.65 -54.35
CA LEU A 692 -22.65 -21.32 -53.96
C LEU A 692 -21.43 -21.37 -53.05
N GLN A 693 -21.43 -22.36 -52.14
CA GLN A 693 -20.29 -22.61 -51.28
C GLN A 693 -19.06 -22.96 -52.11
N SER A 694 -19.28 -23.74 -53.17
CA SER A 694 -18.19 -24.18 -54.05
C SER A 694 -17.54 -23.03 -54.82
N TYR A 695 -18.11 -21.83 -54.75
CA TYR A 695 -17.50 -20.67 -55.37
C TYR A 695 -16.94 -19.72 -54.30
N ASP A 696 -16.85 -20.24 -53.07
CA ASP A 696 -16.45 -19.45 -51.89
C ASP A 696 -17.37 -18.26 -51.63
N GLU A 697 -18.66 -18.48 -51.74
CA GLU A 697 -19.61 -17.43 -51.41
C GLU A 697 -19.99 -17.56 -49.95
N ILE A 698 -20.25 -16.44 -49.30
CA ILE A 698 -20.90 -16.45 -48.03
C ILE A 698 -22.37 -16.23 -48.33
N THR A 699 -23.17 -17.26 -48.04
CA THR A 699 -24.57 -17.27 -48.45
C THR A 699 -25.51 -17.04 -47.27
N ALA A 700 -26.49 -16.17 -47.50
CA ALA A 700 -27.63 -16.03 -46.60
C ALA A 700 -28.80 -16.72 -47.28
N MET A 701 -29.56 -17.49 -46.52
CA MET A 701 -30.65 -18.32 -47.04
C MET A 701 -31.88 -18.18 -46.17
N THR A 702 -33.00 -17.78 -46.74
CA THR A 702 -34.20 -17.59 -45.93
C THR A 702 -34.88 -18.93 -45.80
N GLY A 703 -35.68 -19.10 -44.76
CA GLY A 703 -36.43 -20.33 -44.58
C GLY A 703 -37.44 -20.19 -43.46
N ASP A 704 -38.50 -21.00 -43.50
CA ASP A 704 -39.56 -20.90 -42.48
C ASP A 704 -40.28 -22.20 -42.14
N GLY A 705 -40.25 -23.17 -43.05
CA GLY A 705 -40.93 -24.45 -42.85
C GLY A 705 -40.02 -25.50 -42.26
N VAL A 706 -40.55 -26.69 -42.02
CA VAL A 706 -39.77 -27.73 -41.34
C VAL A 706 -38.69 -28.25 -42.25
N ASN A 707 -39.09 -28.56 -43.47
CA ASN A 707 -38.21 -29.02 -44.51
C ASN A 707 -37.22 -27.94 -44.98
N ASP A 708 -37.27 -26.76 -44.38
CA ASP A 708 -36.26 -25.74 -44.63
C ASP A 708 -35.03 -25.93 -43.78
N ALA A 709 -35.19 -26.56 -42.62
CA ALA A 709 -34.10 -26.75 -41.63
C ALA A 709 -32.76 -27.17 -42.27
N PRO A 710 -32.73 -28.27 -43.06
CA PRO A 710 -31.48 -28.74 -43.64
C PRO A 710 -30.67 -27.65 -44.32
N ALA A 711 -31.28 -26.93 -45.25
CA ALA A 711 -30.59 -25.86 -45.99
C ALA A 711 -30.18 -24.69 -45.09
N LEU A 712 -31.03 -24.40 -44.10
CA LEU A 712 -30.76 -23.33 -43.15
C LEU A 712 -29.54 -23.70 -42.30
N LYS A 713 -29.47 -24.95 -41.90
CA LYS A 713 -28.30 -25.42 -41.19
C LYS A 713 -27.06 -25.40 -42.10
N LYS A 714 -27.22 -25.63 -43.39
CA LYS A 714 -26.10 -25.69 -44.33
C LYS A 714 -25.54 -24.31 -44.63
N ALA A 715 -26.44 -23.38 -44.92
CA ALA A 715 -26.06 -22.03 -45.28
C ALA A 715 -25.19 -21.37 -44.21
N GLU A 716 -24.33 -20.44 -44.61
CA GLU A 716 -23.50 -19.72 -43.65
C GLU A 716 -24.33 -18.85 -42.73
N ILE A 717 -25.34 -18.17 -43.29
CA ILE A 717 -26.30 -17.44 -42.46
C ILE A 717 -27.68 -17.98 -42.79
N GLY A 718 -28.19 -18.80 -41.88
CA GLY A 718 -29.57 -19.29 -41.95
C GLY A 718 -30.51 -18.25 -41.38
N ILE A 719 -31.54 -17.90 -42.13
CA ILE A 719 -32.45 -16.85 -41.72
C ILE A 719 -33.86 -17.35 -41.75
N ALA A 720 -34.43 -17.50 -40.56
CA ALA A 720 -35.79 -17.97 -40.40
C ALA A 720 -36.72 -16.79 -40.25
N MET A 721 -37.97 -16.99 -40.67
CA MET A 721 -38.99 -15.96 -40.52
C MET A 721 -39.51 -15.94 -39.09
N GLY A 722 -39.79 -14.73 -38.60
CA GLY A 722 -40.26 -14.53 -37.24
C GLY A 722 -41.61 -15.18 -37.03
N SER A 723 -42.34 -15.34 -38.12
CA SER A 723 -43.65 -15.95 -38.07
C SER A 723 -43.64 -17.40 -38.50
N GLY A 724 -42.49 -18.06 -38.43
CA GLY A 724 -42.39 -19.42 -38.91
C GLY A 724 -42.23 -20.49 -37.84
N THR A 725 -42.04 -21.72 -38.29
CA THR A 725 -41.81 -22.85 -37.41
C THR A 725 -40.64 -22.64 -36.47
N ALA A 726 -40.80 -23.07 -35.22
CA ALA A 726 -39.73 -23.00 -34.25
C ALA A 726 -38.60 -23.94 -34.63
N VAL A 727 -38.89 -24.94 -35.48
CA VAL A 727 -37.86 -25.82 -36.04
C VAL A 727 -36.90 -25.06 -36.96
N ALA A 728 -37.46 -24.25 -37.87
CA ALA A 728 -36.67 -23.35 -38.71
C ALA A 728 -35.78 -22.43 -37.87
N LYS A 729 -36.35 -21.88 -36.80
CA LYS A 729 -35.66 -20.94 -35.90
C LYS A 729 -34.47 -21.57 -35.18
N THR A 730 -34.66 -22.75 -34.58
CA THR A 730 -33.56 -23.42 -33.89
C THR A 730 -32.47 -23.86 -34.86
N ALA A 731 -32.84 -24.10 -36.11
CA ALA A 731 -31.88 -24.47 -37.16
C ALA A 731 -31.08 -23.29 -37.74
N SER A 732 -31.61 -22.07 -37.57
CA SER A 732 -31.04 -20.89 -38.23
C SER A 732 -30.09 -20.09 -37.33
N GLU A 733 -29.43 -19.08 -37.91
CA GLU A 733 -28.49 -18.24 -37.17
C GLU A 733 -29.06 -16.89 -36.83
N MET A 734 -30.21 -16.56 -37.43
CA MET A 734 -30.84 -15.25 -37.27
C MET A 734 -32.33 -15.28 -37.57
N VAL A 735 -33.10 -14.49 -36.82
CA VAL A 735 -34.54 -14.50 -36.99
C VAL A 735 -35.06 -13.14 -37.41
N LEU A 736 -35.86 -13.11 -38.47
CA LEU A 736 -36.47 -11.86 -38.96
C LEU A 736 -37.75 -11.51 -38.23
N ALA A 737 -37.64 -10.57 -37.30
CA ALA A 737 -38.77 -10.17 -36.47
C ALA A 737 -39.95 -9.80 -37.33
N ASP A 738 -39.69 -9.15 -38.47
CA ASP A 738 -40.78 -8.70 -39.33
C ASP A 738 -40.86 -9.43 -40.67
N ASP A 739 -40.10 -10.50 -40.84
CA ASP A 739 -40.06 -11.23 -42.11
C ASP A 739 -39.67 -10.37 -43.33
N ASN A 740 -39.15 -9.17 -43.09
CA ASN A 740 -38.86 -8.25 -44.19
C ASN A 740 -37.50 -8.44 -44.86
N PHE A 741 -37.53 -8.66 -46.17
CA PHE A 741 -36.29 -8.78 -46.89
C PHE A 741 -35.38 -7.60 -46.59
N SER A 742 -35.95 -6.39 -46.58
CA SER A 742 -35.20 -5.19 -46.27
C SER A 742 -34.38 -5.35 -44.97
N THR A 743 -35.02 -5.88 -43.93
CA THR A 743 -34.36 -6.17 -42.66
C THR A 743 -33.09 -7.01 -42.79
N ILE A 744 -33.11 -8.04 -43.64
CA ILE A 744 -31.90 -8.81 -43.87
C ILE A 744 -30.77 -7.85 -44.27
N VAL A 745 -31.03 -7.06 -45.33
CA VAL A 745 -30.06 -6.09 -45.84
C VAL A 745 -29.54 -5.18 -44.72
N ALA A 746 -30.45 -4.66 -43.91
CA ALA A 746 -30.05 -3.88 -42.75
C ALA A 746 -29.11 -4.67 -41.84
N ALA A 747 -29.36 -5.97 -41.73
CA ALA A 747 -28.57 -6.81 -40.85
C ALA A 747 -27.14 -6.92 -41.36
N VAL A 748 -27.01 -7.10 -42.68
CA VAL A 748 -25.69 -7.13 -43.29
C VAL A 748 -24.97 -5.79 -43.10
N GLU A 749 -25.64 -4.67 -43.36
CA GLU A 749 -25.03 -3.36 -43.12
C GLU A 749 -24.41 -3.28 -41.73
N GLU A 750 -25.21 -3.59 -40.71
CA GLU A 750 -24.76 -3.60 -39.32
C GLU A 750 -23.54 -4.47 -39.11
N GLY A 751 -23.48 -5.59 -39.84
CA GLY A 751 -22.36 -6.52 -39.79
C GLY A 751 -21.09 -5.82 -40.23
N ARG A 752 -21.18 -5.09 -41.32
CA ARG A 752 -20.07 -4.31 -41.82
C ARG A 752 -19.66 -3.22 -40.81
N ALA A 753 -20.64 -2.46 -40.32
CA ALA A 753 -20.38 -1.41 -39.35
C ALA A 753 -19.64 -1.91 -38.11
N ILE A 754 -20.17 -2.97 -37.49
CA ILE A 754 -19.59 -3.56 -36.27
C ILE A 754 -18.15 -3.95 -36.47
N TYR A 755 -17.83 -4.53 -37.63
CA TYR A 755 -16.45 -4.85 -37.96
C TYR A 755 -15.59 -3.63 -37.93
N ASN A 756 -16.12 -2.53 -38.44
CA ASN A 756 -15.41 -1.27 -38.38
C ASN A 756 -15.15 -0.80 -36.96
N ASN A 757 -16.19 -0.60 -36.16
CA ASN A 757 -16.02 -0.25 -34.74
C ASN A 757 -15.04 -1.15 -34.02
N MET A 758 -15.02 -2.41 -34.42
CA MET A 758 -14.04 -3.31 -33.88
C MET A 758 -12.64 -2.88 -34.29
N LYS A 759 -12.50 -2.44 -35.54
CA LYS A 759 -11.24 -1.89 -36.03
C LYS A 759 -10.84 -0.64 -35.27
N GLN A 760 -11.79 0.29 -35.08
CA GLN A 760 -11.55 1.51 -34.32
C GLN A 760 -10.88 1.17 -33.00
N PHE A 761 -11.64 0.54 -32.10
CA PHE A 761 -11.16 0.12 -30.79
C PHE A 761 -9.72 -0.43 -30.84
N ILE A 762 -9.46 -1.36 -31.74
CA ILE A 762 -8.15 -2.01 -31.85
C ILE A 762 -7.05 -0.98 -32.07
N ARG A 763 -7.20 -0.21 -33.14
CA ARG A 763 -6.25 0.83 -33.49
C ARG A 763 -5.88 1.62 -32.25
N TYR A 764 -6.87 2.29 -31.66
CA TYR A 764 -6.67 3.06 -30.44
C TYR A 764 -5.94 2.31 -29.33
N LEU A 765 -6.41 1.12 -28.98
CA LEU A 765 -5.75 0.35 -27.94
C LEU A 765 -4.30 0.05 -28.30
N ILE A 766 -4.11 -0.71 -29.38
CA ILE A 766 -2.76 -1.07 -29.82
C ILE A 766 -1.85 0.15 -29.88
N SER A 767 -2.28 1.18 -30.61
CA SER A 767 -1.42 2.34 -30.84
C SER A 767 -1.01 3.03 -29.54
N SER A 768 -2.00 3.48 -28.77
CA SER A 768 -1.71 4.15 -27.51
C SER A 768 -0.69 3.35 -26.68
N ASN A 769 -0.78 2.03 -26.78
CA ASN A 769 0.09 1.14 -26.02
C ASN A 769 1.51 1.10 -26.53
N VAL A 770 1.68 0.98 -27.84
CA VAL A 770 3.01 1.07 -28.46
C VAL A 770 3.65 2.38 -28.02
N GLY A 771 2.84 3.43 -27.95
CA GLY A 771 3.26 4.72 -27.40
C GLY A 771 3.76 4.60 -25.96
N GLU A 772 2.88 4.10 -25.09
CA GLU A 772 3.20 3.86 -23.68
C GLU A 772 4.52 3.11 -23.44
N VAL A 773 5.02 2.43 -24.47
CA VAL A 773 6.25 1.62 -24.39
C VAL A 773 7.48 2.35 -24.92
N VAL A 774 7.41 2.84 -26.15
CA VAL A 774 8.53 3.57 -26.77
C VAL A 774 8.90 4.79 -25.94
N CYS A 775 7.91 5.33 -25.23
CA CYS A 775 8.13 6.40 -24.27
C CYS A 775 9.17 5.96 -23.24
N ILE A 776 8.87 4.86 -22.54
CA ILE A 776 9.74 4.33 -21.49
C ILE A 776 11.00 3.61 -22.02
N PHE A 777 10.98 3.20 -23.29
CA PHE A 777 12.19 2.66 -23.90
C PHE A 777 13.12 3.75 -24.43
N LEU A 778 12.53 4.85 -24.92
CA LEU A 778 13.32 5.95 -25.45
C LEU A 778 14.13 6.64 -24.34
N THR A 779 13.50 6.86 -23.19
CA THR A 779 14.18 7.48 -22.03
C THR A 779 15.23 6.55 -21.42
N ALA A 780 15.09 5.26 -21.65
CA ALA A 780 16.04 4.29 -21.12
C ALA A 780 17.17 3.99 -22.10
N ALA A 781 16.98 4.37 -23.37
CA ALA A 781 17.98 4.10 -24.40
C ALA A 781 18.84 5.33 -24.68
N LEU A 782 18.23 6.51 -24.61
CA LEU A 782 18.99 7.73 -24.71
C LEU A 782 19.46 8.16 -23.32
N GLY A 783 19.17 7.30 -22.34
CA GLY A 783 19.61 7.49 -20.95
C GLY A 783 19.05 8.73 -20.28
N LEU A 784 17.98 9.29 -20.83
CA LEU A 784 17.36 10.51 -20.29
C LEU A 784 16.86 10.37 -18.85
N PRO A 785 16.60 11.51 -18.16
CA PRO A 785 15.90 11.41 -16.89
C PRO A 785 14.49 10.92 -17.16
N GLU A 786 14.11 9.80 -16.54
CA GLU A 786 12.79 9.19 -16.71
C GLU A 786 11.72 10.24 -16.90
N ALA A 787 11.03 10.18 -18.03
CA ALA A 787 10.01 11.15 -18.40
C ALA A 787 8.75 10.94 -17.59
N LEU A 788 8.51 9.68 -17.21
CA LEU A 788 7.38 9.32 -16.38
C LEU A 788 7.74 8.33 -15.27
N ILE A 789 7.06 8.47 -14.14
CA ILE A 789 7.19 7.53 -13.04
C ILE A 789 5.97 6.61 -13.04
N PRO A 790 6.10 5.42 -12.42
CA PRO A 790 5.02 4.45 -12.31
C PRO A 790 3.63 5.00 -11.91
N VAL A 791 3.55 5.79 -10.85
CA VAL A 791 2.24 6.31 -10.41
C VAL A 791 1.55 7.16 -11.47
N GLN A 792 2.36 7.92 -12.23
CA GLN A 792 1.87 8.73 -13.34
C GLN A 792 1.36 7.83 -14.48
N LEU A 793 2.22 6.92 -14.91
CA LEU A 793 1.93 5.99 -16.00
C LEU A 793 0.59 5.31 -15.80
N LEU A 794 0.48 4.56 -14.69
CA LEU A 794 -0.74 3.82 -14.33
C LEU A 794 -1.97 4.72 -14.18
N TRP A 795 -1.75 5.99 -13.88
CA TRP A 795 -2.85 6.93 -13.79
C TRP A 795 -3.36 7.24 -15.16
N VAL A 796 -2.43 7.55 -16.07
CA VAL A 796 -2.77 7.82 -17.47
C VAL A 796 -3.52 6.63 -18.05
N ASN A 797 -2.99 5.43 -17.81
CA ASN A 797 -3.60 4.17 -18.21
C ASN A 797 -5.05 4.01 -17.72
N LEU A 798 -5.29 4.31 -16.45
CA LEU A 798 -6.65 4.26 -15.89
C LEU A 798 -7.61 5.23 -16.58
N VAL A 799 -7.10 6.32 -17.13
CA VAL A 799 -7.95 7.30 -17.82
C VAL A 799 -8.15 6.92 -19.29
N THR A 800 -7.03 6.70 -19.99
CA THR A 800 -7.03 6.38 -21.42
C THR A 800 -7.91 5.18 -21.76
N ASP A 801 -7.65 4.07 -21.07
CA ASP A 801 -8.40 2.85 -21.30
C ASP A 801 -9.68 2.86 -20.48
N GLY A 802 -10.15 4.05 -20.14
CA GLY A 802 -11.23 4.18 -19.19
C GLY A 802 -12.39 4.99 -19.72
N LEU A 803 -12.09 6.20 -20.18
CA LEU A 803 -13.13 7.13 -20.66
C LEU A 803 -13.19 7.26 -22.19
N PRO A 804 -12.06 7.64 -22.84
CA PRO A 804 -12.09 7.77 -24.30
C PRO A 804 -12.34 6.45 -24.98
N ALA A 805 -11.65 5.40 -24.54
CA ALA A 805 -11.75 4.06 -25.15
C ALA A 805 -13.18 3.51 -25.14
N THR A 806 -13.83 3.56 -23.99
CA THR A 806 -15.21 3.08 -23.88
C THR A 806 -16.18 3.96 -24.67
N ALA A 807 -15.90 5.27 -24.73
CA ALA A 807 -16.75 6.21 -25.47
C ALA A 807 -16.72 6.00 -26.98
N LEU A 808 -15.73 5.23 -27.44
CA LEU A 808 -15.60 4.89 -28.86
C LEU A 808 -16.62 3.85 -29.27
N GLY A 809 -17.11 3.10 -28.28
CA GLY A 809 -18.20 2.15 -28.51
C GLY A 809 -19.46 2.82 -29.04
N PHE A 810 -19.47 4.14 -29.01
CA PHE A 810 -20.63 4.93 -29.41
C PHE A 810 -20.35 5.67 -30.71
N ASN A 811 -19.30 5.22 -31.42
CA ASN A 811 -19.00 5.69 -32.77
C ASN A 811 -20.11 5.33 -33.76
N PRO A 812 -20.63 6.35 -34.47
CA PRO A 812 -21.59 6.12 -35.54
C PRO A 812 -20.93 5.32 -36.67
N PRO A 813 -21.74 4.62 -37.49
CA PRO A 813 -21.23 3.84 -38.62
C PRO A 813 -20.41 4.68 -39.60
N ASP A 814 -19.35 4.07 -40.13
CA ASP A 814 -18.50 4.69 -41.15
C ASP A 814 -19.30 5.04 -42.41
N LEU A 815 -18.61 5.46 -43.48
CA LEU A 815 -19.32 6.04 -44.59
C LEU A 815 -19.37 5.21 -45.86
N ASP A 816 -18.19 4.86 -46.38
CA ASP A 816 -18.10 3.99 -47.56
C ASP A 816 -18.65 2.59 -47.24
N ILE A 817 -19.14 2.45 -46.01
CA ILE A 817 -19.62 1.19 -45.42
C ILE A 817 -20.32 0.27 -46.41
N MET A 818 -21.34 0.79 -47.09
CA MET A 818 -22.13 -0.03 -47.99
C MET A 818 -21.82 0.20 -49.47
N ASP A 819 -20.64 0.75 -49.75
CA ASP A 819 -20.24 0.99 -51.13
C ASP A 819 -19.09 0.14 -51.64
N ARG A 820 -18.60 -0.74 -50.78
CA ARG A 820 -17.48 -1.61 -51.14
C ARG A 820 -18.02 -3.02 -51.35
N PRO A 821 -17.20 -3.93 -51.89
CA PRO A 821 -17.63 -5.32 -52.05
C PRO A 821 -17.52 -6.08 -50.73
N PRO A 822 -18.22 -7.23 -50.60
CA PRO A 822 -18.22 -7.90 -49.32
C PRO A 822 -16.81 -8.29 -48.93
N ARG A 823 -16.47 -8.01 -47.68
CA ARG A 823 -15.17 -8.37 -47.11
C ARG A 823 -14.98 -9.88 -47.24
N SER A 824 -13.75 -10.30 -47.55
CA SER A 824 -13.43 -11.71 -47.54
C SER A 824 -13.20 -12.22 -46.12
N PRO A 825 -13.80 -13.36 -45.76
CA PRO A 825 -13.55 -13.91 -44.45
C PRO A 825 -12.10 -14.39 -44.37
N LYS A 826 -11.41 -14.34 -45.51
CA LYS A 826 -10.04 -14.80 -45.65
C LYS A 826 -9.01 -13.74 -45.24
N GLU A 827 -9.22 -12.49 -45.66
CA GLU A 827 -8.27 -11.42 -45.37
C GLU A 827 -8.07 -11.23 -43.86
N PRO A 828 -6.81 -11.03 -43.42
CA PRO A 828 -6.44 -10.89 -42.01
C PRO A 828 -6.98 -9.61 -41.38
N LEU A 829 -7.04 -9.58 -40.06
CA LEU A 829 -7.58 -8.43 -39.34
C LEU A 829 -6.63 -7.26 -39.42
N ILE A 830 -5.46 -7.41 -38.81
CA ILE A 830 -4.45 -6.38 -38.85
C ILE A 830 -3.55 -6.62 -40.06
N SER A 831 -3.69 -5.74 -41.05
CA SER A 831 -2.92 -5.82 -42.28
C SER A 831 -1.56 -5.15 -42.10
N GLY A 832 -0.66 -5.36 -43.07
CA GLY A 832 0.66 -4.73 -43.05
C GLY A 832 0.58 -3.22 -42.95
N TRP A 833 -0.24 -2.62 -43.82
CA TRP A 833 -0.45 -1.17 -43.80
C TRP A 833 -0.96 -0.72 -42.47
N LEU A 834 -1.91 -1.46 -41.92
CA LEU A 834 -2.49 -1.14 -40.64
C LEU A 834 -1.41 -1.15 -39.53
N PHE A 835 -0.56 -2.17 -39.53
CA PHE A 835 0.51 -2.28 -38.54
C PHE A 835 1.42 -1.06 -38.58
N PHE A 836 1.90 -0.75 -39.77
CA PHE A 836 2.66 0.46 -40.01
C PHE A 836 1.95 1.71 -39.47
N ARG A 837 0.63 1.73 -39.58
CA ARG A 837 -0.20 2.81 -39.08
C ARG A 837 -0.18 2.87 -37.55
N TYR A 838 -0.12 1.68 -36.92
CA TYR A 838 -0.12 1.57 -35.46
C TYR A 838 1.22 2.01 -34.88
N MET A 839 2.30 1.57 -35.52
CA MET A 839 3.65 1.94 -35.11
C MET A 839 3.84 3.44 -35.25
N ALA A 840 3.54 3.97 -36.44
CA ALA A 840 3.68 5.40 -36.72
C ALA A 840 3.10 6.27 -35.62
N ILE A 841 1.78 6.27 -35.48
CA ILE A 841 1.11 7.03 -34.43
C ILE A 841 1.67 6.69 -33.05
N GLY A 842 1.86 5.39 -32.79
CA GLY A 842 2.36 4.91 -31.51
C GLY A 842 3.72 5.48 -31.19
N GLY A 843 4.70 5.07 -31.99
CA GLY A 843 6.09 5.54 -31.86
C GLY A 843 6.20 7.05 -31.84
N TYR A 844 5.25 7.72 -32.48
CA TYR A 844 5.21 9.16 -32.42
C TYR A 844 4.83 9.69 -31.04
N VAL A 845 3.70 9.25 -30.47
CA VAL A 845 3.28 9.81 -29.17
C VAL A 845 4.34 9.59 -28.12
N GLY A 846 5.06 8.46 -28.20
CA GLY A 846 6.16 8.16 -27.29
C GLY A 846 7.28 9.18 -27.38
N ALA A 847 7.76 9.38 -28.61
CA ALA A 847 8.72 10.43 -28.94
C ALA A 847 8.27 11.80 -28.43
N ALA A 848 6.99 12.13 -28.61
CA ALA A 848 6.44 13.40 -28.19
C ALA A 848 6.35 13.58 -26.66
N THR A 849 6.45 12.47 -25.93
CA THR A 849 6.34 12.48 -24.47
C THR A 849 7.73 12.69 -23.86
N VAL A 850 8.72 11.97 -24.37
CA VAL A 850 10.12 12.11 -23.93
C VAL A 850 10.71 13.43 -24.42
N GLY A 851 10.23 13.88 -25.58
CA GLY A 851 10.55 15.20 -26.12
C GLY A 851 9.98 16.32 -25.25
N ALA A 852 8.73 16.15 -24.82
CA ALA A 852 8.06 17.12 -23.93
C ALA A 852 8.89 17.44 -22.69
N ALA A 853 9.59 16.42 -22.19
CA ALA A 853 10.58 16.55 -21.14
C ALA A 853 11.88 17.18 -21.67
N ALA A 854 12.41 16.65 -22.78
CA ALA A 854 13.60 17.18 -23.43
C ALA A 854 13.50 18.70 -23.65
N TRP A 855 12.31 19.19 -23.96
CA TRP A 855 12.08 20.62 -24.17
C TRP A 855 12.26 21.46 -22.93
N TRP A 856 11.94 20.91 -21.76
CA TRP A 856 12.15 21.60 -20.49
C TRP A 856 13.60 21.62 -20.11
N PHE A 857 14.42 20.87 -20.84
CA PHE A 857 15.86 20.85 -20.59
C PHE A 857 16.64 21.45 -21.76
N MET A 858 16.93 20.63 -22.78
CA MET A 858 17.73 21.06 -23.94
C MET A 858 17.32 22.40 -24.57
N TYR A 859 16.02 22.57 -24.81
CA TYR A 859 15.47 23.77 -25.44
C TYR A 859 14.71 24.58 -24.38
N ALA A 860 14.89 24.22 -23.13
CA ALA A 860 14.21 24.83 -21.97
C ALA A 860 13.98 26.30 -22.13
N GLU A 861 12.73 26.66 -22.37
CA GLU A 861 12.37 28.06 -22.49
C GLU A 861 11.64 28.52 -21.22
N ASP A 862 12.01 29.71 -20.74
CA ASP A 862 11.46 30.31 -19.51
C ASP A 862 11.49 29.33 -18.32
N GLY A 863 12.42 28.38 -18.38
CA GLY A 863 12.53 27.37 -17.34
C GLY A 863 13.97 26.96 -17.15
N PRO A 864 14.30 26.49 -15.92
CA PRO A 864 15.61 25.93 -15.54
C PRO A 864 16.11 24.83 -16.50
N GLY A 865 17.04 24.00 -16.03
CA GLY A 865 17.70 23.02 -16.89
C GLY A 865 18.58 23.74 -17.89
N VAL A 866 18.01 24.06 -19.05
CA VAL A 866 18.68 24.77 -20.16
C VAL A 866 19.99 24.10 -20.63
N THR A 867 20.23 22.86 -20.19
CA THR A 867 21.44 22.12 -20.53
C THR A 867 21.37 21.60 -21.95
N TYR A 868 21.68 22.47 -22.91
CA TYR A 868 21.54 22.17 -24.35
C TYR A 868 22.02 20.77 -24.75
N HIS A 869 23.05 20.27 -24.08
CA HIS A 869 23.62 18.99 -24.44
C HIS A 869 23.85 18.15 -23.23
N GLN A 870 24.18 16.88 -23.46
CA GLN A 870 24.65 15.95 -22.44
C GLN A 870 23.71 15.77 -21.24
N LEU A 871 22.51 16.31 -21.36
CA LEU A 871 21.40 15.97 -20.48
C LEU A 871 21.35 14.44 -20.35
N THR A 872 21.91 13.79 -21.37
CA THR A 872 22.15 12.35 -21.38
C THR A 872 22.78 11.85 -20.09
N HIS A 873 24.03 12.25 -19.83
CA HIS A 873 24.75 11.76 -18.67
C HIS A 873 24.48 12.56 -17.44
N PHE A 874 23.27 12.38 -16.89
CA PHE A 874 22.83 13.12 -15.73
C PHE A 874 23.28 12.46 -14.43
N MET A 875 23.81 11.24 -14.53
CA MET A 875 24.25 10.49 -13.35
C MET A 875 25.61 10.97 -12.86
N GLN A 876 26.45 11.35 -13.82
CA GLN A 876 27.74 11.91 -13.49
C GLN A 876 27.59 13.42 -13.33
N CYS A 877 26.65 13.83 -12.48
CA CYS A 877 26.46 15.24 -12.16
C CYS A 877 26.97 15.54 -10.75
N THR A 878 26.60 14.69 -9.79
CA THR A 878 27.06 14.84 -8.41
C THR A 878 28.59 14.69 -8.35
N GLU A 879 29.08 13.64 -9.01
CA GLU A 879 30.50 13.30 -9.04
C GLU A 879 31.33 14.22 -9.97
N ASP A 880 31.22 13.98 -11.27
CA ASP A 880 31.99 14.68 -12.29
C ASP A 880 31.33 16.02 -12.65
N HIS A 881 31.40 16.97 -11.72
CA HIS A 881 30.74 18.27 -11.95
C HIS A 881 31.61 19.44 -12.41
N PRO A 882 32.79 19.17 -13.03
CA PRO A 882 33.47 20.30 -13.68
C PRO A 882 32.76 20.77 -14.96
N HIS A 883 31.57 20.24 -15.21
CA HIS A 883 30.80 20.58 -16.40
C HIS A 883 29.58 21.40 -16.08
N PHE A 884 29.13 21.34 -14.83
CA PHE A 884 27.96 22.11 -14.39
C PHE A 884 28.25 23.62 -14.45
N GLU A 885 27.24 24.37 -14.89
CA GLU A 885 27.34 25.83 -14.94
C GLU A 885 26.12 26.47 -14.30
N GLY A 886 26.21 26.68 -12.99
CA GLY A 886 25.12 27.29 -12.19
C GLY A 886 23.88 26.41 -12.05
N LEU A 887 24.05 25.12 -12.34
CA LEU A 887 22.94 24.16 -12.37
C LEU A 887 23.02 23.13 -11.24
N ASP A 888 22.00 23.15 -10.37
CA ASP A 888 21.86 22.21 -9.26
C ASP A 888 21.49 20.83 -9.81
N CYS A 889 22.32 19.83 -9.51
CA CYS A 889 22.09 18.47 -10.03
C CYS A 889 20.71 17.93 -9.69
N GLU A 890 20.22 18.27 -8.50
CA GLU A 890 18.90 17.86 -8.03
C GLU A 890 17.73 18.37 -8.91
N ILE A 891 18.06 19.07 -10.00
CA ILE A 891 17.04 19.49 -10.98
C ILE A 891 16.49 18.31 -11.80
N PHE A 892 17.31 17.26 -11.98
CA PHE A 892 16.85 16.05 -12.69
C PHE A 892 15.64 15.38 -12.03
N GLU A 893 15.28 15.89 -10.86
CA GLU A 893 14.09 15.46 -10.14
C GLU A 893 13.13 16.65 -9.99
N ALA A 894 13.16 17.56 -10.96
CA ALA A 894 12.24 18.70 -10.99
C ALA A 894 10.83 18.18 -11.30
N PRO A 895 9.81 18.78 -10.66
CA PRO A 895 8.41 18.37 -10.91
C PRO A 895 7.80 19.01 -12.16
N GLU A 896 8.64 19.32 -13.14
CA GLU A 896 8.22 20.06 -14.34
C GLU A 896 8.29 19.19 -15.60
N PRO A 897 9.47 18.57 -15.88
CA PRO A 897 9.59 17.69 -17.05
C PRO A 897 8.63 16.52 -16.98
N MET A 898 8.32 16.13 -15.75
CA MET A 898 7.36 15.07 -15.48
C MET A 898 5.95 15.57 -15.78
N THR A 899 5.65 16.79 -15.34
CA THR A 899 4.36 17.42 -15.64
C THR A 899 4.20 17.72 -17.12
N MET A 900 5.31 17.79 -17.84
CA MET A 900 5.27 17.91 -19.30
C MET A 900 4.81 16.60 -19.94
N ALA A 901 5.61 15.56 -19.77
CA ALA A 901 5.32 14.24 -20.31
C ALA A 901 3.87 13.84 -20.08
N LEU A 902 3.43 13.88 -18.81
CA LEU A 902 2.05 13.53 -18.46
C LEU A 902 1.09 14.47 -19.17
N SER A 903 1.32 15.77 -19.02
CA SER A 903 0.43 16.76 -19.61
C SER A 903 0.43 16.72 -21.15
N VAL A 904 1.34 15.96 -21.74
CA VAL A 904 1.40 15.80 -23.19
C VAL A 904 0.75 14.49 -23.63
N LEU A 905 1.23 13.38 -23.08
CA LEU A 905 0.69 12.05 -23.33
C LEU A 905 -0.84 12.04 -23.27
N VAL A 906 -1.39 12.58 -22.18
CA VAL A 906 -2.83 12.64 -21.97
C VAL A 906 -3.55 13.38 -23.10
N THR A 907 -3.02 14.53 -23.48
CA THR A 907 -3.68 15.35 -24.50
C THR A 907 -3.60 14.70 -25.87
N ILE A 908 -2.47 14.04 -26.15
CA ILE A 908 -2.31 13.31 -27.40
C ILE A 908 -3.26 12.10 -27.49
N GLU A 909 -3.60 11.50 -26.35
CA GLU A 909 -4.56 10.39 -26.34
C GLU A 909 -5.96 10.86 -26.72
N MET A 910 -6.38 12.00 -26.17
CA MET A 910 -7.64 12.62 -26.59
C MET A 910 -7.66 12.86 -28.08
N CYS A 911 -6.54 13.35 -28.60
CA CYS A 911 -6.39 13.55 -30.03
C CYS A 911 -6.52 12.24 -30.75
N ASN A 912 -5.76 11.24 -30.31
CA ASN A 912 -5.76 9.95 -30.98
C ASN A 912 -7.15 9.32 -30.97
N ALA A 913 -7.91 9.56 -29.91
CA ALA A 913 -9.30 9.13 -29.83
C ALA A 913 -10.15 9.77 -30.94
N LEU A 914 -9.89 11.04 -31.25
CA LEU A 914 -10.62 11.71 -32.33
C LEU A 914 -10.21 11.18 -33.71
N ASN A 915 -8.99 10.65 -33.78
CA ASN A 915 -8.55 9.97 -35.00
C ASN A 915 -9.31 8.66 -35.19
N SER A 916 -9.78 8.12 -34.06
CA SER A 916 -10.48 6.85 -34.02
C SER A 916 -12.01 7.05 -34.06
N LEU A 917 -12.48 8.06 -34.81
CA LEU A 917 -13.91 8.17 -35.09
C LEU A 917 -14.24 7.37 -36.33
N SER A 918 -13.43 7.54 -37.37
CA SER A 918 -13.59 6.77 -38.59
C SER A 918 -12.29 6.04 -38.87
N GLU A 919 -12.38 4.87 -39.50
CA GLU A 919 -11.21 4.09 -39.81
C GLU A 919 -10.36 4.76 -40.89
N ASN A 920 -11.00 5.47 -41.82
CA ASN A 920 -10.28 6.14 -42.90
C ASN A 920 -10.74 7.57 -43.17
N GLN A 921 -11.91 7.94 -42.67
CA GLN A 921 -12.50 9.21 -43.01
C GLN A 921 -11.97 10.37 -42.19
N SER A 922 -11.59 11.44 -42.90
CA SER A 922 -11.06 12.68 -42.34
C SER A 922 -12.01 13.30 -41.34
N LEU A 923 -11.43 14.02 -40.38
CA LEU A 923 -12.22 14.71 -39.36
C LEU A 923 -13.04 15.84 -39.99
N MET A 924 -12.73 16.17 -41.24
CA MET A 924 -13.50 17.17 -41.98
C MET A 924 -14.65 16.52 -42.74
N ARG A 925 -14.46 15.26 -43.10
CA ARG A 925 -15.51 14.42 -43.67
C ARG A 925 -16.35 13.85 -42.52
N MET A 926 -15.69 13.60 -41.38
CA MET A 926 -16.32 13.05 -40.19
C MET A 926 -16.01 13.94 -38.98
N PRO A 927 -16.81 15.00 -38.80
CA PRO A 927 -16.63 15.99 -37.73
C PRO A 927 -16.52 15.34 -36.35
N PRO A 928 -15.60 15.85 -35.49
CA PRO A 928 -15.39 15.31 -34.14
C PRO A 928 -16.61 15.41 -33.24
N TRP A 929 -17.47 16.38 -33.50
CA TRP A 929 -18.72 16.54 -32.76
C TRP A 929 -19.76 15.53 -33.17
N VAL A 930 -19.33 14.48 -33.86
CA VAL A 930 -20.21 13.39 -34.28
C VAL A 930 -20.44 12.38 -33.14
N ASN A 931 -19.41 12.14 -32.35
CA ASN A 931 -19.51 11.30 -31.17
C ASN A 931 -19.45 12.15 -29.91
N ILE A 932 -20.62 12.62 -29.48
CA ILE A 932 -20.75 13.48 -28.30
C ILE A 932 -20.23 12.80 -27.03
N TRP A 933 -20.43 11.49 -26.94
CA TRP A 933 -19.98 10.74 -25.79
C TRP A 933 -18.48 10.78 -25.64
N LEU A 934 -17.75 10.52 -26.73
CA LEU A 934 -16.31 10.67 -26.72
C LEU A 934 -15.95 12.09 -26.33
N LEU A 935 -16.58 13.05 -26.98
CA LEU A 935 -16.36 14.46 -26.71
C LEU A 935 -16.58 14.77 -25.23
N GLY A 936 -17.63 14.19 -24.65
CA GLY A 936 -17.88 14.26 -23.21
C GLY A 936 -16.77 13.62 -22.37
N SER A 937 -16.24 12.50 -22.85
CA SER A 937 -15.14 11.80 -22.20
C SER A 937 -13.89 12.66 -22.20
N ILE A 938 -13.71 13.45 -23.26
CA ILE A 938 -12.56 14.35 -23.37
C ILE A 938 -12.57 15.41 -22.27
N CYS A 939 -13.74 16.01 -22.03
CA CYS A 939 -13.91 17.00 -20.95
C CYS A 939 -13.55 16.42 -19.59
N LEU A 940 -14.20 15.32 -19.21
CA LEU A 940 -13.96 14.68 -17.92
C LEU A 940 -12.50 14.26 -17.73
N SER A 941 -11.89 13.72 -18.78
CA SER A 941 -10.48 13.32 -18.74
C SER A 941 -9.57 14.50 -18.41
N MET A 942 -9.90 15.66 -18.97
CA MET A 942 -9.13 16.89 -18.77
C MET A 942 -9.45 17.49 -17.40
N SER A 943 -10.68 17.26 -16.93
CA SER A 943 -11.13 17.69 -15.59
C SER A 943 -10.33 17.00 -14.49
N LEU A 944 -10.11 15.70 -14.66
CA LEU A 944 -9.28 14.93 -13.74
C LEU A 944 -7.81 15.36 -13.80
N HIS A 945 -7.31 15.65 -14.99
CA HIS A 945 -5.92 16.07 -15.18
C HIS A 945 -5.60 17.39 -14.53
N PHE A 946 -6.45 18.39 -14.76
CA PHE A 946 -6.29 19.69 -14.12
C PHE A 946 -6.35 19.57 -12.59
N LEU A 947 -7.33 18.84 -12.09
CA LEU A 947 -7.52 18.62 -10.66
C LEU A 947 -6.35 17.88 -9.99
N ILE A 948 -5.79 16.89 -10.67
CA ILE A 948 -4.63 16.18 -10.15
C ILE A 948 -3.36 17.05 -10.17
N LEU A 949 -3.49 18.28 -10.66
CA LEU A 949 -2.38 19.23 -10.69
C LEU A 949 -2.63 20.46 -9.81
N TYR A 950 -3.88 20.66 -9.41
CA TYR A 950 -4.27 21.90 -8.73
C TYR A 950 -4.82 21.71 -7.30
N VAL A 951 -5.24 20.49 -6.94
CA VAL A 951 -5.65 20.25 -5.56
C VAL A 951 -4.45 19.71 -4.77
N ASP A 952 -3.94 20.56 -3.87
CA ASP A 952 -2.62 20.39 -3.20
C ASP A 952 -2.14 18.98 -2.78
N PRO A 953 -3.01 18.18 -2.11
CA PRO A 953 -2.57 16.81 -1.80
C PRO A 953 -2.09 16.03 -3.03
N LEU A 954 -2.74 16.28 -4.17
CA LEU A 954 -2.53 15.52 -5.41
C LEU A 954 -1.17 15.78 -6.08
N PRO A 955 -0.96 16.97 -6.69
CA PRO A 955 0.25 17.15 -7.50
C PRO A 955 1.52 16.82 -6.73
N MET A 956 1.44 16.92 -5.40
CA MET A 956 2.51 16.53 -4.51
C MET A 956 2.81 15.04 -4.67
N ILE A 957 1.84 14.20 -4.30
CA ILE A 957 1.99 12.75 -4.35
C ILE A 957 2.36 12.24 -5.75
N PHE A 958 1.97 13.00 -6.76
CA PHE A 958 2.18 12.60 -8.16
C PHE A 958 3.45 13.14 -8.82
N LYS A 959 4.26 13.87 -8.06
CA LYS A 959 5.52 14.40 -8.58
C LYS A 959 5.22 15.37 -9.74
N LEU A 960 4.33 16.32 -9.47
CA LEU A 960 3.81 17.21 -10.50
C LEU A 960 3.64 18.67 -10.04
N LYS A 961 3.94 19.61 -10.95
CA LYS A 961 3.73 21.04 -10.72
C LYS A 961 2.92 21.69 -11.85
N ALA A 962 1.86 22.41 -11.48
CA ALA A 962 0.97 23.09 -12.42
C ALA A 962 1.73 24.01 -13.38
N LEU A 963 1.50 23.84 -14.68
CA LEU A 963 2.27 24.55 -15.69
C LEU A 963 1.61 25.85 -16.17
N ASP A 964 2.39 26.68 -16.86
CA ASP A 964 1.95 28.02 -17.25
C ASP A 964 1.43 28.08 -18.67
N LEU A 965 0.40 28.91 -18.88
CA LEU A 965 -0.33 29.04 -20.15
C LEU A 965 0.54 28.98 -21.42
N THR A 966 1.73 29.56 -21.36
CA THR A 966 2.67 29.50 -22.46
C THR A 966 3.14 28.08 -22.74
N GLN A 967 3.49 27.37 -21.68
CA GLN A 967 3.98 25.99 -21.78
C GLN A 967 2.87 25.03 -22.21
N TRP A 968 1.63 25.37 -21.85
CA TRP A 968 0.44 24.68 -22.33
C TRP A 968 0.31 24.78 -23.81
N LEU A 969 0.65 25.95 -24.35
CA LEU A 969 0.67 26.19 -25.79
C LEU A 969 1.76 25.35 -26.45
N MET A 970 2.82 25.08 -25.70
CA MET A 970 3.84 24.17 -26.19
C MET A 970 3.29 22.74 -26.25
N VAL A 971 2.55 22.33 -25.22
CA VAL A 971 1.89 21.02 -25.21
C VAL A 971 1.08 20.84 -26.49
N LEU A 972 0.17 21.77 -26.76
CA LEU A 972 -0.62 21.75 -27.97
C LEU A 972 0.27 21.66 -29.20
N LYS A 973 1.19 22.62 -29.34
CA LYS A 973 2.16 22.69 -30.44
C LYS A 973 3.01 21.40 -30.59
N ILE A 974 2.78 20.43 -29.71
CA ILE A 974 3.53 19.17 -29.69
C ILE A 974 2.60 17.95 -29.81
N SER A 975 1.35 18.10 -29.35
CA SER A 975 0.37 17.01 -29.39
C SER A 975 -0.35 16.99 -30.73
N LEU A 976 -0.95 18.12 -31.09
CA LEU A 976 -1.80 18.28 -32.30
C LEU A 976 -1.26 17.80 -33.64
N PRO A 977 0.09 17.76 -33.83
CA PRO A 977 0.60 17.12 -35.05
C PRO A 977 0.33 15.61 -35.17
N VAL A 978 -0.30 15.01 -34.17
CA VAL A 978 -0.77 13.64 -34.29
C VAL A 978 -2.01 13.61 -35.21
N ILE A 979 -2.97 14.50 -34.96
CA ILE A 979 -4.10 14.74 -35.86
C ILE A 979 -3.64 14.75 -37.32
N GLY A 980 -2.68 15.61 -37.62
CA GLY A 980 -2.10 15.74 -38.95
C GLY A 980 -1.47 14.46 -39.45
N LEU A 981 -0.75 13.74 -38.57
CA LEU A 981 -0.04 12.54 -38.99
C LEU A 981 -1.01 11.45 -39.48
N ASP A 982 -2.00 11.15 -38.65
CA ASP A 982 -3.01 10.17 -38.98
C ASP A 982 -3.74 10.61 -40.23
N GLU A 983 -4.10 11.89 -40.26
CA GLU A 983 -4.82 12.49 -41.38
C GLU A 983 -4.09 12.26 -42.69
N ILE A 984 -2.77 12.23 -42.62
CA ILE A 984 -1.90 11.96 -43.75
C ILE A 984 -2.05 10.48 -44.14
N LEU A 985 -1.77 9.60 -43.20
CA LEU A 985 -1.91 8.16 -43.42
C LEU A 985 -3.30 7.76 -43.93
N LYS A 986 -4.35 8.33 -43.34
CA LYS A 986 -5.74 8.17 -43.80
C LYS A 986 -5.88 8.54 -45.27
N PHE A 987 -5.41 9.73 -45.64
CA PHE A 987 -5.44 10.19 -47.02
C PHE A 987 -4.68 9.24 -47.95
N ILE A 988 -3.66 8.58 -47.42
CA ILE A 988 -2.91 7.61 -48.19
C ILE A 988 -3.72 6.34 -48.46
N ALA A 989 -4.23 5.71 -47.41
CA ALA A 989 -5.06 4.51 -47.56
C ALA A 989 -6.32 4.82 -48.37
N ARG A 990 -6.87 6.01 -48.14
CA ARG A 990 -8.12 6.41 -48.74
C ARG A 990 -7.98 6.67 -50.24
N ASN A 991 -6.81 7.14 -50.66
CA ASN A 991 -6.60 7.53 -52.04
C ASN A 991 -5.65 6.64 -52.83
N TYR A 992 -4.85 5.85 -52.12
CA TYR A 992 -3.84 4.98 -52.76
C TYR A 992 -4.12 3.49 -52.58
N LEU A 993 -4.50 3.11 -51.37
CA LEU A 993 -4.84 1.72 -51.09
C LEU A 993 -6.34 1.60 -50.90
N GLU A 994 -7.10 2.20 -51.82
CA GLU A 994 -8.57 2.28 -51.72
C GLU A 994 -9.18 1.08 -50.99
N GLY A 995 -8.79 -0.12 -51.40
CA GLY A 995 -9.21 -1.37 -50.76
C GLY A 995 -8.16 -2.45 -50.82
N MET B 2 49.79 27.35 8.35
CA MET B 2 51.24 27.64 8.18
C MET B 2 52.10 26.39 8.31
N GLU B 3 53.40 26.57 8.19
CA GLU B 3 54.38 25.50 8.36
C GLU B 3 55.52 26.08 9.18
N ALA B 4 56.30 25.20 9.83
CA ALA B 4 57.47 25.58 10.64
C ALA B 4 57.40 26.98 11.25
N ALA B 5 56.29 27.26 11.94
CA ALA B 5 56.04 28.56 12.56
C ALA B 5 57.00 28.81 13.73
N HIS B 6 57.61 27.73 14.22
CA HIS B 6 58.59 27.77 15.31
C HIS B 6 59.91 28.29 14.82
N SER B 7 60.21 28.01 13.56
CA SER B 7 61.41 28.46 12.88
C SER B 7 61.32 29.96 12.57
N LYS B 8 60.12 30.44 12.30
CA LYS B 8 59.87 31.85 12.02
C LYS B 8 59.78 32.71 13.29
N SER B 9 59.97 34.02 13.15
CA SER B 9 59.82 34.98 14.26
C SER B 9 58.35 35.35 14.43
N THR B 10 58.02 35.99 15.55
CA THR B 10 56.63 36.35 15.87
C THR B 10 55.96 37.17 14.76
N GLU B 11 56.70 38.15 14.24
CA GLU B 11 56.22 39.01 13.15
C GLU B 11 56.08 38.27 11.84
N GLU B 12 57.07 37.43 11.53
CA GLU B 12 57.06 36.61 10.32
C GLU B 12 55.80 35.74 10.26
N CYS B 13 55.19 35.51 11.42
CA CYS B 13 53.97 34.74 11.54
C CYS B 13 52.72 35.64 11.40
N LEU B 14 52.74 36.77 12.09
CA LEU B 14 51.67 37.79 11.98
C LEU B 14 51.57 38.23 10.53
N ALA B 15 52.73 38.39 9.90
CA ALA B 15 52.85 38.71 8.48
C ALA B 15 52.22 37.62 7.62
N TYR B 16 52.78 36.41 7.69
CA TYR B 16 52.33 35.26 6.87
C TYR B 16 50.80 35.22 6.69
N PHE B 17 50.06 35.43 7.78
CA PHE B 17 48.60 35.42 7.72
C PHE B 17 48.05 36.80 7.39
N GLY B 18 48.76 37.83 7.87
CA GLY B 18 48.36 39.20 7.63
C GLY B 18 47.31 39.60 8.62
N VAL B 19 47.73 39.84 9.85
CA VAL B 19 46.84 40.23 10.95
C VAL B 19 47.64 40.84 12.09
N SER B 20 47.09 41.89 12.71
CA SER B 20 47.74 42.50 13.88
C SER B 20 47.26 41.82 15.15
N GLU B 21 48.15 41.70 16.13
CA GLU B 21 47.85 41.04 17.41
C GLU B 21 46.96 41.89 18.32
N THR B 22 46.26 42.84 17.70
CA THR B 22 45.37 43.75 18.42
C THR B 22 43.98 43.65 17.81
N THR B 23 43.95 43.61 16.47
CA THR B 23 42.71 43.56 15.69
C THR B 23 42.09 42.17 15.77
N GLY B 24 42.92 41.16 15.60
CA GLY B 24 42.44 39.81 15.38
C GLY B 24 41.93 39.68 13.96
N LEU B 25 41.38 38.51 13.64
CA LEU B 25 40.88 38.24 12.29
C LEU B 25 39.61 39.00 11.95
N THR B 26 39.31 39.08 10.66
CA THR B 26 38.13 39.77 10.15
C THR B 26 37.13 38.75 9.57
N PRO B 27 35.81 38.98 9.78
CA PRO B 27 34.75 38.08 9.27
C PRO B 27 35.00 37.50 7.88
N ASP B 28 35.71 38.26 7.06
CA ASP B 28 36.14 37.83 5.73
C ASP B 28 37.18 36.71 5.82
N GLN B 29 38.37 37.05 6.31
CA GLN B 29 39.46 36.09 6.52
C GLN B 29 38.94 34.84 7.22
N VAL B 30 38.07 35.06 8.20
CA VAL B 30 37.39 33.98 8.89
C VAL B 30 36.73 33.04 7.88
N LYS B 31 35.82 33.56 7.05
CA LYS B 31 35.14 32.73 6.06
C LYS B 31 36.09 32.16 5.00
N ARG B 32 37.12 32.94 4.68
CA ARG B 32 38.16 32.55 3.73
C ARG B 32 38.94 31.33 4.25
N HIS B 33 39.58 31.49 5.42
CA HIS B 33 40.33 30.42 6.06
C HIS B 33 39.47 29.21 6.30
N LEU B 34 38.26 29.46 6.78
CA LEU B 34 37.26 28.42 7.02
C LEU B 34 37.05 27.54 5.81
N GLU B 35 37.12 28.14 4.62
CA GLU B 35 36.94 27.40 3.38
C GLU B 35 38.27 26.86 2.82
N LYS B 36 39.35 27.61 3.03
CA LYS B 36 40.67 27.19 2.55
C LYS B 36 41.27 26.09 3.41
N TYR B 37 40.94 26.11 4.70
CA TYR B 37 41.54 25.17 5.65
C TYR B 37 40.55 24.17 6.24
N GLY B 38 39.33 24.63 6.52
CA GLY B 38 38.31 23.80 7.17
C GLY B 38 38.28 24.02 8.67
N HIS B 39 37.23 23.50 9.31
CA HIS B 39 37.05 23.60 10.76
C HIS B 39 38.18 22.94 11.52
N ASN B 40 38.50 23.50 12.68
CA ASN B 40 39.55 22.94 13.54
C ASN B 40 39.06 21.70 14.29
N GLU B 41 39.28 20.54 13.68
CA GLU B 41 38.83 19.25 14.22
C GLU B 41 39.35 18.07 13.40
N LEU B 42 39.11 16.86 13.90
CA LEU B 42 39.52 15.65 13.19
C LEU B 42 38.37 15.18 12.28
N PRO B 43 38.70 14.52 11.15
CA PRO B 43 37.67 14.08 10.17
C PRO B 43 36.64 13.12 10.76
N ALA B 44 35.38 13.54 10.76
CA ALA B 44 34.27 12.75 11.32
C ALA B 44 34.18 11.39 10.61
N GLU B 45 34.84 10.39 11.19
CA GLU B 45 35.00 9.07 10.58
C GLU B 45 33.70 8.43 10.08
N GLU B 46 33.83 7.67 8.99
CA GLU B 46 32.72 6.96 8.37
C GLU B 46 31.92 6.12 9.36
N GLY B 47 32.48 4.98 9.78
CA GLY B 47 31.83 4.10 10.74
C GLY B 47 31.59 2.70 10.23
N LYS B 48 30.31 2.32 10.13
CA LYS B 48 29.92 1.01 9.59
C LYS B 48 28.47 1.01 9.09
N SER B 49 28.12 0.03 8.28
CA SER B 49 26.79 -0.08 7.69
C SER B 49 25.95 -1.17 8.33
N LEU B 50 24.64 -1.02 8.22
CA LEU B 50 23.66 -2.01 8.68
C LEU B 50 23.96 -3.37 8.04
N TRP B 51 24.08 -3.38 6.72
CA TRP B 51 24.38 -4.58 5.93
C TRP B 51 25.54 -5.34 6.51
N GLU B 52 26.66 -4.63 6.70
CA GLU B 52 27.93 -5.22 7.15
C GLU B 52 27.87 -5.92 8.50
N LEU B 53 27.12 -5.33 9.42
CA LEU B 53 27.06 -5.81 10.80
C LEU B 53 26.26 -7.10 10.93
N VAL B 54 25.17 -7.20 10.15
CA VAL B 54 24.36 -8.41 10.06
C VAL B 54 25.19 -9.59 9.56
N ILE B 55 26.00 -9.32 8.54
CA ILE B 55 26.92 -10.31 7.98
C ILE B 55 27.87 -10.78 9.06
N GLU B 56 28.53 -9.83 9.72
CA GLU B 56 29.50 -10.09 10.78
C GLU B 56 28.88 -10.88 11.92
N GLN B 57 27.58 -10.69 12.12
CA GLN B 57 26.84 -11.48 13.07
C GLN B 57 26.78 -12.95 12.65
N PHE B 58 26.55 -13.17 11.35
CA PHE B 58 26.47 -14.52 10.77
C PHE B 58 27.85 -15.16 10.57
N GLU B 59 28.79 -14.81 11.45
CA GLU B 59 30.13 -15.38 11.44
C GLU B 59 30.33 -16.38 12.58
N ASP B 60 29.27 -16.65 13.33
CA ASP B 60 29.35 -17.60 14.44
C ASP B 60 29.47 -19.01 13.94
N LEU B 61 30.40 -19.75 14.52
CA LEU B 61 30.55 -21.17 14.20
C LEU B 61 29.20 -21.85 14.35
N LEU B 62 28.64 -21.80 15.55
CA LEU B 62 27.35 -22.42 15.87
C LEU B 62 26.25 -22.02 14.91
N VAL B 63 26.16 -20.72 14.64
CA VAL B 63 25.22 -20.19 13.66
C VAL B 63 25.42 -20.85 12.30
N ARG B 64 26.67 -20.87 11.82
CA ARG B 64 27.03 -21.53 10.56
C ARG B 64 26.66 -22.99 10.62
N ILE B 65 27.22 -23.68 11.62
CA ILE B 65 26.98 -25.11 11.86
C ILE B 65 25.51 -25.46 11.75
N LEU B 66 24.67 -24.82 12.57
CA LEU B 66 23.26 -25.10 12.58
C LEU B 66 22.69 -24.93 11.19
N LEU B 67 23.00 -23.80 10.56
CA LEU B 67 22.46 -23.46 9.25
C LEU B 67 22.91 -24.43 8.16
N LEU B 68 24.17 -24.85 8.23
CA LEU B 68 24.73 -25.85 7.30
C LEU B 68 24.06 -27.22 7.45
N ALA B 69 23.85 -27.66 8.69
CA ALA B 69 23.22 -28.94 8.98
C ALA B 69 21.74 -28.96 8.59
N ALA B 70 21.09 -27.79 8.65
CA ALA B 70 19.70 -27.66 8.24
C ALA B 70 19.56 -27.68 6.72
N CYS B 71 20.66 -27.34 6.04
CA CYS B 71 20.72 -27.42 4.58
C CYS B 71 20.94 -28.86 4.11
N ILE B 72 21.82 -29.58 4.81
CA ILE B 72 22.12 -30.98 4.49
C ILE B 72 20.89 -31.87 4.72
N SER B 73 20.24 -31.73 5.88
CA SER B 73 19.03 -32.51 6.21
C SER B 73 17.80 -32.17 5.34
N PHE B 74 17.83 -31.01 4.71
CA PHE B 74 16.83 -30.63 3.72
C PHE B 74 17.20 -31.23 2.34
N VAL B 75 18.49 -31.25 2.04
CA VAL B 75 19.02 -31.86 0.81
C VAL B 75 18.83 -33.39 0.84
N LEU B 76 18.70 -33.96 2.04
CA LEU B 76 18.34 -35.36 2.24
C LEU B 76 16.85 -35.55 2.55
N ALA B 77 16.03 -34.58 2.14
CA ALA B 77 14.58 -34.67 2.24
C ALA B 77 13.96 -35.09 0.90
N TRP B 78 14.82 -35.37 -0.08
CA TRP B 78 14.41 -35.85 -1.40
C TRP B 78 14.64 -37.32 -1.60
N PHE B 79 15.82 -37.80 -1.21
CA PHE B 79 16.32 -39.13 -1.59
C PHE B 79 15.54 -40.35 -1.05
N GLU B 80 15.57 -40.61 0.25
CA GLU B 80 14.75 -41.71 0.81
C GLU B 80 13.29 -41.31 0.96
N GLU B 81 12.44 -41.89 0.12
CA GLU B 81 11.00 -41.60 0.06
C GLU B 81 10.71 -40.13 -0.28
N GLY B 82 10.64 -39.83 -1.57
CA GLY B 82 10.25 -38.49 -2.03
C GLY B 82 8.77 -38.28 -1.83
N GLU B 83 8.39 -37.98 -0.58
CA GLU B 83 6.98 -37.82 -0.20
C GLU B 83 6.59 -36.35 -0.11
N GLU B 84 5.67 -36.02 0.79
CA GLU B 84 5.26 -34.63 1.01
C GLU B 84 6.26 -33.90 1.90
N THR B 85 6.71 -32.73 1.44
CA THR B 85 7.70 -31.94 2.19
C THR B 85 7.22 -30.56 2.69
N ILE B 86 6.66 -29.71 1.80
CA ILE B 86 6.36 -28.28 2.09
C ILE B 86 7.13 -27.67 3.29
N THR B 87 6.78 -28.08 4.52
CA THR B 87 7.43 -27.63 5.76
C THR B 87 8.94 -27.97 5.82
N ALA B 88 9.31 -29.13 5.28
CA ALA B 88 10.70 -29.60 5.25
C ALA B 88 11.59 -28.77 4.31
N PHE B 89 10.99 -28.17 3.28
CA PHE B 89 11.69 -27.17 2.49
C PHE B 89 11.70 -25.83 3.23
N VAL B 90 10.57 -25.48 3.82
CA VAL B 90 10.36 -24.17 4.45
C VAL B 90 11.20 -23.97 5.73
N GLU B 91 11.55 -25.05 6.43
CA GLU B 91 12.34 -24.94 7.66
C GLU B 91 13.63 -24.10 7.51
N PRO B 92 14.57 -24.50 6.62
CA PRO B 92 15.77 -23.69 6.41
C PRO B 92 15.51 -22.18 6.25
N PHE B 93 14.55 -21.81 5.40
CA PHE B 93 14.17 -20.42 5.18
C PHE B 93 13.56 -19.76 6.41
N VAL B 94 12.93 -20.56 7.28
CA VAL B 94 12.40 -20.07 8.54
C VAL B 94 13.56 -19.69 9.47
N ILE B 95 14.44 -20.67 9.74
CA ILE B 95 15.59 -20.48 10.64
C ILE B 95 16.40 -19.21 10.30
N LEU B 96 16.84 -19.10 9.05
CA LEU B 96 17.67 -17.99 8.59
C LEU B 96 16.95 -16.64 8.67
N LEU B 97 15.62 -16.67 8.69
CA LEU B 97 14.86 -15.44 8.82
C LEU B 97 14.68 -15.09 10.30
N ILE B 98 14.48 -16.12 11.13
CA ILE B 98 14.39 -15.94 12.58
C ILE B 98 15.74 -15.42 13.09
N LEU B 99 16.82 -16.05 12.63
CA LEU B 99 18.16 -15.63 12.97
C LEU B 99 18.41 -14.20 12.50
N ILE B 100 18.10 -13.91 11.23
CA ILE B 100 18.29 -12.56 10.67
C ILE B 100 17.66 -11.51 11.58
N ALA B 101 16.38 -11.67 11.91
CA ALA B 101 15.65 -10.72 12.76
C ALA B 101 16.21 -10.68 14.18
N ASN B 102 16.77 -11.79 14.64
CA ASN B 102 17.40 -11.86 15.96
C ASN B 102 18.76 -11.14 16.02
N ALA B 103 19.34 -10.89 14.84
CA ALA B 103 20.60 -10.16 14.71
C ALA B 103 20.34 -8.67 14.48
N ILE B 104 19.32 -8.36 13.67
CA ILE B 104 18.93 -6.97 13.42
C ILE B 104 18.70 -6.26 14.74
N VAL B 105 17.98 -6.93 15.65
CA VAL B 105 17.74 -6.40 16.99
C VAL B 105 19.05 -6.02 17.69
N GLY B 106 20.07 -6.86 17.56
CA GLY B 106 21.39 -6.59 18.13
C GLY B 106 22.03 -5.28 17.68
N VAL B 107 21.91 -4.98 16.39
CA VAL B 107 22.41 -3.73 15.83
C VAL B 107 21.74 -2.53 16.50
N TRP B 108 20.42 -2.60 16.67
CA TRP B 108 19.66 -1.58 17.33
C TRP B 108 20.21 -1.32 18.72
N GLN B 109 20.62 -2.38 19.41
CA GLN B 109 21.18 -2.27 20.76
C GLN B 109 22.52 -1.56 20.76
N GLU B 110 23.45 -2.03 19.93
CA GLU B 110 24.78 -1.45 19.85
C GLU B 110 24.78 -0.02 19.32
N ARG B 111 23.96 0.25 18.30
CA ARG B 111 23.76 1.61 17.82
C ARG B 111 23.34 2.48 18.98
N ASN B 112 22.28 2.05 19.68
CA ASN B 112 21.77 2.74 20.85
C ASN B 112 22.85 2.94 21.91
N ALA B 113 23.67 1.90 22.13
CA ALA B 113 24.77 1.94 23.09
C ALA B 113 25.81 3.01 22.76
N GLU B 114 26.54 2.81 21.65
CA GLU B 114 27.49 3.79 21.12
C GLU B 114 26.92 5.22 21.15
N ASN B 115 25.66 5.35 20.75
CA ASN B 115 24.95 6.64 20.70
C ASN B 115 24.99 7.46 21.97
N ALA B 116 24.36 6.95 23.03
CA ALA B 116 24.35 7.66 24.32
C ALA B 116 25.76 8.04 24.80
N ILE B 117 26.69 7.09 24.74
CA ILE B 117 28.10 7.31 25.15
C ILE B 117 28.70 8.50 24.40
N GLU B 118 28.57 8.47 23.08
CA GLU B 118 29.01 9.55 22.22
C GLU B 118 28.31 10.85 22.64
N ALA B 119 26.96 10.80 22.66
CA ALA B 119 26.10 11.96 22.94
C ALA B 119 26.37 12.72 24.23
N LEU B 120 27.32 12.22 25.04
CA LEU B 120 27.72 12.91 26.27
C LEU B 120 28.64 14.09 25.97
N LYS B 121 29.51 13.93 24.99
CA LYS B 121 30.41 15.00 24.56
C LYS B 121 29.62 16.23 24.12
N GLU B 122 28.41 16.00 23.61
CA GLU B 122 27.41 17.03 23.34
C GLU B 122 27.20 17.95 24.56
N TYR B 123 27.25 17.38 25.76
CA TYR B 123 27.09 18.15 27.00
C TYR B 123 28.28 19.03 27.35
N GLU B 124 29.46 18.66 26.88
CA GLU B 124 30.68 19.37 27.29
C GLU B 124 31.63 19.57 26.11
N PRO B 125 31.34 20.57 25.27
CA PRO B 125 32.13 20.84 24.07
C PRO B 125 33.37 21.69 24.33
N GLU B 126 34.43 21.45 23.55
CA GLU B 126 35.69 22.19 23.67
C GLU B 126 35.60 23.61 23.14
N MET B 127 36.02 24.56 23.96
CA MET B 127 35.93 25.98 23.62
C MET B 127 37.32 26.61 23.43
N GLY B 128 37.33 27.91 23.11
CA GLY B 128 38.58 28.65 22.96
C GLY B 128 38.43 30.17 23.09
N LYS B 129 39.52 30.83 23.47
CA LYS B 129 39.56 32.29 23.61
C LYS B 129 40.28 32.93 22.42
N VAL B 130 39.53 33.56 21.53
CA VAL B 130 40.11 34.25 20.38
C VAL B 130 39.84 35.76 20.34
N TYR B 131 40.72 36.49 19.68
CA TYR B 131 40.50 37.88 19.33
C TYR B 131 40.21 38.00 17.85
N ARG B 132 39.09 38.64 17.53
CA ARG B 132 38.61 38.85 16.17
C ARG B 132 38.20 40.31 15.95
N ALA B 133 37.61 40.58 14.78
CA ALA B 133 37.23 41.94 14.41
C ALA B 133 35.96 42.44 15.10
N ASP B 134 34.98 41.54 15.27
CA ASP B 134 33.65 41.90 15.80
C ASP B 134 33.71 42.89 16.97
N ARG B 135 34.16 42.41 18.13
CA ARG B 135 34.34 43.26 19.30
C ARG B 135 35.83 43.34 19.62
N LYS B 136 36.18 44.22 20.57
CA LYS B 136 37.57 44.39 20.96
C LYS B 136 38.01 43.37 22.00
N SER B 137 37.08 43.00 22.90
CA SER B 137 37.38 42.08 24.01
C SER B 137 37.31 40.60 23.61
N VAL B 138 37.67 39.72 24.55
CA VAL B 138 37.78 38.28 24.31
C VAL B 138 36.44 37.64 23.95
N GLN B 139 36.47 36.76 22.95
CA GLN B 139 35.28 36.03 22.51
C GLN B 139 35.51 34.53 22.72
N ARG B 140 34.63 33.91 23.50
CA ARG B 140 34.70 32.48 23.73
C ARG B 140 33.91 31.74 22.67
N ILE B 141 34.57 30.81 21.98
CA ILE B 141 33.96 30.12 20.84
C ILE B 141 34.23 28.61 20.85
N LYS B 142 33.59 27.88 19.93
CA LYS B 142 33.87 26.45 19.74
C LYS B 142 35.25 26.31 19.10
N ALA B 143 36.03 25.34 19.58
CA ALA B 143 37.38 25.13 19.06
C ALA B 143 37.34 24.81 17.57
N ARG B 144 36.30 24.10 17.14
CA ARG B 144 36.12 23.76 15.72
C ARG B 144 35.94 24.99 14.83
N ASP B 145 35.52 26.10 15.44
CA ASP B 145 35.33 27.36 14.74
C ASP B 145 36.58 28.24 14.77
N ILE B 146 37.73 27.63 15.04
CA ILE B 146 39.00 28.35 15.05
C ILE B 146 39.74 28.14 13.75
N VAL B 147 40.06 29.24 13.08
CA VAL B 147 40.78 29.18 11.80
C VAL B 147 42.27 29.42 12.00
N PRO B 148 43.12 28.63 11.32
CA PRO B 148 44.55 28.80 11.54
C PRO B 148 44.95 30.17 11.06
N GLY B 149 45.27 31.05 12.01
CA GLY B 149 45.60 32.43 11.68
C GLY B 149 45.13 33.41 12.73
N ASP B 150 43.94 33.19 13.29
CA ASP B 150 43.42 34.14 14.28
C ASP B 150 44.24 34.13 15.56
N ILE B 151 44.09 35.19 16.32
CA ILE B 151 44.87 35.39 17.53
C ILE B 151 44.19 34.66 18.67
N VAL B 152 44.96 33.90 19.44
CA VAL B 152 44.42 33.12 20.56
C VAL B 152 45.03 33.56 21.89
N GLU B 153 44.19 33.53 22.93
CA GLU B 153 44.62 33.77 24.30
C GLU B 153 44.34 32.56 25.17
N VAL B 154 45.35 32.09 25.88
CA VAL B 154 45.18 30.98 26.84
C VAL B 154 45.69 31.41 28.20
N ALA B 155 45.14 30.79 29.25
CA ALA B 155 45.54 31.09 30.62
C ALA B 155 45.60 29.82 31.48
N VAL B 156 46.03 29.98 32.74
CA VAL B 156 46.11 28.88 33.70
C VAL B 156 44.89 27.97 33.63
N GLY B 157 45.15 26.67 33.49
CA GLY B 157 44.10 25.68 33.51
C GLY B 157 43.34 25.51 32.22
N ASP B 158 43.73 26.21 31.17
CA ASP B 158 43.06 26.07 29.88
C ASP B 158 43.64 24.94 29.05
N LYS B 159 42.80 24.38 28.18
CA LYS B 159 43.27 23.39 27.21
C LYS B 159 43.50 24.06 25.84
N VAL B 160 44.66 23.78 25.25
CA VAL B 160 45.07 24.40 23.97
C VAL B 160 44.19 23.95 22.79
N PRO B 161 43.31 24.84 22.29
CA PRO B 161 42.32 24.52 21.25
C PRO B 161 42.89 24.11 19.89
N ALA B 162 44.00 24.71 19.48
CA ALA B 162 44.76 24.33 18.27
C ALA B 162 46.27 24.57 18.47
N ASP B 163 47.08 24.17 17.50
CA ASP B 163 48.54 24.45 17.52
C ASP B 163 48.82 25.95 17.37
N ILE B 164 49.41 26.55 18.40
CA ILE B 164 49.61 27.99 18.44
C ILE B 164 51.08 28.33 18.43
N ARG B 165 51.43 29.41 17.76
CA ARG B 165 52.74 30.01 17.88
C ARG B 165 52.65 31.10 18.93
N ILE B 166 53.49 31.02 19.96
CA ILE B 166 53.44 32.00 21.06
C ILE B 166 53.76 33.41 20.56
N LEU B 167 52.81 34.32 20.76
CA LEU B 167 53.01 35.72 20.43
C LEU B 167 53.60 36.49 21.62
N SER B 168 52.83 36.58 22.71
CA SER B 168 53.21 37.37 23.90
C SER B 168 52.85 36.72 25.25
N ILE B 169 53.86 36.47 26.08
CA ILE B 169 53.63 35.93 27.43
C ILE B 169 53.21 37.02 28.41
N LYS B 170 51.89 37.11 28.63
CA LYS B 170 51.28 38.11 29.51
C LYS B 170 51.69 38.02 30.98
N SER B 171 51.87 36.80 31.48
CA SER B 171 52.39 36.60 32.84
C SER B 171 53.91 36.68 32.80
N THR B 172 54.56 36.53 33.95
CA THR B 172 56.02 36.65 34.03
C THR B 172 56.76 35.37 33.63
N THR B 173 56.10 34.22 33.75
CA THR B 173 56.61 32.94 33.27
C THR B 173 55.43 32.14 32.72
N LEU B 174 55.68 31.33 31.70
CA LEU B 174 54.65 30.41 31.22
C LEU B 174 55.10 28.98 31.36
N ARG B 175 54.22 28.16 31.90
CA ARG B 175 54.48 26.74 32.07
C ARG B 175 53.36 25.92 31.44
N VAL B 176 53.74 24.81 30.80
CA VAL B 176 52.79 24.01 30.02
C VAL B 176 52.93 22.51 30.28
N ASP B 177 51.78 21.86 30.52
CA ASP B 177 51.71 20.41 30.63
C ASP B 177 51.49 19.77 29.26
N GLN B 178 52.59 19.35 28.64
CA GLN B 178 52.55 18.70 27.33
C GLN B 178 52.49 17.17 27.45
N SER B 179 52.42 16.69 28.69
CA SER B 179 52.36 15.26 29.00
C SER B 179 51.65 14.41 27.93
N ILE B 180 50.49 14.86 27.47
CA ILE B 180 49.66 14.14 26.49
C ILE B 180 50.38 13.78 25.19
N LEU B 181 51.40 14.56 24.84
CA LEU B 181 52.11 14.42 23.59
C LEU B 181 53.58 14.11 23.84
N THR B 182 54.32 15.11 24.33
CA THR B 182 55.75 14.99 24.62
C THR B 182 56.00 13.81 25.57
N GLY B 183 54.99 13.41 26.32
CA GLY B 183 55.14 12.35 27.30
C GLY B 183 55.61 12.87 28.65
N GLU B 184 56.40 13.95 28.62
CA GLU B 184 57.02 14.52 29.82
C GLU B 184 55.99 15.07 30.82
N SER B 185 55.94 14.42 31.98
CA SER B 185 55.06 14.82 33.09
C SER B 185 55.34 16.24 33.54
N VAL B 186 56.61 16.53 33.79
CA VAL B 186 57.06 17.85 34.22
C VAL B 186 56.70 18.93 33.21
N SER B 187 56.15 20.04 33.73
CA SER B 187 55.72 21.18 32.93
C SER B 187 56.91 21.91 32.33
N VAL B 188 56.83 22.20 31.04
CA VAL B 188 57.92 22.87 30.31
C VAL B 188 57.67 24.37 30.12
N ILE B 189 58.75 25.14 30.25
CA ILE B 189 58.70 26.59 30.07
C ILE B 189 58.74 26.92 28.59
N LYS B 190 58.21 28.08 28.23
CA LYS B 190 58.17 28.52 26.84
C LYS B 190 58.75 29.93 26.72
N HIS B 191 59.01 30.35 25.48
CA HIS B 191 59.41 31.73 25.19
C HIS B 191 58.80 32.22 23.89
N THR B 192 59.09 33.46 23.53
CA THR B 192 58.52 34.06 22.31
C THR B 192 59.53 34.23 21.16
N GLU B 193 60.78 33.86 21.41
CA GLU B 193 61.84 33.86 20.38
C GLU B 193 61.64 32.72 19.37
N PRO B 194 62.24 32.86 18.16
CA PRO B 194 62.20 31.73 17.20
C PRO B 194 63.17 30.59 17.52
N VAL B 195 62.75 29.36 17.23
CA VAL B 195 63.62 28.19 17.33
C VAL B 195 64.32 28.02 15.98
N PRO B 196 65.66 27.92 16.00
CA PRO B 196 66.46 27.85 14.77
C PRO B 196 66.07 26.69 13.83
N ASP B 197 66.65 25.52 14.05
CA ASP B 197 66.41 24.33 13.23
C ASP B 197 64.92 24.11 12.94
N PRO B 198 64.52 24.24 11.66
CA PRO B 198 63.14 23.91 11.26
C PRO B 198 62.93 22.39 11.15
N ARG B 199 64.03 21.65 11.11
CA ARG B 199 64.04 20.19 11.13
C ARG B 199 64.03 19.65 12.56
N ALA B 200 63.66 20.49 13.53
CA ALA B 200 63.69 20.16 14.96
C ALA B 200 62.49 19.33 15.43
N VAL B 201 62.55 18.86 16.68
CA VAL B 201 61.52 17.99 17.26
C VAL B 201 60.54 18.77 18.16
N ASN B 202 59.46 18.09 18.57
CA ASN B 202 58.44 18.66 19.43
C ASN B 202 58.98 19.25 20.73
N GLN B 203 59.66 18.40 21.51
CA GLN B 203 60.26 18.79 22.79
C GLN B 203 61.18 20.04 22.69
N ASP B 204 61.67 20.31 21.47
CA ASP B 204 62.53 21.45 21.18
C ASP B 204 61.76 22.73 20.84
N LYS B 205 60.51 22.58 20.36
CA LYS B 205 59.68 23.72 19.95
C LYS B 205 59.14 24.55 21.13
N LYS B 206 60.05 25.15 21.90
CA LYS B 206 59.68 25.92 23.09
C LYS B 206 59.28 27.37 22.79
N ASN B 207 58.46 27.52 21.74
CA ASN B 207 57.79 28.78 21.39
C ASN B 207 56.44 28.42 20.78
N MET B 208 56.11 27.13 20.88
CA MET B 208 54.90 26.56 20.30
C MET B 208 53.99 25.93 21.35
N LEU B 209 52.69 25.94 21.09
CA LEU B 209 51.72 25.31 21.98
C LEU B 209 50.88 24.29 21.20
N PHE B 210 50.98 23.03 21.59
CA PHE B 210 50.35 21.96 20.82
C PHE B 210 48.94 21.68 21.25
N SER B 211 48.03 21.69 20.29
CA SER B 211 46.62 21.43 20.56
C SER B 211 46.50 20.17 21.40
N GLY B 212 45.67 20.25 22.43
CA GLY B 212 45.43 19.12 23.33
C GLY B 212 46.33 19.12 24.56
N THR B 213 47.10 20.19 24.73
CA THR B 213 47.95 20.37 25.91
C THR B 213 47.31 21.35 26.92
N ASN B 214 47.90 21.48 28.10
CA ASN B 214 47.30 22.30 29.14
C ASN B 214 48.21 23.39 29.67
N ILE B 215 47.64 24.54 30.00
CA ILE B 215 48.44 25.61 30.59
C ILE B 215 48.57 25.40 32.09
N ALA B 216 49.73 24.90 32.50
CA ALA B 216 50.01 24.63 33.91
C ALA B 216 50.05 25.91 34.76
N ALA B 217 50.66 26.97 34.22
CA ALA B 217 50.79 28.23 34.95
C ALA B 217 51.06 29.42 34.03
N GLY B 218 50.29 30.50 34.23
CA GLY B 218 50.52 31.74 33.51
C GLY B 218 49.45 32.14 32.52
N LYS B 219 49.79 33.06 31.63
CA LYS B 219 48.89 33.54 30.59
C LYS B 219 49.74 33.92 29.39
N ALA B 220 49.21 33.72 28.19
CA ALA B 220 49.93 34.04 26.96
C ALA B 220 49.00 34.34 25.82
N LEU B 221 49.53 35.08 24.86
CA LEU B 221 48.84 35.36 23.61
C LEU B 221 49.55 34.59 22.51
N GLY B 222 48.83 34.34 21.40
CA GLY B 222 49.38 33.55 20.32
C GLY B 222 48.57 33.56 19.04
N ILE B 223 49.19 33.06 17.98
CA ILE B 223 48.55 32.97 16.69
C ILE B 223 48.46 31.51 16.24
N VAL B 224 47.30 31.11 15.75
CA VAL B 224 47.10 29.74 15.27
C VAL B 224 47.94 29.48 14.03
N ALA B 225 48.80 28.45 14.11
CA ALA B 225 49.58 27.99 12.96
C ALA B 225 48.82 26.93 12.13
N THR B 226 48.59 25.76 12.71
CA THR B 226 47.84 24.69 12.04
C THR B 226 46.62 24.28 12.83
N THR B 227 45.62 23.74 12.14
CA THR B 227 44.44 23.18 12.80
C THR B 227 44.22 21.73 12.37
N GLY B 228 42.99 21.25 12.50
CA GLY B 228 42.60 19.89 12.14
C GLY B 228 43.64 18.79 12.25
N VAL B 229 43.79 18.04 11.16
CA VAL B 229 44.71 16.93 11.07
C VAL B 229 46.17 17.41 10.92
N SER B 230 46.32 18.68 10.56
CA SER B 230 47.64 19.33 10.42
C SER B 230 48.32 19.49 11.77
N THR B 231 47.53 19.40 12.83
CA THR B 231 47.98 19.51 14.22
C THR B 231 49.01 18.45 14.56
N GLU B 232 49.90 18.77 15.50
CA GLU B 232 50.87 17.80 16.00
C GLU B 232 50.18 16.65 16.73
N ILE B 233 48.98 16.91 17.28
CA ILE B 233 48.14 15.87 17.86
C ILE B 233 47.27 15.15 16.81
N GLY B 234 46.70 15.89 15.87
CA GLY B 234 45.87 15.32 14.81
C GLY B 234 46.60 14.32 13.92
N LYS B 235 47.93 14.48 13.85
CA LYS B 235 48.80 13.58 13.08
C LYS B 235 49.20 12.32 13.86
N ILE B 236 48.62 12.14 15.04
CA ILE B 236 48.84 10.94 15.86
C ILE B 236 47.53 10.17 16.09
N ARG B 237 46.39 10.83 15.85
CA ARG B 237 45.08 10.22 16.04
C ARG B 237 44.60 9.47 14.78
N ASP B 238 45.41 9.57 13.72
CA ASP B 238 45.27 8.72 12.55
C ASP B 238 46.23 7.53 12.68
N GLN B 239 46.67 7.27 13.91
CA GLN B 239 47.54 6.15 14.24
C GLN B 239 46.75 5.04 14.96
N MET B 240 46.54 5.19 16.27
CA MET B 240 45.87 4.15 17.03
C MET B 240 44.35 4.30 17.03
N ALA B 241 43.66 3.20 16.73
CA ALA B 241 42.20 3.12 16.74
C ALA B 241 41.65 2.60 18.07
N ALA B 242 42.39 1.69 18.71
CA ALA B 242 41.96 1.08 19.98
C ALA B 242 42.69 1.65 21.21
N THR B 243 42.43 2.93 21.52
CA THR B 243 43.05 3.63 22.65
C THR B 243 42.33 3.40 23.98
N GLU B 244 41.90 2.15 24.20
CA GLU B 244 41.21 1.74 25.44
C GLU B 244 41.22 0.22 25.51
N GLN B 245 42.01 -0.32 26.43
CA GLN B 245 42.12 -1.76 26.63
C GLN B 245 42.13 -2.09 28.12
N ASP B 246 40.97 -1.94 28.75
CA ASP B 246 40.77 -2.23 30.17
C ASP B 246 39.35 -2.74 30.39
N LYS B 247 39.19 -3.68 31.33
CA LYS B 247 37.88 -4.27 31.60
C LYS B 247 37.45 -3.99 33.04
N THR B 248 36.31 -3.30 33.21
CA THR B 248 35.74 -3.08 34.54
C THR B 248 35.52 -4.41 35.22
N PRO B 249 35.94 -4.52 36.49
CA PRO B 249 35.87 -5.79 37.23
C PRO B 249 34.47 -6.41 37.29
N LEU B 250 33.45 -5.70 36.81
CA LEU B 250 32.11 -6.27 36.69
C LEU B 250 31.93 -7.10 35.43
N GLN B 251 32.36 -6.55 34.28
CA GLN B 251 32.32 -7.29 33.01
C GLN B 251 33.25 -8.48 33.06
N GLN B 252 34.39 -8.29 33.70
CA GLN B 252 35.37 -9.33 33.91
C GLN B 252 34.81 -10.54 34.67
N LYS B 253 33.98 -10.28 35.68
CA LYS B 253 33.33 -11.34 36.44
C LYS B 253 32.12 -11.90 35.68
N LEU B 254 31.52 -11.08 34.84
CA LEU B 254 30.37 -11.49 34.06
C LEU B 254 30.80 -12.36 32.87
N ASP B 255 31.90 -11.97 32.23
CA ASP B 255 32.50 -12.76 31.16
C ASP B 255 33.09 -14.06 31.70
N GLU B 256 33.41 -14.07 32.99
CA GLU B 256 33.83 -15.29 33.65
C GLU B 256 32.64 -16.22 33.90
N PHE B 257 31.57 -15.66 34.47
CA PHE B 257 30.37 -16.44 34.76
C PHE B 257 29.69 -16.95 33.49
N GLY B 258 29.48 -16.06 32.53
CA GLY B 258 28.83 -16.41 31.27
C GLY B 258 29.58 -17.47 30.49
N GLU B 259 30.90 -17.48 30.68
CA GLU B 259 31.78 -18.46 30.07
C GLU B 259 31.59 -19.82 30.73
N GLN B 260 31.31 -19.81 32.03
CA GLN B 260 31.03 -21.03 32.77
C GLN B 260 29.73 -21.69 32.30
N LEU B 261 28.72 -20.87 32.01
CA LEU B 261 27.45 -21.36 31.48
C LEU B 261 27.63 -21.85 30.07
N SER B 262 28.32 -21.05 29.25
CA SER B 262 28.68 -21.44 27.88
C SER B 262 29.24 -22.86 27.81
N LYS B 263 30.12 -23.20 28.74
CA LYS B 263 30.74 -24.53 28.81
C LYS B 263 29.76 -25.65 29.20
N VAL B 264 29.07 -25.48 30.33
CA VAL B 264 28.06 -26.44 30.78
C VAL B 264 26.96 -26.63 29.75
N ILE B 265 26.38 -25.52 29.28
CA ILE B 265 25.35 -25.54 28.25
C ILE B 265 25.82 -26.40 27.06
N SER B 266 27.09 -26.27 26.70
CA SER B 266 27.65 -27.03 25.58
C SER B 266 27.73 -28.52 25.88
N LEU B 267 28.12 -28.85 27.11
CA LEU B 267 28.25 -30.26 27.48
C LEU B 267 26.90 -30.97 27.44
N ILE B 268 25.94 -30.45 28.19
CA ILE B 268 24.58 -31.02 28.13
C ILE B 268 23.87 -30.67 26.82
N CYS B 269 24.64 -30.15 25.86
CA CYS B 269 24.16 -29.94 24.49
C CYS B 269 24.68 -31.04 23.58
N VAL B 270 25.91 -31.49 23.84
CA VAL B 270 26.49 -32.68 23.18
C VAL B 270 25.79 -33.92 23.72
N ALA B 271 25.44 -33.88 25.02
CA ALA B 271 24.79 -34.98 25.73
C ALA B 271 23.45 -35.38 25.10
N VAL B 272 22.69 -34.37 24.70
CA VAL B 272 21.40 -34.55 24.02
C VAL B 272 21.55 -35.30 22.70
N TRP B 273 22.59 -34.97 21.95
CA TRP B 273 22.92 -35.64 20.67
C TRP B 273 23.52 -37.01 20.87
N LEU B 274 23.99 -37.28 22.09
CA LEU B 274 24.55 -38.59 22.41
C LEU B 274 23.50 -39.55 22.96
N ILE B 275 22.66 -39.10 23.89
CA ILE B 275 21.64 -39.97 24.48
C ILE B 275 20.53 -40.33 23.47
N ASN B 276 20.76 -39.98 22.21
CA ASN B 276 19.86 -40.32 21.12
C ASN B 276 20.52 -41.13 20.01
N ILE B 277 21.70 -41.70 20.25
CA ILE B 277 22.35 -42.54 19.24
C ILE B 277 21.51 -43.78 18.92
N GLY B 278 20.89 -44.35 19.96
CA GLY B 278 20.03 -45.52 19.81
C GLY B 278 18.74 -45.21 19.06
N HIS B 279 18.69 -44.09 18.35
CA HIS B 279 17.52 -43.68 17.59
C HIS B 279 17.91 -43.07 16.28
N PHE B 280 19.18 -43.20 15.92
CA PHE B 280 19.66 -42.73 14.62
C PHE B 280 19.08 -43.62 13.51
N ASN B 281 18.90 -44.91 13.86
CA ASN B 281 18.47 -45.94 12.91
C ASN B 281 16.97 -45.98 12.67
N ASP B 282 16.19 -45.47 13.61
CA ASP B 282 14.72 -45.49 13.56
C ASP B 282 14.15 -45.10 12.18
N PRO B 283 13.03 -45.74 11.79
CA PRO B 283 12.38 -45.51 10.50
C PRO B 283 11.97 -44.06 10.26
N VAL B 284 11.49 -43.39 11.31
CA VAL B 284 10.97 -42.01 11.20
C VAL B 284 12.07 -41.00 10.81
N HIS B 285 13.28 -41.49 10.59
CA HIS B 285 14.40 -40.67 10.11
C HIS B 285 15.03 -41.29 8.88
N GLY B 286 14.21 -41.95 8.07
CA GLY B 286 14.67 -42.65 6.88
C GLY B 286 15.47 -43.89 7.19
N GLY B 287 15.53 -44.24 8.49
CA GLY B 287 16.26 -45.42 8.96
C GLY B 287 17.74 -45.39 8.67
N SER B 288 18.37 -44.24 8.85
CA SER B 288 19.78 -44.05 8.51
C SER B 288 20.53 -43.29 9.58
N TRP B 289 21.73 -43.76 9.89
CA TRP B 289 22.63 -43.08 10.81
C TRP B 289 22.97 -41.68 10.34
N ILE B 290 22.73 -41.42 9.05
CA ILE B 290 22.96 -40.10 8.46
C ILE B 290 21.85 -39.11 8.88
N ARG B 291 20.60 -39.46 8.62
CA ARG B 291 19.46 -38.61 9.01
C ARG B 291 19.16 -38.68 10.51
N GLY B 292 19.48 -39.83 11.11
CA GLY B 292 19.35 -40.00 12.55
C GLY B 292 20.23 -39.03 13.29
N ALA B 293 21.54 -39.12 13.05
CA ALA B 293 22.53 -38.24 13.69
C ALA B 293 22.44 -36.77 13.25
N ILE B 294 21.48 -36.45 12.37
CA ILE B 294 21.29 -35.06 11.93
C ILE B 294 20.06 -34.40 12.54
N TYR B 295 18.96 -35.15 12.66
CA TYR B 295 17.75 -34.62 13.34
C TYR B 295 18.01 -34.24 14.81
N TYR B 296 19.02 -34.86 15.42
CA TYR B 296 19.41 -34.56 16.79
C TYR B 296 20.56 -33.57 16.87
N PHE B 297 21.44 -33.62 15.86
CA PHE B 297 22.48 -32.62 15.70
C PHE B 297 21.89 -31.22 15.58
N LYS B 298 20.83 -31.08 14.79
CA LYS B 298 20.12 -29.80 14.68
C LYS B 298 19.58 -29.36 16.03
N ILE B 299 18.89 -30.25 16.73
CA ILE B 299 18.37 -29.95 18.06
C ILE B 299 19.50 -29.45 18.96
N ALA B 300 20.63 -30.16 18.95
CA ALA B 300 21.78 -29.81 19.78
C ALA B 300 22.26 -28.40 19.52
N VAL B 301 22.65 -28.13 18.27
CA VAL B 301 23.19 -26.83 17.87
C VAL B 301 22.16 -25.72 18.09
N ALA B 302 20.88 -26.01 17.82
CA ALA B 302 19.82 -25.04 18.03
C ALA B 302 19.67 -24.62 19.51
N LEU B 303 19.56 -25.61 20.41
CA LEU B 303 19.50 -25.32 21.86
C LEU B 303 20.67 -24.44 22.27
N ALA B 304 21.87 -24.88 21.91
CA ALA B 304 23.09 -24.11 22.15
C ALA B 304 22.97 -22.69 21.63
N VAL B 305 22.53 -22.53 20.38
CA VAL B 305 22.37 -21.20 19.82
C VAL B 305 21.36 -20.35 20.62
N ALA B 306 20.37 -20.98 21.22
CA ALA B 306 19.33 -20.24 21.94
C ALA B 306 19.63 -20.04 23.43
N ALA B 307 20.46 -20.90 24.00
CA ALA B 307 20.66 -20.91 25.45
C ALA B 307 21.98 -20.34 25.93
N ILE B 308 23.01 -20.38 25.07
CA ILE B 308 24.29 -19.78 25.42
C ILE B 308 24.06 -18.30 25.70
N PRO B 309 24.29 -17.86 26.97
CA PRO B 309 24.12 -16.44 27.27
C PRO B 309 25.01 -15.60 26.34
N GLU B 310 24.37 -14.94 25.38
CA GLU B 310 25.06 -14.27 24.27
C GLU B 310 25.85 -13.03 24.71
N GLY B 311 25.31 -11.86 24.43
CA GLY B 311 25.97 -10.60 24.75
C GLY B 311 25.76 -10.22 26.20
N LEU B 312 26.28 -11.05 27.11
CA LEU B 312 26.26 -10.72 28.52
C LEU B 312 27.05 -9.45 28.81
N PRO B 313 28.28 -9.32 28.26
CA PRO B 313 28.97 -8.06 28.50
C PRO B 313 28.12 -6.88 27.99
N ALA B 314 27.50 -7.08 26.83
CA ALA B 314 26.63 -6.08 26.22
C ALA B 314 25.59 -5.54 27.20
N VAL B 315 25.17 -6.37 28.16
CA VAL B 315 24.16 -5.99 29.14
C VAL B 315 24.67 -4.87 30.04
N ILE B 316 25.95 -4.93 30.37
CA ILE B 316 26.59 -3.88 31.13
C ILE B 316 26.67 -2.66 30.21
N THR B 317 27.22 -2.85 29.02
CA THR B 317 27.29 -1.79 28.01
C THR B 317 25.94 -1.07 27.78
N THR B 318 24.87 -1.84 27.61
CA THR B 318 23.53 -1.27 27.49
C THR B 318 23.15 -0.50 28.77
N CYS B 319 23.47 -1.08 29.93
CA CYS B 319 23.05 -0.49 31.22
C CYS B 319 23.81 0.80 31.56
N LEU B 320 25.10 0.81 31.27
CA LEU B 320 25.91 2.00 31.45
C LEU B 320 25.42 3.08 30.49
N ALA B 321 25.11 2.69 29.25
CA ALA B 321 24.54 3.59 28.25
C ALA B 321 23.38 4.39 28.84
N LEU B 322 22.36 3.68 29.31
CA LEU B 322 21.13 4.30 29.83
C LEU B 322 21.33 5.08 31.12
N GLY B 323 22.19 4.59 32.00
CA GLY B 323 22.48 5.26 33.26
C GLY B 323 23.11 6.61 32.99
N THR B 324 24.21 6.55 32.25
CA THR B 324 24.90 7.69 31.64
C THR B 324 23.97 8.86 31.26
N ARG B 325 23.08 8.61 30.29
CA ARG B 325 22.15 9.63 29.80
C ARG B 325 21.31 10.20 30.93
N ARG B 326 20.90 9.33 31.86
CA ARG B 326 20.07 9.77 32.97
C ARG B 326 20.83 10.71 33.92
N MET B 327 22.10 10.40 34.16
CA MET B 327 22.94 11.17 35.06
C MET B 327 23.21 12.53 34.48
N ALA B 328 23.53 12.54 33.19
CA ALA B 328 23.73 13.76 32.43
C ALA B 328 22.47 14.62 32.44
N LYS B 329 21.31 14.01 32.21
CA LYS B 329 20.05 14.73 32.40
C LYS B 329 20.00 15.44 33.76
N LYS B 330 20.59 14.83 34.79
CA LYS B 330 20.54 15.40 36.14
C LYS B 330 21.76 16.27 36.49
N ASN B 331 22.58 16.56 35.48
CA ASN B 331 23.73 17.46 35.61
C ASN B 331 24.99 16.82 36.16
N ALA B 332 25.16 15.54 35.84
CA ALA B 332 26.30 14.75 36.27
C ALA B 332 26.91 14.14 35.02
N ILE B 333 27.98 14.77 34.56
CA ILE B 333 28.59 14.41 33.29
C ILE B 333 29.66 13.35 33.48
N VAL B 334 29.32 12.13 33.08
CA VAL B 334 30.21 10.99 33.26
C VAL B 334 31.36 11.01 32.26
N ARG B 335 32.52 11.49 32.67
CA ARG B 335 33.69 11.40 31.83
C ARG B 335 34.08 9.93 31.59
N SER B 336 34.58 9.26 32.62
CA SER B 336 35.01 7.87 32.50
C SER B 336 33.90 6.83 32.81
N LEU B 337 33.62 5.98 31.82
CA LEU B 337 32.57 4.96 31.92
C LEU B 337 32.66 3.99 33.11
N PRO B 338 33.83 3.35 33.33
CA PRO B 338 33.91 2.39 34.43
C PRO B 338 33.60 3.02 35.79
N SER B 339 33.83 4.32 35.91
CA SER B 339 33.54 5.10 37.11
C SER B 339 32.15 4.83 37.68
N VAL B 340 31.14 4.74 36.81
CA VAL B 340 29.77 4.53 37.29
C VAL B 340 29.65 3.29 38.18
N GLU B 341 30.31 2.21 37.79
CA GLU B 341 30.29 1.00 38.59
C GLU B 341 30.77 1.30 39.99
N THR B 342 31.88 2.03 40.07
CA THR B 342 32.46 2.48 41.33
C THR B 342 31.52 3.44 42.05
N LEU B 343 30.88 4.32 41.31
CA LEU B 343 30.03 5.35 41.87
C LEU B 343 29.03 4.82 42.91
N GLY B 344 28.48 3.63 42.66
CA GLY B 344 27.57 2.97 43.61
C GLY B 344 28.24 2.75 44.97
N CYS B 345 29.43 2.18 44.92
CA CYS B 345 30.22 1.86 46.11
C CYS B 345 30.83 3.04 46.84
N THR B 346 30.45 4.27 46.48
CA THR B 346 31.02 5.45 47.13
C THR B 346 30.70 5.46 48.61
N SER B 347 31.72 5.67 49.42
CA SER B 347 31.57 5.66 50.89
C SER B 347 31.97 6.99 51.56
N VAL B 348 32.70 7.83 50.81
CA VAL B 348 33.06 9.17 51.30
C VAL B 348 32.98 10.25 50.21
N ILE B 349 32.51 11.43 50.60
CA ILE B 349 32.54 12.56 49.70
C ILE B 349 33.22 13.77 50.35
N CYS B 350 34.36 14.17 49.80
CA CYS B 350 34.99 15.41 50.26
C CYS B 350 34.60 16.47 49.32
N SER B 351 33.76 17.36 49.79
CA SER B 351 33.35 18.45 48.96
C SER B 351 33.91 19.76 49.49
N ASP B 352 34.21 20.66 48.57
CA ASP B 352 34.55 22.03 48.92
C ASP B 352 33.30 22.79 49.33
N LYS B 353 33.46 23.81 50.17
CA LYS B 353 32.32 24.49 50.71
C LYS B 353 31.81 25.54 49.74
N THR B 354 32.65 26.51 49.44
CA THR B 354 32.24 27.65 48.65
C THR B 354 31.85 27.28 47.22
N GLY B 355 30.60 27.56 46.86
CA GLY B 355 30.12 27.29 45.50
C GLY B 355 29.53 25.90 45.26
N THR B 356 29.87 24.94 46.10
CA THR B 356 29.36 23.59 45.93
C THR B 356 28.33 23.32 47.00
N LEU B 357 28.73 23.55 48.25
CA LEU B 357 27.81 23.50 49.36
C LEU B 357 27.08 24.82 49.51
N THR B 358 27.67 25.91 49.01
CA THR B 358 27.05 27.21 49.04
C THR B 358 26.88 27.77 47.63
N THR B 359 26.18 28.89 47.52
CA THR B 359 25.87 29.50 46.23
C THR B 359 27.00 30.33 45.66
N ASN B 360 27.85 30.84 46.55
CA ASN B 360 28.86 31.83 46.19
C ASN B 360 28.15 33.08 45.65
N GLN B 361 27.02 33.39 46.27
CA GLN B 361 26.30 34.63 45.99
C GLN B 361 26.65 35.60 47.12
N MET B 362 27.89 36.09 47.04
CA MET B 362 28.51 36.92 48.05
C MET B 362 27.77 38.26 48.19
N SER B 363 27.54 38.68 49.44
CA SER B 363 26.97 40.01 49.75
C SER B 363 27.28 40.45 51.18
N VAL B 364 27.54 41.73 51.39
CA VAL B 364 27.81 42.20 52.76
C VAL B 364 26.51 42.40 53.54
N CYS B 365 26.29 41.60 54.59
CA CYS B 365 25.11 41.77 55.46
C CYS B 365 25.32 42.83 56.50
N LYS B 366 26.43 42.74 57.21
CA LYS B 366 26.69 43.61 58.35
C LYS B 366 28.06 44.25 58.30
N MET B 367 28.28 45.20 59.18
CA MET B 367 29.53 45.89 59.26
C MET B 367 29.46 46.78 60.48
N PHE B 368 30.56 46.85 61.22
CA PHE B 368 30.65 47.78 62.35
C PHE B 368 31.88 48.70 62.32
N ILE B 369 31.78 49.84 63.00
CA ILE B 369 32.88 50.78 63.19
C ILE B 369 32.96 51.13 64.67
N ILE B 370 33.93 51.93 65.07
CA ILE B 370 34.03 52.30 66.46
C ILE B 370 33.19 53.53 66.72
N ASP B 371 32.34 53.44 67.73
CA ASP B 371 31.44 54.54 68.10
C ASP B 371 32.11 55.49 69.10
N LYS B 372 32.38 55.00 70.31
CA LYS B 372 33.05 55.78 71.34
C LYS B 372 33.91 54.93 72.26
N VAL B 373 35.12 55.41 72.53
CA VAL B 373 36.07 54.72 73.42
C VAL B 373 36.43 55.61 74.61
N ASP B 374 36.35 55.04 75.81
CA ASP B 374 36.74 55.72 77.04
C ASP B 374 37.25 54.74 78.12
N GLY B 375 38.55 54.43 78.08
CA GLY B 375 39.15 53.48 79.04
C GLY B 375 38.64 52.06 78.86
N ASP B 376 37.56 51.73 79.56
CA ASP B 376 36.93 50.40 79.47
C ASP B 376 35.61 50.43 78.70
N PHE B 377 35.19 51.62 78.27
CA PHE B 377 33.93 51.80 77.55
C PHE B 377 34.18 51.69 76.05
N CYS B 378 33.50 50.74 75.43
CA CYS B 378 33.71 50.47 74.02
C CYS B 378 32.40 50.18 73.29
N SER B 379 31.89 51.20 72.62
CA SER B 379 30.65 51.06 71.88
C SER B 379 30.91 50.83 70.39
N LEU B 380 30.11 49.98 69.79
CA LEU B 380 30.20 49.73 68.37
C LEU B 380 29.01 50.32 67.63
N ASN B 381 29.27 50.80 66.41
CA ASN B 381 28.21 51.21 65.50
C ASN B 381 27.91 50.10 64.51
N GLU B 382 27.05 49.16 64.89
CA GLU B 382 26.67 48.06 63.99
C GLU B 382 25.66 48.53 62.97
N PHE B 383 25.78 48.01 61.76
CA PHE B 383 24.84 48.32 60.69
C PHE B 383 24.42 47.01 60.04
N SER B 384 23.26 46.99 59.39
CA SER B 384 22.87 45.92 58.46
C SER B 384 22.63 46.55 57.12
N ILE B 385 22.89 45.77 56.07
CA ILE B 385 22.68 46.21 54.68
C ILE B 385 21.67 45.26 54.07
N THR B 386 20.79 45.78 53.22
CA THR B 386 19.71 44.99 52.64
C THR B 386 19.99 44.66 51.16
N GLY B 387 19.47 43.53 50.71
CA GLY B 387 19.67 43.07 49.34
C GLY B 387 20.88 42.16 49.26
N SER B 388 20.67 40.93 48.76
CA SER B 388 21.72 39.92 48.75
C SER B 388 22.31 39.71 47.36
N THR B 389 21.68 40.33 46.37
CA THR B 389 22.17 40.29 45.00
C THR B 389 23.28 41.33 44.75
N TYR B 390 24.19 41.06 43.81
CA TYR B 390 25.27 42.01 43.43
C TYR B 390 24.74 43.37 42.99
N ALA B 391 23.43 43.50 42.97
CA ALA B 391 22.73 44.72 42.58
C ALA B 391 22.93 45.88 43.57
N PRO B 392 23.26 47.09 43.05
CA PRO B 392 23.50 48.22 43.92
C PRO B 392 22.16 48.79 44.38
N GLU B 393 21.25 47.91 44.73
CA GLU B 393 19.97 48.32 45.25
C GLU B 393 19.82 47.71 46.64
N GLY B 394 19.68 48.58 47.64
CA GLY B 394 19.49 48.15 49.03
C GLY B 394 19.61 49.36 49.93
N GLU B 395 19.64 49.15 51.24
CA GLU B 395 19.76 50.26 52.20
C GLU B 395 20.50 49.88 53.48
N VAL B 396 21.11 50.88 54.11
CA VAL B 396 21.92 50.66 55.32
C VAL B 396 21.13 51.02 56.58
N LEU B 397 20.80 50.01 57.39
CA LEU B 397 19.95 50.24 58.55
C LEU B 397 20.75 50.19 59.83
N LYS B 398 20.44 51.11 60.74
CA LYS B 398 20.96 51.07 62.09
C LYS B 398 19.79 50.87 63.08
N ASN B 399 19.90 49.85 63.95
CA ASN B 399 18.77 49.48 64.81
C ASN B 399 17.42 49.34 64.09
N ASP B 400 17.45 48.81 62.89
CA ASP B 400 16.23 48.55 62.13
C ASP B 400 15.60 49.84 61.59
N LYS B 401 16.40 50.89 61.51
CA LYS B 401 15.98 52.14 60.83
C LYS B 401 17.02 52.57 59.82
N PRO B 402 16.59 52.87 58.57
CA PRO B 402 17.56 53.24 57.53
C PRO B 402 18.27 54.53 57.92
N ILE B 403 19.56 54.65 57.54
CA ILE B 403 20.35 55.86 57.82
C ILE B 403 21.16 56.34 56.61
N ARG B 404 21.76 57.52 56.73
CA ARG B 404 22.66 58.04 55.69
C ARG B 404 24.10 57.76 56.10
N SER B 405 24.66 56.67 55.59
CA SER B 405 26.01 56.23 55.94
C SER B 405 27.05 57.35 55.83
N GLY B 406 26.82 58.30 54.92
CA GLY B 406 27.69 59.46 54.76
C GLY B 406 27.88 60.29 56.02
N GLN B 407 26.90 60.20 56.92
CA GLN B 407 26.93 60.91 58.20
C GLN B 407 27.68 60.15 59.28
N PHE B 408 28.50 59.21 58.85
CA PHE B 408 29.37 58.48 59.77
C PHE B 408 30.79 58.43 59.18
N ASP B 409 31.67 59.24 59.76
CA ASP B 409 33.07 59.30 59.35
C ASP B 409 33.72 57.91 59.29
N GLY B 410 33.48 57.11 60.33
CA GLY B 410 33.93 55.72 60.39
C GLY B 410 33.54 54.93 59.14
N LEU B 411 32.30 55.11 58.69
CA LEU B 411 31.78 54.42 57.51
C LEU B 411 32.35 54.99 56.21
N VAL B 412 32.73 56.28 56.23
CA VAL B 412 33.35 56.89 55.06
C VAL B 412 34.68 56.21 54.77
N GLU B 413 35.53 56.12 55.79
CA GLU B 413 36.82 55.42 55.69
C GLU B 413 36.61 53.96 55.31
N LEU B 414 35.72 53.29 56.04
CA LEU B 414 35.28 51.94 55.78
C LEU B 414 35.01 51.72 54.29
N ALA B 415 34.11 52.52 53.71
CA ALA B 415 33.76 52.40 52.30
C ALA B 415 34.93 52.76 51.38
N THR B 416 35.80 53.66 51.86
CA THR B 416 37.00 54.08 51.12
C THR B 416 37.95 52.90 50.94
N ILE B 417 38.18 52.19 52.04
CA ILE B 417 39.04 51.02 52.04
C ILE B 417 38.45 49.92 51.16
N CYS B 418 37.14 49.75 51.19
CA CYS B 418 36.51 48.72 50.35
C CYS B 418 36.66 48.99 48.86
N ALA B 419 36.55 50.26 48.47
CA ALA B 419 36.66 50.65 47.07
C ALA B 419 38.09 50.60 46.57
N LEU B 420 39.05 50.88 47.45
CA LEU B 420 40.46 50.96 47.05
C LEU B 420 41.24 49.66 47.29
N CYS B 421 40.75 48.81 48.17
CA CYS B 421 41.35 47.48 48.33
C CYS B 421 40.68 46.47 47.42
N ASN B 422 40.14 46.95 46.32
CA ASN B 422 39.39 46.13 45.40
C ASN B 422 40.07 46.04 44.03
N ASP B 423 39.96 44.88 43.39
CA ASP B 423 40.47 44.72 42.03
C ASP B 423 39.33 44.37 41.08
N SER B 424 38.16 44.07 41.66
CA SER B 424 36.99 43.68 40.92
C SER B 424 36.07 44.87 40.79
N SER B 425 34.99 44.71 40.02
CA SER B 425 34.03 45.79 39.76
C SER B 425 32.71 45.21 39.25
N LEU B 426 31.72 46.08 39.07
CA LEU B 426 30.38 45.65 38.67
C LEU B 426 30.04 45.86 37.19
N ASP B 427 29.18 45.00 36.65
CA ASP B 427 28.74 45.12 35.27
C ASP B 427 27.26 44.83 35.11
N PHE B 428 26.51 45.81 34.62
CA PHE B 428 25.10 45.63 34.38
C PHE B 428 24.91 45.01 33.02
N ASN B 429 24.34 43.82 33.00
CA ASN B 429 23.99 43.16 31.76
C ASN B 429 22.64 43.67 31.28
N GLU B 430 22.50 43.88 29.98
CA GLU B 430 21.24 44.40 29.42
C GLU B 430 20.30 43.31 28.91
N THR B 431 20.83 42.33 28.17
CA THR B 431 20.05 41.17 27.70
C THR B 431 19.33 40.48 28.84
N LYS B 432 20.09 40.19 29.90
CA LYS B 432 19.57 39.62 31.14
C LYS B 432 18.86 40.71 31.97
N GLY B 433 19.44 41.91 31.99
CA GLY B 433 18.86 43.03 32.73
C GLY B 433 19.24 43.00 34.20
N VAL B 434 20.32 42.30 34.52
CA VAL B 434 20.79 42.16 35.88
C VAL B 434 22.24 42.60 36.00
N TYR B 435 22.64 43.04 37.18
CA TYR B 435 24.04 43.35 37.44
C TYR B 435 24.76 42.05 37.72
N GLU B 436 26.03 41.98 37.35
CA GLU B 436 26.81 40.79 37.60
C GLU B 436 28.27 41.14 37.80
N LYS B 437 28.96 40.25 38.52
CA LYS B 437 30.34 40.45 38.93
C LYS B 437 31.33 40.59 37.78
N VAL B 438 32.43 41.27 38.05
CA VAL B 438 33.55 41.37 37.12
C VAL B 438 34.80 41.24 37.99
N GLY B 439 35.14 40.00 38.32
CA GLY B 439 36.25 39.68 39.23
C GLY B 439 35.74 38.72 40.28
N GLU B 440 36.49 38.57 41.37
CA GLU B 440 36.10 37.66 42.46
C GLU B 440 34.82 38.14 43.15
N ALA B 441 34.00 37.20 43.58
CA ALA B 441 32.72 37.49 44.24
C ALA B 441 32.90 38.25 45.56
N THR B 442 33.89 37.85 46.35
CA THR B 442 34.24 38.57 47.57
C THR B 442 34.39 40.06 47.27
N GLU B 443 35.34 40.41 46.42
CA GLU B 443 35.60 41.81 46.08
C GLU B 443 34.41 42.49 45.44
N THR B 444 33.65 41.75 44.63
CA THR B 444 32.47 42.30 43.98
C THR B 444 31.36 42.64 44.96
N ALA B 445 31.21 41.83 46.00
CA ALA B 445 30.27 42.13 47.08
C ALA B 445 30.69 43.43 47.75
N LEU B 446 32.00 43.62 47.86
CA LEU B 446 32.55 44.82 48.44
C LEU B 446 32.18 46.05 47.60
N THR B 447 32.39 45.95 46.28
CA THR B 447 32.06 47.01 45.34
C THR B 447 30.60 47.45 45.49
N THR B 448 29.72 46.46 45.51
CA THR B 448 28.30 46.66 45.75
C THR B 448 28.02 47.36 47.09
N LEU B 449 28.75 46.97 48.14
CA LEU B 449 28.58 47.62 49.41
C LEU B 449 28.75 49.15 49.29
N VAL B 450 29.85 49.58 48.69
CA VAL B 450 30.12 51.01 48.49
C VAL B 450 29.03 51.69 47.64
N GLU B 451 28.51 50.99 46.63
CA GLU B 451 27.47 51.57 45.77
C GLU B 451 26.13 51.76 46.48
N LYS B 452 25.95 51.09 47.61
CA LYS B 452 24.75 51.23 48.41
C LYS B 452 25.00 52.29 49.47
N MET B 453 26.22 52.38 49.94
CA MET B 453 26.54 53.27 51.05
C MET B 453 26.58 54.72 50.60
N ASN B 454 27.24 54.97 49.46
CA ASN B 454 27.42 56.31 48.92
C ASN B 454 27.83 57.26 50.02
N VAL B 455 29.06 57.12 50.48
CA VAL B 455 29.55 57.92 51.59
C VAL B 455 29.64 59.42 51.25
N PHE B 456 29.48 59.75 49.97
CA PHE B 456 29.61 61.14 49.49
C PHE B 456 28.31 61.75 48.93
N ASN B 457 27.18 61.08 49.17
CA ASN B 457 25.86 61.57 48.73
C ASN B 457 25.81 61.97 47.25
N THR B 458 26.55 61.25 46.42
CA THR B 458 26.58 61.51 44.98
C THR B 458 25.21 61.18 44.32
N GLU B 459 24.99 61.67 43.10
CA GLU B 459 23.76 61.37 42.39
C GLU B 459 23.70 59.90 41.95
N VAL B 460 22.49 59.41 41.69
CA VAL B 460 22.32 57.98 41.35
C VAL B 460 21.14 57.74 40.42
N ARG B 461 20.00 58.35 40.73
CA ARG B 461 18.74 58.15 40.03
C ARG B 461 18.78 58.72 38.62
N ASN B 462 19.49 59.83 38.46
CA ASN B 462 19.65 60.45 37.14
C ASN B 462 20.79 59.82 36.36
N LEU B 463 21.25 58.66 36.83
CA LEU B 463 22.26 57.88 36.14
C LEU B 463 21.64 56.64 35.52
N SER B 464 22.06 56.31 34.30
CA SER B 464 21.61 55.09 33.65
C SER B 464 21.93 53.88 34.52
N LYS B 465 21.22 52.78 34.28
CA LYS B 465 21.49 51.53 34.98
C LYS B 465 22.96 51.10 34.85
N VAL B 466 23.61 51.55 33.79
CA VAL B 466 25.00 51.20 33.53
C VAL B 466 25.98 52.06 34.32
N GLU B 467 25.74 53.37 34.37
CA GLU B 467 26.62 54.30 35.10
C GLU B 467 26.50 54.11 36.61
N ARG B 468 25.28 53.76 37.05
CA ARG B 468 24.98 53.41 38.45
C ARG B 468 26.00 52.38 38.95
N ALA B 469 26.26 51.39 38.10
CA ALA B 469 27.10 50.24 38.40
C ALA B 469 28.37 50.52 39.22
N ASN B 470 29.12 51.56 38.85
CA ASN B 470 30.38 51.87 39.56
C ASN B 470 30.54 53.33 39.93
N ALA B 471 29.40 54.00 40.14
CA ALA B 471 29.32 55.42 40.40
C ALA B 471 30.09 55.83 41.65
N CYS B 472 29.65 55.36 42.82
CA CYS B 472 30.27 55.76 44.09
C CYS B 472 31.69 55.26 44.23
N ASN B 473 31.97 54.10 43.63
CA ASN B 473 33.34 53.61 43.55
C ASN B 473 34.26 54.57 42.80
N SER B 474 33.88 54.93 41.57
CA SER B 474 34.62 55.93 40.79
C SER B 474 35.03 57.11 41.66
N VAL B 475 34.01 57.76 42.24
CA VAL B 475 34.20 58.87 43.16
C VAL B 475 35.32 58.61 44.17
N ILE B 476 35.31 57.44 44.81
CA ILE B 476 36.29 57.15 45.85
C ILE B 476 37.69 57.14 45.25
N ARG B 477 37.82 56.55 44.08
CA ARG B 477 39.10 56.57 43.37
C ARG B 477 39.50 57.98 42.98
N GLN B 478 38.52 58.87 42.79
CA GLN B 478 38.79 60.27 42.44
C GLN B 478 39.64 60.96 43.52
N LEU B 479 39.48 60.54 44.76
CA LEU B 479 40.20 61.18 45.85
C LEU B 479 41.64 60.67 46.02
N MET B 480 41.82 59.36 45.96
CA MET B 480 43.15 58.77 46.15
C MET B 480 43.69 58.18 44.85
N LYS B 481 45.01 58.10 44.77
CA LYS B 481 45.67 57.47 43.63
C LYS B 481 46.29 56.17 44.13
N LYS B 482 45.69 55.05 43.73
CA LYS B 482 46.25 53.75 44.09
C LYS B 482 47.55 53.60 43.33
N GLU B 483 48.66 53.61 44.07
CA GLU B 483 49.97 53.53 43.47
C GLU B 483 50.28 52.08 43.08
N PHE B 484 50.19 51.20 44.06
CA PHE B 484 50.47 49.78 43.85
C PHE B 484 49.80 48.97 44.93
N THR B 485 49.78 47.65 44.78
CA THR B 485 49.12 46.78 45.75
C THR B 485 50.05 45.69 46.27
N LEU B 486 50.14 45.59 47.59
CA LEU B 486 50.84 44.47 48.21
C LEU B 486 49.86 43.32 48.33
N GLU B 487 49.67 42.59 47.24
CA GLU B 487 48.64 41.55 47.16
C GLU B 487 48.64 40.52 48.29
N PHE B 488 47.56 39.76 48.35
CA PHE B 488 47.33 38.84 49.46
C PHE B 488 48.26 37.62 49.49
N SER B 489 48.65 37.22 50.69
CA SER B 489 49.40 35.99 50.90
C SER B 489 48.83 35.25 52.11
N ARG B 490 48.66 33.94 51.97
CA ARG B 490 48.11 33.12 53.04
C ARG B 490 48.98 33.15 54.31
N ASP B 491 50.25 33.52 54.16
CA ASP B 491 51.16 33.54 55.30
C ASP B 491 50.83 34.66 56.29
N ARG B 492 50.12 35.68 55.81
CA ARG B 492 49.77 36.83 56.65
C ARG B 492 48.27 37.15 56.64
N LYS B 493 47.54 36.49 55.75
CA LYS B 493 46.07 36.57 55.67
C LYS B 493 45.53 38.00 55.45
N SER B 494 46.19 38.75 54.56
CA SER B 494 45.78 40.13 54.27
C SER B 494 46.44 40.71 53.03
N MET B 495 46.15 41.98 52.76
CA MET B 495 46.63 42.70 51.58
C MET B 495 46.48 44.18 51.84
N SER B 496 47.09 45.01 50.99
CA SER B 496 47.06 46.46 51.18
C SER B 496 47.35 47.20 49.90
N VAL B 497 47.02 48.48 49.92
CA VAL B 497 47.32 49.38 48.83
C VAL B 497 47.99 50.65 49.39
N TYR B 498 48.87 51.24 48.60
CA TYR B 498 49.48 52.53 48.92
C TYR B 498 48.76 53.57 48.09
N CYS B 499 48.34 54.67 48.73
CA CYS B 499 47.57 55.70 48.03
C CYS B 499 48.02 57.12 48.36
N SER B 500 48.03 57.97 47.33
CA SER B 500 48.35 59.38 47.47
C SER B 500 47.14 60.23 47.09
N PRO B 501 46.93 61.36 47.78
CA PRO B 501 45.77 62.22 47.43
C PRO B 501 45.82 62.68 45.96
N ALA B 502 44.68 63.12 45.43
CA ALA B 502 44.63 63.60 44.05
C ALA B 502 44.99 65.08 43.96
N LYS B 503 44.38 65.90 44.81
CA LYS B 503 44.64 67.35 44.84
C LYS B 503 45.74 67.70 45.87
N SER B 504 46.99 67.36 45.53
CA SER B 504 48.17 67.67 46.37
C SER B 504 49.44 67.96 45.56
N SER B 505 49.92 69.20 45.63
CA SER B 505 51.17 69.60 44.96
C SER B 505 52.39 69.09 45.72
N ARG B 506 52.78 69.81 46.76
CA ARG B 506 53.93 69.45 47.59
C ARG B 506 53.47 68.85 48.93
N ALA B 507 53.17 67.55 48.92
CA ALA B 507 52.79 66.83 50.12
C ALA B 507 53.87 65.81 50.52
N ALA B 508 54.41 65.96 51.72
CA ALA B 508 55.38 65.02 52.28
C ALA B 508 54.71 64.02 53.23
N VAL B 509 53.70 64.50 53.95
CA VAL B 509 52.86 63.66 54.82
C VAL B 509 51.38 63.79 54.39
N GLY B 510 50.96 62.89 53.51
CA GLY B 510 49.60 62.86 52.96
C GLY B 510 49.25 61.51 52.34
N ASN B 511 50.25 60.63 52.25
CA ASN B 511 50.10 59.28 51.70
C ASN B 511 49.63 58.27 52.76
N LYS B 512 48.74 57.38 52.33
CA LYS B 512 48.14 56.40 53.22
C LYS B 512 48.21 54.97 52.66
N MET B 513 48.36 54.01 53.57
CA MET B 513 48.26 52.59 53.24
C MET B 513 46.91 52.04 53.71
N PHE B 514 46.21 51.32 52.82
CA PHE B 514 44.92 50.71 53.17
C PHE B 514 44.98 49.19 53.24
N VAL B 515 44.57 48.65 54.38
CA VAL B 515 44.68 47.22 54.62
C VAL B 515 43.30 46.54 54.74
N LYS B 516 43.23 45.33 54.21
CA LYS B 516 42.05 44.49 54.25
C LYS B 516 42.51 43.02 54.41
N GLY B 517 41.92 42.30 55.37
CA GLY B 517 42.28 40.90 55.56
C GLY B 517 41.57 40.24 56.72
N ALA B 518 42.01 39.04 57.06
CA ALA B 518 41.44 38.31 58.19
C ALA B 518 41.58 39.13 59.46
N PRO B 519 40.52 39.15 60.27
CA PRO B 519 40.47 39.88 61.53
C PRO B 519 41.63 39.53 62.45
N GLU B 520 41.73 38.26 62.81
CA GLU B 520 42.83 37.71 63.59
C GLU B 520 44.08 38.61 63.56
N GLY B 521 44.82 38.56 62.45
CA GLY B 521 46.13 39.18 62.34
C GLY B 521 46.14 40.67 62.08
N VAL B 522 45.19 41.17 61.27
CA VAL B 522 45.07 42.61 60.99
C VAL B 522 44.92 43.41 62.28
N ILE B 523 44.05 42.95 63.17
CA ILE B 523 43.83 43.59 64.46
C ILE B 523 45.08 43.61 65.33
N ASP B 524 45.81 42.49 65.38
CA ASP B 524 47.11 42.42 66.07
C ASP B 524 48.16 43.42 65.58
N ARG B 525 48.12 43.75 64.30
CA ARG B 525 49.00 44.75 63.76
C ARG B 525 48.36 46.15 63.82
N CYS B 526 47.55 46.39 64.86
CA CYS B 526 46.91 47.69 65.11
C CYS B 526 47.23 48.26 66.48
N ASN B 527 47.69 49.51 66.49
CA ASN B 527 47.98 50.21 67.72
C ASN B 527 47.00 51.37 67.98
N TYR B 528 46.21 51.69 66.96
CA TYR B 528 45.22 52.75 67.06
C TYR B 528 43.86 52.32 66.55
N VAL B 529 42.81 52.84 67.16
CA VAL B 529 41.44 52.49 66.81
C VAL B 529 40.76 53.76 66.39
N ARG B 530 40.65 53.98 65.08
CA ARG B 530 39.97 55.17 64.56
C ARG B 530 38.55 55.37 65.13
N VAL B 531 38.28 56.58 65.63
CA VAL B 531 36.96 56.95 66.17
C VAL B 531 36.39 58.17 65.43
N GLY B 532 35.68 57.88 64.34
CA GLY B 532 35.15 58.92 63.46
C GLY B 532 36.29 59.48 62.65
N THR B 533 36.83 60.61 63.10
CA THR B 533 38.01 61.20 62.46
C THR B 533 39.21 61.14 63.38
N THR B 534 38.96 60.89 64.65
CA THR B 534 40.03 60.84 65.64
C THR B 534 40.73 59.48 65.63
N ARG B 535 41.67 59.31 66.56
CA ARG B 535 42.39 58.06 66.72
C ARG B 535 42.81 57.96 68.19
N VAL B 536 42.67 56.78 68.79
CA VAL B 536 43.14 56.57 70.16
C VAL B 536 44.04 55.32 70.23
N PRO B 537 44.72 55.11 71.38
CA PRO B 537 45.44 53.84 71.56
C PRO B 537 44.54 52.59 71.63
N MET B 538 44.99 51.52 71.00
CA MET B 538 44.31 50.24 71.03
C MET B 538 44.49 49.61 72.41
N THR B 539 43.47 49.72 73.24
CA THR B 539 43.51 49.09 74.55
C THR B 539 43.15 47.61 74.40
N GLY B 540 43.39 46.84 75.47
CA GLY B 540 43.04 45.41 75.51
C GLY B 540 41.55 45.15 75.41
N PRO B 541 40.75 45.83 76.26
CA PRO B 541 39.29 45.82 76.14
C PRO B 541 38.73 46.16 74.75
N VAL B 542 39.20 47.23 74.12
CA VAL B 542 38.75 47.57 72.76
C VAL B 542 38.91 46.35 71.85
N LYS B 543 40.13 45.82 71.81
CA LYS B 543 40.46 44.62 71.03
C LYS B 543 39.51 43.47 71.39
N GLU B 544 39.14 43.40 72.66
CA GLU B 544 38.20 42.40 73.13
C GLU B 544 36.78 42.56 72.57
N LYS B 545 36.30 43.80 72.49
CA LYS B 545 34.95 44.07 72.00
C LYS B 545 34.84 43.78 70.52
N ILE B 546 35.78 44.30 69.72
CA ILE B 546 35.85 43.97 68.30
C ILE B 546 35.80 42.45 68.09
N LEU B 547 36.71 41.73 68.75
CA LEU B 547 36.80 40.28 68.55
C LEU B 547 35.53 39.51 68.87
N SER B 548 34.81 39.91 69.92
CA SER B 548 33.61 39.20 70.35
C SER B 548 32.49 39.31 69.33
N VAL B 549 32.38 40.49 68.73
CA VAL B 549 31.40 40.74 67.70
C VAL B 549 31.73 39.94 66.44
N ILE B 550 33.02 39.89 66.08
CA ILE B 550 33.46 39.07 64.97
C ILE B 550 33.10 37.61 65.21
N LYS B 551 33.49 37.12 66.38
CA LYS B 551 33.14 35.77 66.85
C LYS B 551 31.65 35.53 66.85
N GLU B 552 30.88 36.50 67.34
CA GLU B 552 29.43 36.40 67.34
C GLU B 552 28.91 36.09 65.93
N TRP B 553 29.19 37.00 64.99
CA TRP B 553 28.75 36.87 63.60
C TRP B 553 29.22 35.63 62.89
N GLY B 554 30.45 35.19 63.16
CA GLY B 554 30.99 34.00 62.51
C GLY B 554 30.39 32.72 63.06
N THR B 555 29.86 32.78 64.28
CA THR B 555 29.21 31.65 64.92
C THR B 555 27.70 31.69 64.84
N GLY B 556 27.15 32.89 64.62
CA GLY B 556 25.71 33.07 64.49
C GLY B 556 25.02 32.17 63.48
N ARG B 557 23.72 32.38 63.32
CA ARG B 557 22.94 31.56 62.41
C ARG B 557 23.08 32.01 60.96
N ASP B 558 24.04 32.91 60.72
CA ASP B 558 24.40 33.36 59.37
C ASP B 558 25.85 32.98 59.02
N THR B 559 26.61 32.55 60.03
CA THR B 559 27.97 32.07 59.85
C THR B 559 28.75 32.94 58.84
N LEU B 560 28.86 34.22 59.18
CA LEU B 560 29.45 35.21 58.30
C LEU B 560 30.96 35.13 58.23
N ARG B 561 31.48 35.34 57.03
CA ARG B 561 32.89 35.42 56.78
C ARG B 561 33.14 36.92 56.71
N CYS B 562 33.80 37.44 57.74
CA CYS B 562 34.07 38.88 57.82
C CYS B 562 35.54 39.26 57.71
N LEU B 563 35.77 40.44 57.13
CA LEU B 563 37.10 41.01 56.93
C LEU B 563 37.29 42.21 57.83
N ALA B 564 38.53 42.41 58.31
CA ALA B 564 38.87 43.62 59.05
C ALA B 564 39.47 44.65 58.09
N LEU B 565 39.13 45.93 58.32
CA LEU B 565 39.65 47.01 57.48
C LEU B 565 40.44 47.96 58.35
N ALA B 566 41.59 48.40 57.87
CA ALA B 566 42.50 49.22 58.68
C ALA B 566 43.29 50.16 57.79
N THR B 567 43.80 51.24 58.39
CA THR B 567 44.74 52.12 57.69
C THR B 567 46.03 52.33 58.50
N ARG B 568 47.13 52.49 57.76
CA ARG B 568 48.38 52.97 58.30
C ARG B 568 48.48 54.44 57.91
N ASP B 569 48.57 55.31 58.92
CA ASP B 569 48.54 56.76 58.72
C ASP B 569 49.91 57.36 58.45
N THR B 570 50.93 56.73 59.04
CA THR B 570 52.31 57.08 58.77
C THR B 570 52.97 55.91 58.03
N PRO B 571 52.74 55.82 56.71
CA PRO B 571 53.32 54.72 55.94
C PRO B 571 54.82 54.91 55.71
N PRO B 572 55.62 53.82 55.77
CA PRO B 572 57.06 53.98 55.54
C PRO B 572 57.30 54.56 54.16
N LYS B 573 58.50 55.09 53.93
CA LYS B 573 58.81 55.80 52.69
C LYS B 573 58.46 55.02 51.42
N ARG B 574 57.89 55.73 50.46
CA ARG B 574 57.57 55.21 49.14
C ARG B 574 58.70 54.34 48.55
N GLU B 575 59.93 54.59 49.02
CA GLU B 575 61.15 53.94 48.52
C GLU B 575 61.67 52.78 49.38
N GLU B 576 61.59 52.93 50.71
CA GLU B 576 62.02 51.87 51.65
C GLU B 576 61.37 50.51 51.37
N MET B 577 60.46 50.51 50.39
CA MET B 577 59.62 49.36 50.11
C MET B 577 60.07 48.56 48.90
N VAL B 578 60.31 47.28 49.13
CA VAL B 578 60.74 46.34 48.10
C VAL B 578 59.51 45.55 47.65
N LEU B 579 59.18 45.66 46.36
CA LEU B 579 57.96 45.09 45.83
C LEU B 579 58.17 43.71 45.18
N ASP B 580 59.05 42.90 45.77
CA ASP B 580 59.37 41.57 45.23
C ASP B 580 59.05 40.48 46.23
N ASP B 581 59.80 40.46 47.33
CA ASP B 581 59.61 39.49 48.40
C ASP B 581 58.34 39.75 49.19
N SER B 582 57.50 38.71 49.27
CA SER B 582 56.26 38.77 50.04
C SER B 582 56.53 38.83 51.54
N SER B 583 57.71 38.35 51.95
CA SER B 583 58.07 38.28 53.37
C SER B 583 58.19 39.66 54.04
N ARG B 584 58.45 40.70 53.25
CA ARG B 584 58.54 42.08 53.79
C ARG B 584 57.21 42.84 53.84
N PHE B 585 56.16 42.29 53.23
CA PHE B 585 54.85 42.98 53.18
C PHE B 585 54.19 43.14 54.56
N MET B 586 54.22 42.08 55.38
CA MET B 586 53.66 42.11 56.74
C MET B 586 54.39 43.15 57.61
N GLU B 587 55.66 43.38 57.28
CA GLU B 587 56.48 44.37 57.95
C GLU B 587 56.04 45.81 57.63
N TYR B 588 55.60 46.05 56.40
CA TYR B 588 55.05 47.36 56.03
C TYR B 588 53.66 47.55 56.59
N GLU B 589 52.88 46.46 56.58
CA GLU B 589 51.50 46.48 57.06
C GLU B 589 51.44 46.32 58.57
N THR B 590 52.13 47.22 59.29
CA THR B 590 52.11 47.29 60.77
C THR B 590 51.93 48.74 61.23
N ASP B 591 51.81 48.93 62.55
CA ASP B 591 51.52 50.24 63.14
C ASP B 591 50.22 50.78 62.52
N LEU B 592 49.15 50.00 62.67
CA LEU B 592 47.91 50.29 61.98
C LEU B 592 46.86 50.88 62.89
N THR B 593 45.86 51.45 62.24
CA THR B 593 44.69 51.99 62.89
C THR B 593 43.50 51.18 62.41
N PHE B 594 42.88 50.45 63.33
CA PHE B 594 41.65 49.71 63.03
C PHE B 594 40.54 50.68 62.62
N VAL B 595 39.80 50.32 61.57
CA VAL B 595 38.71 51.17 61.08
C VAL B 595 37.38 50.48 61.37
N GLY B 596 37.19 49.31 60.75
CA GLY B 596 35.94 48.59 60.87
C GLY B 596 36.00 47.18 60.36
N VAL B 597 34.84 46.52 60.36
CA VAL B 597 34.73 45.14 59.99
C VAL B 597 33.49 45.02 59.16
N VAL B 598 33.60 44.34 58.01
CA VAL B 598 32.42 43.96 57.23
C VAL B 598 32.17 42.49 57.46
N GLY B 599 30.92 42.13 57.70
CA GLY B 599 30.53 40.75 57.77
C GLY B 599 29.82 40.39 56.49
N MET B 600 30.30 39.36 55.79
CA MET B 600 29.63 38.95 54.58
C MET B 600 29.15 37.50 54.55
N LEU B 601 28.11 37.28 53.75
CA LEU B 601 27.38 36.04 53.68
C LEU B 601 27.35 35.45 52.29
N ASP B 602 27.61 34.15 52.23
CA ASP B 602 27.17 33.34 51.11
C ASP B 602 26.42 32.13 51.67
N PRO B 603 25.11 32.10 51.43
CA PRO B 603 24.21 31.09 51.98
C PRO B 603 24.43 29.69 51.40
N PRO B 604 24.20 28.67 52.22
CA PRO B 604 24.19 27.27 51.79
C PRO B 604 23.06 27.06 50.79
N ARG B 605 23.29 26.21 49.77
CA ARG B 605 22.21 25.81 48.87
C ARG B 605 21.09 25.13 49.63
N LYS B 606 19.85 25.49 49.31
CA LYS B 606 18.66 24.90 49.94
C LYS B 606 18.70 23.36 50.06
N GLU B 607 19.07 22.69 48.95
CA GLU B 607 19.03 21.24 48.85
C GLU B 607 20.07 20.56 49.73
N VAL B 608 21.25 21.17 49.83
CA VAL B 608 22.37 20.63 50.59
C VAL B 608 21.93 19.97 51.90
N MET B 609 21.14 20.71 52.68
CA MET B 609 20.59 20.21 53.93
C MET B 609 20.10 18.75 53.89
N GLY B 610 19.15 18.48 52.99
CA GLY B 610 18.55 17.17 52.85
C GLY B 610 19.48 16.20 52.17
N SER B 611 20.20 16.68 51.15
CA SER B 611 21.17 15.85 50.43
C SER B 611 22.15 15.18 51.42
N ILE B 612 22.64 15.97 52.37
CA ILE B 612 23.49 15.49 53.45
C ILE B 612 22.78 14.38 54.22
N GLN B 613 21.57 14.66 54.70
CA GLN B 613 20.74 13.65 55.36
C GLN B 613 20.63 12.36 54.56
N LEU B 614 20.50 12.49 53.25
CA LEU B 614 20.39 11.35 52.37
C LEU B 614 21.65 10.51 52.43
N CYS B 615 22.80 11.17 52.53
CA CYS B 615 24.06 10.45 52.62
C CYS B 615 24.18 9.70 53.93
N ARG B 616 23.67 10.30 55.00
CA ARG B 616 23.60 9.64 56.31
C ARG B 616 22.85 8.33 56.20
N ASP B 617 21.68 8.40 55.57
CA ASP B 617 20.83 7.24 55.33
C ASP B 617 21.53 6.20 54.47
N ALA B 618 22.29 6.66 53.47
CA ALA B 618 22.96 5.76 52.54
C ALA B 618 24.28 5.21 53.10
N GLY B 619 24.67 5.67 54.29
CA GLY B 619 25.91 5.23 54.94
C GLY B 619 27.14 5.79 54.25
N ILE B 620 27.06 7.04 53.84
CA ILE B 620 28.11 7.72 53.10
C ILE B 620 28.62 8.91 53.91
N ARG B 621 29.91 8.94 54.22
CA ARG B 621 30.44 10.05 55.03
C ARG B 621 30.77 11.27 54.18
N VAL B 622 30.33 12.44 54.61
CA VAL B 622 30.62 13.64 53.89
C VAL B 622 31.71 14.36 54.67
N ILE B 623 32.68 14.93 53.96
CA ILE B 623 33.76 15.67 54.60
C ILE B 623 33.83 17.05 53.98
N MET B 624 33.55 18.07 54.77
CA MET B 624 33.59 19.43 54.23
C MET B 624 35.00 19.98 54.25
N ILE B 625 35.38 20.65 53.17
CA ILE B 625 36.68 21.27 53.12
C ILE B 625 36.51 22.76 52.85
N THR B 626 36.79 23.59 53.86
CA THR B 626 36.52 25.02 53.79
C THR B 626 37.73 25.92 54.04
N GLY B 627 37.68 27.13 53.49
CA GLY B 627 38.73 28.13 53.69
C GLY B 627 38.44 29.09 54.83
N ASP B 628 37.30 28.92 55.48
CA ASP B 628 36.96 29.70 56.67
C ASP B 628 37.84 29.25 57.82
N ASN B 629 37.93 30.06 58.87
CA ASN B 629 38.56 29.60 60.08
C ASN B 629 37.82 28.43 60.74
N LYS B 630 38.47 27.82 61.72
CA LYS B 630 37.98 26.60 62.36
C LYS B 630 36.62 26.86 62.97
N GLY B 631 36.44 28.07 63.49
CA GLY B 631 35.22 28.42 64.22
C GLY B 631 34.00 28.39 63.32
N THR B 632 33.97 29.36 62.42
CA THR B 632 32.93 29.44 61.42
C THR B 632 32.75 28.11 60.73
N ALA B 633 33.86 27.43 60.44
CA ALA B 633 33.79 26.15 59.72
C ALA B 633 32.90 25.15 60.44
N ILE B 634 33.17 24.95 61.73
CA ILE B 634 32.35 24.05 62.56
C ILE B 634 30.91 24.52 62.60
N ALA B 635 30.75 25.82 62.78
CA ALA B 635 29.45 26.44 62.78
C ALA B 635 28.68 25.99 61.56
N ILE B 636 29.22 26.26 60.36
CA ILE B 636 28.61 25.84 59.09
C ILE B 636 28.24 24.34 59.06
N CYS B 637 29.12 23.51 59.60
CA CYS B 637 28.87 22.09 59.63
C CYS B 637 27.63 21.76 60.44
N ARG B 638 27.47 22.44 61.57
CA ARG B 638 26.27 22.32 62.43
C ARG B 638 25.07 22.82 61.67
N ARG B 639 25.22 24.00 61.09
CA ARG B 639 24.18 24.68 60.33
C ARG B 639 23.61 23.84 59.17
N ILE B 640 24.42 22.95 58.58
CA ILE B 640 23.96 22.13 57.43
C ILE B 640 23.82 20.65 57.79
N GLY B 641 23.87 20.36 59.09
CA GLY B 641 23.67 18.99 59.55
C GLY B 641 24.86 18.05 59.45
N ILE B 642 26.00 18.52 58.95
CA ILE B 642 27.20 17.68 58.98
C ILE B 642 27.54 17.36 60.43
N PHE B 643 27.32 18.34 61.31
CA PHE B 643 27.41 18.16 62.77
C PHE B 643 26.07 18.39 63.47
N GLY B 644 25.85 17.64 64.54
CA GLY B 644 24.69 17.85 65.38
C GLY B 644 24.72 19.25 65.99
N GLU B 645 23.58 19.66 66.52
CA GLU B 645 23.48 20.97 67.17
C GLU B 645 24.38 21.02 68.40
N ASN B 646 24.42 19.91 69.14
CA ASN B 646 25.08 19.88 70.44
C ASN B 646 26.23 18.90 70.56
N GLU B 647 26.40 18.00 69.59
CA GLU B 647 27.41 16.95 69.69
C GLU B 647 28.83 17.50 69.71
N GLU B 648 29.77 16.70 70.22
CA GLU B 648 31.18 17.11 70.37
C GLU B 648 32.04 16.84 69.11
N VAL B 649 32.85 17.83 68.75
CA VAL B 649 33.56 17.84 67.46
C VAL B 649 35.06 18.14 67.55
N ALA B 650 35.61 18.22 68.75
CA ALA B 650 37.03 18.59 68.96
C ALA B 650 38.03 17.74 68.15
N ASP B 651 37.67 16.47 67.90
CA ASP B 651 38.53 15.55 67.18
C ASP B 651 38.01 15.24 65.76
N ARG B 652 37.03 16.00 65.30
CA ARG B 652 36.41 15.76 64.00
C ARG B 652 36.53 16.98 63.09
N ALA B 653 37.27 17.98 63.55
CA ALA B 653 37.49 19.18 62.76
C ALA B 653 38.89 19.70 62.99
N TYR B 654 39.67 19.81 61.92
CA TYR B 654 41.03 20.29 62.01
C TYR B 654 41.28 21.43 61.06
N THR B 655 42.24 22.28 61.40
CA THR B 655 42.72 23.27 60.44
C THR B 655 43.82 22.56 59.68
N GLY B 656 44.26 23.13 58.56
CA GLY B 656 45.48 22.64 57.91
C GLY B 656 46.63 22.52 58.90
N ARG B 657 46.94 23.63 59.57
CA ARG B 657 47.96 23.72 60.64
C ARG B 657 47.89 22.61 61.66
N GLU B 658 46.72 22.43 62.26
CA GLU B 658 46.55 21.45 63.31
C GLU B 658 46.87 20.05 62.78
N PHE B 659 46.37 19.76 61.58
CA PHE B 659 46.67 18.52 60.90
C PHE B 659 48.19 18.31 60.79
N ASP B 660 48.87 19.27 60.16
CA ASP B 660 50.32 19.21 60.01
C ASP B 660 51.05 18.98 61.32
N ASP B 661 50.53 19.54 62.42
CA ASP B 661 51.10 19.34 63.77
C ASP B 661 50.94 17.91 64.31
N LEU B 662 50.04 17.13 63.74
CA LEU B 662 49.95 15.74 64.10
C LEU B 662 51.09 14.94 63.45
N PRO B 663 51.58 13.89 64.13
CA PRO B 663 52.50 12.98 63.45
C PRO B 663 51.70 12.08 62.50
N LEU B 664 52.42 11.44 61.57
CA LEU B 664 51.77 10.73 60.48
C LEU B 664 50.75 9.71 60.93
N ALA B 665 51.08 8.93 61.94
CA ALA B 665 50.17 7.92 62.47
C ALA B 665 48.87 8.55 62.96
N GLU B 666 48.98 9.69 63.63
CA GLU B 666 47.81 10.40 64.12
C GLU B 666 46.96 11.05 63.02
N GLN B 667 47.59 11.43 61.92
CA GLN B 667 46.87 11.97 60.76
C GLN B 667 45.99 10.92 60.09
N ARG B 668 46.54 9.73 59.90
CA ARG B 668 45.77 8.59 59.40
C ARG B 668 44.60 8.34 60.35
N GLU B 669 44.88 8.38 61.64
CA GLU B 669 43.87 8.22 62.65
C GLU B 669 42.78 9.26 62.48
N ALA B 670 43.17 10.51 62.27
CA ALA B 670 42.23 11.63 62.12
C ALA B 670 41.20 11.41 60.99
N CYS B 671 41.66 10.90 59.85
CA CYS B 671 40.81 10.76 58.70
C CYS B 671 39.66 9.74 58.86
N ARG B 672 39.76 8.83 59.82
CA ARG B 672 38.72 7.82 60.01
C ARG B 672 37.42 8.41 60.60
N ARG B 673 37.47 9.67 61.01
CA ARG B 673 36.36 10.30 61.74
C ARG B 673 36.27 11.81 61.50
N ALA B 674 37.28 12.36 60.84
CA ALA B 674 37.30 13.79 60.50
C ALA B 674 36.24 14.11 59.46
N CYS B 675 35.54 15.23 59.69
CA CYS B 675 34.40 15.61 58.86
C CYS B 675 34.53 17.04 58.36
N CYS B 676 35.44 17.81 58.96
CA CYS B 676 35.63 19.19 58.60
C CYS B 676 37.09 19.55 58.59
N PHE B 677 37.54 20.16 57.50
CA PHE B 677 38.89 20.65 57.38
C PHE B 677 38.84 22.11 57.00
N ALA B 678 39.60 22.94 57.70
CA ALA B 678 39.56 24.39 57.49
C ALA B 678 40.96 24.92 57.25
N ARG B 679 41.07 25.82 56.26
CA ARG B 679 42.31 26.49 55.86
C ARG B 679 43.39 25.47 55.58
N VAL B 680 43.20 24.67 54.53
CA VAL B 680 44.19 23.66 54.22
C VAL B 680 45.05 24.08 53.07
N GLU B 681 46.09 23.29 52.81
CA GLU B 681 46.98 23.42 51.66
C GLU B 681 46.53 22.45 50.57
N PRO B 682 46.87 22.76 49.30
CA PRO B 682 46.49 21.89 48.17
C PRO B 682 46.94 20.44 48.35
N SER B 683 48.11 20.24 48.94
CA SER B 683 48.64 18.92 49.23
C SER B 683 47.73 18.08 50.15
N HIS B 684 47.05 18.74 51.09
CA HIS B 684 46.22 18.03 52.06
C HIS B 684 45.13 17.21 51.44
N LYS B 685 44.62 17.65 50.29
CA LYS B 685 43.59 16.91 49.59
C LYS B 685 44.11 15.51 49.28
N SER B 686 45.29 15.45 48.65
CA SER B 686 45.96 14.19 48.31
C SER B 686 46.18 13.27 49.51
N LYS B 687 46.72 13.82 50.59
CA LYS B 687 46.98 13.02 51.79
C LYS B 687 45.69 12.49 52.39
N ILE B 688 44.68 13.34 52.48
CA ILE B 688 43.40 12.93 53.01
C ILE B 688 42.86 11.78 52.21
N VAL B 689 42.98 11.85 50.88
CA VAL B 689 42.52 10.75 50.03
C VAL B 689 43.29 9.48 50.37
N GLU B 690 44.61 9.59 50.31
CA GLU B 690 45.52 8.53 50.66
C GLU B 690 45.06 7.78 51.91
N TYR B 691 44.97 8.49 53.02
CA TYR B 691 44.51 7.93 54.28
C TYR B 691 43.16 7.26 54.15
N LEU B 692 42.23 7.95 53.49
CA LEU B 692 40.88 7.44 53.29
C LEU B 692 40.95 6.07 52.59
N GLN B 693 41.82 5.97 51.59
CA GLN B 693 42.06 4.72 50.85
C GLN B 693 42.63 3.63 51.74
N SER B 694 43.52 3.99 52.66
CA SER B 694 44.14 3.04 53.57
C SER B 694 43.11 2.46 54.54
N TYR B 695 41.85 2.81 54.35
CA TYR B 695 40.76 2.27 55.14
C TYR B 695 39.77 1.50 54.28
N ASP B 696 40.09 1.42 52.98
CA ASP B 696 39.26 0.75 51.97
C ASP B 696 38.01 1.53 51.63
N GLU B 697 38.02 2.83 51.92
CA GLU B 697 36.92 3.70 51.58
C GLU B 697 37.00 4.04 50.10
N ILE B 698 35.83 4.11 49.47
CA ILE B 698 35.73 4.60 48.10
C ILE B 698 35.36 6.07 48.19
N THR B 699 36.26 6.91 47.68
CA THR B 699 36.14 8.35 47.91
C THR B 699 35.83 9.12 46.66
N ALA B 700 34.97 10.12 46.83
CA ALA B 700 34.66 11.10 45.82
C ALA B 700 35.24 12.39 46.35
N MET B 701 36.00 13.06 45.49
CA MET B 701 36.70 14.27 45.91
C MET B 701 36.41 15.36 44.90
N THR B 702 35.97 16.50 45.40
CA THR B 702 35.70 17.65 44.54
C THR B 702 36.99 18.44 44.32
N GLY B 703 36.96 19.28 43.29
CA GLY B 703 38.10 20.11 42.92
C GLY B 703 37.79 20.85 41.64
N ASP B 704 38.59 21.86 41.33
CA ASP B 704 38.33 22.69 40.16
C ASP B 704 39.56 23.45 39.69
N GLY B 705 40.58 23.52 40.54
CA GLY B 705 41.83 24.23 40.24
C GLY B 705 42.93 23.36 39.66
N VAL B 706 44.02 23.97 39.24
CA VAL B 706 45.09 23.25 38.59
C VAL B 706 45.79 22.37 39.60
N ASN B 707 46.07 22.95 40.76
CA ASN B 707 46.69 22.24 41.86
C ASN B 707 45.72 21.24 42.53
N ASP B 708 44.53 21.08 41.95
CA ASP B 708 43.58 20.07 42.39
C ASP B 708 43.83 18.73 41.68
N ALA B 709 44.29 18.80 40.44
CA ALA B 709 44.47 17.62 39.58
C ALA B 709 45.08 16.38 40.26
N PRO B 710 46.18 16.54 41.02
CA PRO B 710 46.82 15.40 41.66
C PRO B 710 45.87 14.58 42.51
N ALA B 711 45.15 15.28 43.37
CA ALA B 711 44.22 14.64 44.31
C ALA B 711 43.00 14.08 43.60
N LEU B 712 42.61 14.69 42.48
CA LEU B 712 41.46 14.25 41.71
C LEU B 712 41.77 12.93 41.02
N LYS B 713 42.98 12.84 40.48
CA LYS B 713 43.41 11.62 39.82
C LYS B 713 43.62 10.55 40.87
N LYS B 714 44.11 10.95 42.04
CA LYS B 714 44.32 10.02 43.14
C LYS B 714 43.02 9.37 43.62
N ALA B 715 42.00 10.19 43.87
CA ALA B 715 40.68 9.73 44.34
C ALA B 715 40.06 8.66 43.44
N GLU B 716 39.17 7.85 44.01
CA GLU B 716 38.39 6.87 43.26
C GLU B 716 37.43 7.57 42.28
N ILE B 717 36.69 8.58 42.78
CA ILE B 717 35.82 9.41 41.93
C ILE B 717 36.28 10.86 41.98
N GLY B 718 36.94 11.29 40.91
CA GLY B 718 37.32 12.69 40.76
C GLY B 718 36.08 13.44 40.33
N ILE B 719 35.77 14.53 41.02
CA ILE B 719 34.64 15.39 40.65
C ILE B 719 35.13 16.83 40.44
N ALA B 720 35.13 17.26 39.18
CA ALA B 720 35.51 18.62 38.85
C ALA B 720 34.27 19.50 38.71
N MET B 721 34.43 20.80 38.99
CA MET B 721 33.33 21.76 38.84
C MET B 721 33.16 22.13 37.38
N GLY B 722 31.91 22.24 36.97
CA GLY B 722 31.55 22.54 35.58
C GLY B 722 32.09 23.87 35.13
N SER B 723 32.30 24.75 36.10
CA SER B 723 32.85 26.07 35.86
C SER B 723 34.33 26.14 36.17
N GLY B 724 34.96 25.00 36.46
CA GLY B 724 36.37 24.98 36.86
C GLY B 724 37.33 24.85 35.70
N THR B 725 38.61 24.67 36.03
CA THR B 725 39.66 24.53 35.03
C THR B 725 39.47 23.30 34.15
N ALA B 726 39.90 23.41 32.90
CA ALA B 726 39.92 22.29 31.96
C ALA B 726 40.88 21.22 32.46
N VAL B 727 42.01 21.65 33.05
CA VAL B 727 42.97 20.74 33.71
C VAL B 727 42.29 19.84 34.73
N ALA B 728 41.45 20.45 35.56
CA ALA B 728 40.71 19.72 36.58
C ALA B 728 39.84 18.66 35.95
N LYS B 729 39.08 19.07 34.93
CA LYS B 729 38.10 18.18 34.32
C LYS B 729 38.78 16.96 33.73
N THR B 730 39.80 17.18 32.89
CA THR B 730 40.52 16.09 32.22
C THR B 730 41.08 15.08 33.24
N ALA B 731 41.46 15.57 34.41
CA ALA B 731 41.99 14.73 35.49
C ALA B 731 40.91 14.03 36.34
N SER B 732 39.65 14.43 36.20
CA SER B 732 38.55 13.83 36.99
C SER B 732 37.77 12.77 36.22
N GLU B 733 36.87 12.08 36.90
CA GLU B 733 36.09 11.03 36.27
C GLU B 733 34.63 11.45 36.10
N MET B 734 34.35 12.69 36.44
CA MET B 734 32.98 13.21 36.41
C MET B 734 32.93 14.73 36.62
N VAL B 735 32.05 15.37 35.87
CA VAL B 735 31.93 16.82 35.94
C VAL B 735 30.54 17.28 36.41
N LEU B 736 30.52 18.21 37.36
CA LEU B 736 29.27 18.78 37.82
C LEU B 736 28.87 19.92 36.91
N ALA B 737 27.86 19.67 36.06
CA ALA B 737 27.26 20.69 35.24
C ALA B 737 26.92 21.94 36.05
N ASP B 738 26.30 21.73 37.21
CA ASP B 738 25.84 22.84 38.04
C ASP B 738 26.69 23.10 39.31
N ASP B 739 27.83 22.43 39.46
CA ASP B 739 28.71 22.62 40.63
C ASP B 739 28.02 22.29 41.95
N ASN B 740 26.86 21.64 41.88
CA ASN B 740 26.03 21.44 43.07
C ASN B 740 26.33 20.15 43.78
N PHE B 741 26.58 20.28 45.07
CA PHE B 741 26.84 19.14 45.93
C PHE B 741 25.70 18.13 45.83
N SER B 742 24.47 18.63 45.82
CA SER B 742 23.29 17.78 45.72
C SER B 742 23.40 16.87 44.52
N THR B 743 23.91 17.43 43.42
CA THR B 743 24.11 16.67 42.20
C THR B 743 24.98 15.45 42.43
N ILE B 744 26.05 15.63 43.20
CA ILE B 744 26.95 14.51 43.50
C ILE B 744 26.16 13.39 44.17
N VAL B 745 25.37 13.75 45.19
CA VAL B 745 24.51 12.78 45.87
C VAL B 745 23.56 12.11 44.90
N ALA B 746 22.91 12.87 44.03
CA ALA B 746 22.09 12.25 43.00
C ALA B 746 22.92 11.24 42.22
N ALA B 747 24.14 11.63 41.83
CA ALA B 747 24.99 10.79 40.98
C ALA B 747 25.24 9.44 41.63
N VAL B 748 25.57 9.46 42.92
CA VAL B 748 25.73 8.23 43.70
C VAL B 748 24.45 7.38 43.68
N GLU B 749 23.30 7.98 43.93
CA GLU B 749 22.04 7.22 43.90
C GLU B 749 21.87 6.55 42.53
N GLU B 750 22.25 7.26 41.47
CA GLU B 750 22.19 6.68 40.13
C GLU B 750 23.07 5.44 39.99
N GLY B 751 24.25 5.48 40.61
CA GLY B 751 25.17 4.36 40.60
C GLY B 751 24.52 3.12 41.15
N ARG B 752 23.95 3.25 42.36
CA ARG B 752 23.22 2.15 43.04
C ARG B 752 22.09 1.60 42.15
N ALA B 753 21.19 2.51 41.76
CA ALA B 753 20.09 2.22 40.85
C ALA B 753 20.52 1.44 39.61
N ILE B 754 21.49 1.99 38.88
CA ILE B 754 22.00 1.35 37.68
C ILE B 754 22.45 -0.08 38.01
N TYR B 755 23.14 -0.24 39.13
CA TYR B 755 23.68 -1.55 39.52
C TYR B 755 22.54 -2.54 39.66
N ASN B 756 21.44 -2.06 40.21
CA ASN B 756 20.25 -2.86 40.34
C ASN B 756 19.60 -3.24 39.02
N ASN B 757 19.50 -2.30 38.08
CA ASN B 757 18.90 -2.60 36.78
C ASN B 757 19.74 -3.61 36.00
N MET B 758 21.04 -3.59 36.22
CA MET B 758 21.91 -4.55 35.59
C MET B 758 21.63 -5.96 36.11
N LYS B 759 21.40 -6.06 37.41
CA LYS B 759 20.98 -7.29 38.07
C LYS B 759 19.64 -7.80 37.56
N GLN B 760 18.69 -6.89 37.34
CA GLN B 760 17.41 -7.22 36.72
C GLN B 760 17.56 -7.96 35.38
N PHE B 761 18.26 -7.31 34.45
CA PHE B 761 18.57 -7.85 33.13
C PHE B 761 19.18 -9.24 33.23
N ILE B 762 20.20 -9.37 34.09
CA ILE B 762 20.92 -10.63 34.26
C ILE B 762 20.03 -11.78 34.71
N ARG B 763 19.35 -11.57 35.83
CA ARG B 763 18.43 -12.55 36.39
C ARG B 763 17.48 -13.06 35.31
N TYR B 764 16.93 -12.13 34.54
CA TYR B 764 15.97 -12.46 33.49
C TYR B 764 16.56 -13.28 32.37
N LEU B 765 17.69 -12.83 31.82
CA LEU B 765 18.35 -13.59 30.77
C LEU B 765 18.81 -14.97 31.28
N ILE B 766 19.78 -15.00 32.21
CA ILE B 766 20.27 -16.27 32.77
C ILE B 766 19.11 -17.25 33.04
N SER B 767 18.12 -16.82 33.81
CA SER B 767 17.04 -17.72 34.25
C SER B 767 16.22 -18.25 33.10
N SER B 768 15.86 -17.36 32.17
CA SER B 768 15.06 -17.78 31.03
C SER B 768 15.81 -18.80 30.18
N ASN B 769 17.13 -18.65 30.10
CA ASN B 769 17.96 -19.60 29.36
C ASN B 769 18.10 -20.93 30.06
N VAL B 770 18.26 -20.91 31.38
CA VAL B 770 18.33 -22.16 32.14
C VAL B 770 17.09 -22.98 31.78
N GLY B 771 15.91 -22.36 31.94
CA GLY B 771 14.65 -22.96 31.54
C GLY B 771 14.63 -23.45 30.10
N GLU B 772 15.20 -22.66 29.20
CA GLU B 772 15.31 -23.03 27.78
C GLU B 772 16.09 -24.34 27.59
N VAL B 773 16.96 -24.68 28.55
CA VAL B 773 17.77 -25.89 28.47
C VAL B 773 17.19 -27.07 29.25
N VAL B 774 16.68 -26.83 30.46
CA VAL B 774 16.06 -27.91 31.25
C VAL B 774 14.89 -28.47 30.48
N CYS B 775 14.29 -27.64 29.64
CA CYS B 775 13.23 -28.06 28.74
C CYS B 775 13.69 -29.17 27.81
N ILE B 776 14.51 -28.83 26.80
CA ILE B 776 15.06 -29.77 25.82
C ILE B 776 15.87 -30.93 26.43
N PHE B 777 16.38 -30.77 27.65
CA PHE B 777 17.04 -31.90 28.31
C PHE B 777 16.03 -32.82 28.98
N LEU B 778 15.00 -32.26 29.59
CA LEU B 778 14.01 -33.07 30.29
C LEU B 778 13.28 -34.00 29.33
N THR B 779 13.03 -33.51 28.11
CA THR B 779 12.41 -34.34 27.07
C THR B 779 13.36 -35.43 26.55
N ALA B 780 14.63 -35.09 26.36
CA ALA B 780 15.60 -36.09 25.90
C ALA B 780 15.86 -37.17 26.97
N ALA B 781 15.86 -36.75 28.24
CA ALA B 781 16.19 -37.63 29.36
C ALA B 781 15.09 -38.63 29.64
N LEU B 782 13.89 -38.12 29.89
CA LEU B 782 12.74 -38.96 30.17
C LEU B 782 12.22 -39.63 28.88
N GLY B 783 12.91 -39.37 27.77
CA GLY B 783 12.61 -39.97 26.46
C GLY B 783 11.34 -39.46 25.79
N LEU B 784 10.75 -38.40 26.36
CA LEU B 784 9.46 -37.82 25.92
C LEU B 784 9.45 -37.29 24.50
N PRO B 785 8.25 -37.11 23.92
CA PRO B 785 8.18 -36.51 22.60
C PRO B 785 8.62 -35.04 22.63
N GLU B 786 9.61 -34.70 21.80
CA GLU B 786 10.08 -33.33 21.66
C GLU B 786 8.93 -32.36 21.85
N ALA B 787 8.98 -31.57 22.94
CA ALA B 787 7.93 -30.60 23.26
C ALA B 787 8.06 -29.30 22.46
N LEU B 788 9.28 -29.03 21.96
CA LEU B 788 9.51 -27.89 21.10
C LEU B 788 10.51 -28.23 20.01
N ILE B 789 10.21 -27.78 18.80
CA ILE B 789 11.08 -27.99 17.64
C ILE B 789 11.91 -26.74 17.43
N PRO B 790 13.04 -26.86 16.70
CA PRO B 790 14.00 -25.77 16.47
C PRO B 790 13.35 -24.45 16.08
N VAL B 791 12.44 -24.48 15.12
CA VAL B 791 11.80 -23.26 14.63
C VAL B 791 11.02 -22.55 15.74
N GLN B 792 10.37 -23.33 16.59
CA GLN B 792 9.57 -22.81 17.69
C GLN B 792 10.44 -22.17 18.76
N LEU B 793 11.53 -22.87 19.12
CA LEU B 793 12.46 -22.40 20.14
C LEU B 793 13.13 -21.08 19.74
N LEU B 794 13.69 -21.03 18.52
CA LEU B 794 14.33 -19.81 18.00
C LEU B 794 13.36 -18.66 17.85
N TRP B 795 12.08 -18.96 17.61
CA TRP B 795 11.05 -17.94 17.58
C TRP B 795 10.86 -17.36 18.96
N VAL B 796 10.60 -18.24 19.94
CA VAL B 796 10.41 -17.85 21.36
C VAL B 796 11.59 -17.00 21.86
N ASN B 797 12.79 -17.45 21.52
CA ASN B 797 14.05 -16.72 21.69
C ASN B 797 14.02 -15.30 21.08
N LEU B 798 13.44 -15.16 19.90
CA LEU B 798 13.38 -13.87 19.22
C LEU B 798 12.42 -12.92 19.90
N VAL B 799 11.42 -13.47 20.57
CA VAL B 799 10.45 -12.63 21.26
C VAL B 799 10.89 -12.27 22.67
N THR B 800 11.26 -13.27 23.45
CA THR B 800 11.72 -13.07 24.83
C THR B 800 12.87 -12.06 24.93
N ASP B 801 13.98 -12.35 24.24
CA ASP B 801 15.17 -11.52 24.28
C ASP B 801 15.02 -10.32 23.34
N GLY B 802 13.79 -9.96 23.02
CA GLY B 802 13.54 -8.93 22.03
C GLY B 802 12.73 -7.76 22.57
N LEU B 803 11.56 -8.07 23.12
CA LEU B 803 10.65 -7.03 23.62
C LEU B 803 10.68 -6.85 25.15
N PRO B 804 10.29 -7.88 25.95
CA PRO B 804 10.28 -7.68 27.41
C PRO B 804 11.67 -7.34 27.94
N ALA B 805 12.67 -8.09 27.49
CA ALA B 805 14.05 -7.90 27.95
C ALA B 805 14.50 -6.44 27.80
N THR B 806 14.38 -5.90 26.59
CA THR B 806 14.76 -4.51 26.33
C THR B 806 13.83 -3.55 27.07
N ALA B 807 12.58 -3.94 27.28
CA ALA B 807 11.64 -3.13 28.05
C ALA B 807 11.99 -3.08 29.55
N LEU B 808 12.84 -4.00 29.98
CA LEU B 808 13.36 -3.95 31.34
C LEU B 808 14.35 -2.79 31.52
N GLY B 809 14.91 -2.34 30.39
CA GLY B 809 15.78 -1.17 30.38
C GLY B 809 15.09 0.07 30.95
N PHE B 810 13.78 -0.02 31.14
CA PHE B 810 13.01 1.13 31.56
C PHE B 810 12.41 0.89 32.93
N ASN B 811 13.03 -0.01 33.69
CA ASN B 811 12.66 -0.22 35.06
C ASN B 811 12.93 0.99 35.94
N PRO B 812 11.91 1.44 36.69
CA PRO B 812 12.11 2.48 37.69
C PRO B 812 13.08 2.03 38.77
N PRO B 813 13.70 2.96 39.49
CA PRO B 813 14.60 2.63 40.59
C PRO B 813 13.93 1.86 41.74
N ASP B 814 14.62 0.81 42.19
CA ASP B 814 14.23 -0.03 43.33
C ASP B 814 14.02 0.80 44.60
N LEU B 815 13.46 0.21 45.64
CA LEU B 815 13.01 0.99 46.80
C LEU B 815 14.05 1.27 47.89
N ASP B 816 14.54 0.21 48.53
CA ASP B 816 15.52 0.31 49.62
C ASP B 816 16.88 0.89 49.16
N ILE B 817 16.94 1.20 47.86
CA ILE B 817 18.13 1.69 47.16
C ILE B 817 19.09 2.57 47.98
N MET B 818 18.56 3.59 48.65
CA MET B 818 19.38 4.51 49.45
C MET B 818 19.21 4.32 50.97
N ASP B 819 18.75 3.14 51.38
CA ASP B 819 18.61 2.80 52.80
C ASP B 819 19.50 1.61 53.15
N ARG B 820 20.45 1.35 52.27
CA ARG B 820 21.40 0.29 52.44
C ARG B 820 22.76 0.95 52.63
N PRO B 821 23.72 0.24 53.26
CA PRO B 821 25.08 0.76 53.27
C PRO B 821 25.69 0.67 51.87
N PRO B 822 26.77 1.41 51.59
CA PRO B 822 27.31 1.30 50.25
C PRO B 822 27.79 -0.12 50.00
N ARG B 823 27.46 -0.64 48.83
CA ARG B 823 27.92 -1.96 48.42
C ARG B 823 29.45 -1.99 48.43
N SER B 824 30.02 -3.14 48.81
CA SER B 824 31.46 -3.31 48.73
C SER B 824 31.86 -3.64 47.31
N PRO B 825 32.98 -3.08 46.84
CA PRO B 825 33.39 -3.43 45.48
C PRO B 825 34.09 -4.78 45.49
N LYS B 826 34.08 -5.42 46.66
CA LYS B 826 34.63 -6.77 46.81
C LYS B 826 33.58 -7.85 46.58
N GLU B 827 32.38 -7.67 47.12
CA GLU B 827 31.32 -8.68 46.99
C GLU B 827 31.08 -9.08 45.54
N PRO B 828 30.92 -10.39 45.29
CA PRO B 828 30.75 -10.91 43.94
C PRO B 828 29.41 -10.52 43.33
N LEU B 829 29.32 -10.54 41.99
CA LEU B 829 28.14 -10.10 41.28
C LEU B 829 26.99 -11.09 41.47
N ILE B 830 27.23 -12.35 41.11
CA ILE B 830 26.25 -13.39 41.35
C ILE B 830 26.64 -14.14 42.61
N SER B 831 25.85 -13.97 43.66
CA SER B 831 26.05 -14.68 44.93
C SER B 831 25.48 -16.09 44.83
N GLY B 832 25.78 -16.93 45.80
CA GLY B 832 25.24 -18.28 45.86
C GLY B 832 23.72 -18.33 45.84
N TRP B 833 23.10 -17.50 46.67
CA TRP B 833 21.64 -17.40 46.79
C TRP B 833 21.04 -17.01 45.48
N LEU B 834 21.60 -15.97 44.88
CA LEU B 834 21.16 -15.52 43.59
C LEU B 834 21.19 -16.66 42.58
N PHE B 835 22.28 -17.41 42.56
CA PHE B 835 22.39 -18.57 41.69
C PHE B 835 21.32 -19.63 41.96
N PHE B 836 20.97 -19.81 43.23
CA PHE B 836 19.89 -20.71 43.60
C PHE B 836 18.58 -20.23 42.99
N ARG B 837 18.35 -18.93 43.13
CA ARG B 837 17.21 -18.24 42.56
C ARG B 837 17.15 -18.47 41.05
N TYR B 838 18.28 -18.34 40.38
CA TYR B 838 18.36 -18.52 38.94
C TYR B 838 17.91 -19.93 38.55
N MET B 839 18.46 -20.93 39.24
CA MET B 839 18.15 -22.32 38.95
C MET B 839 16.68 -22.63 39.21
N ALA B 840 16.23 -22.36 40.43
CA ALA B 840 14.83 -22.59 40.81
C ALA B 840 13.89 -22.15 39.70
N ILE B 841 13.85 -20.85 39.44
CA ILE B 841 13.00 -20.28 38.39
C ILE B 841 13.28 -20.94 37.04
N GLY B 842 14.54 -20.91 36.58
CA GLY B 842 14.89 -21.51 35.30
C GLY B 842 14.39 -22.95 35.18
N GLY B 843 14.86 -23.79 36.09
CA GLY B 843 14.47 -25.20 36.13
C GLY B 843 12.97 -25.38 36.13
N TYR B 844 12.28 -24.47 36.81
CA TYR B 844 10.82 -24.56 36.89
C TYR B 844 10.13 -24.30 35.55
N VAL B 845 10.58 -23.29 34.81
CA VAL B 845 9.94 -22.98 33.54
C VAL B 845 10.14 -24.17 32.62
N GLY B 846 11.36 -24.72 32.61
CA GLY B 846 11.66 -25.89 31.80
C GLY B 846 10.74 -27.08 32.06
N ALA B 847 10.59 -27.43 33.34
CA ALA B 847 9.71 -28.51 33.76
C ALA B 847 8.26 -28.19 33.47
N ALA B 848 7.89 -26.91 33.54
CA ALA B 848 6.53 -26.47 33.25
C ALA B 848 6.21 -26.55 31.77
N THR B 849 7.25 -26.51 30.94
CA THR B 849 7.05 -26.58 29.51
C THR B 849 6.82 -28.04 29.09
N VAL B 850 7.66 -28.96 29.57
CA VAL B 850 7.55 -30.38 29.20
C VAL B 850 6.30 -31.01 29.81
N GLY B 851 5.94 -30.51 30.99
CA GLY B 851 4.72 -30.90 31.70
C GLY B 851 3.45 -30.38 31.05
N ALA B 852 3.54 -29.24 30.38
CA ALA B 852 2.43 -28.74 29.56
C ALA B 852 2.14 -29.70 28.41
N ALA B 853 3.21 -30.23 27.82
CA ALA B 853 3.10 -31.20 26.73
C ALA B 853 2.60 -32.54 27.26
N ALA B 854 3.20 -32.99 28.36
CA ALA B 854 2.78 -34.22 29.02
C ALA B 854 1.33 -34.14 29.51
N TRP B 855 0.80 -32.93 29.69
CA TRP B 855 -0.60 -32.76 30.10
C TRP B 855 -1.57 -33.18 29.05
N TRP B 856 -1.20 -32.97 27.78
CA TRP B 856 -2.01 -33.36 26.62
C TRP B 856 -1.95 -34.83 26.30
N PHE B 857 -1.05 -35.55 26.97
CA PHE B 857 -0.98 -36.99 26.85
C PHE B 857 -1.37 -37.66 28.17
N MET B 858 -0.40 -37.87 29.06
CA MET B 858 -0.62 -38.54 30.36
C MET B 858 -2.01 -38.28 30.96
N TYR B 859 -2.26 -37.02 31.27
CA TYR B 859 -3.45 -36.59 31.99
C TYR B 859 -4.37 -35.87 30.99
N ALA B 860 -4.21 -36.20 29.71
CA ALA B 860 -4.93 -35.56 28.60
C ALA B 860 -6.42 -35.45 28.84
N GLU B 861 -6.87 -34.24 29.16
CA GLU B 861 -8.28 -34.00 29.41
C GLU B 861 -8.91 -33.39 28.16
N ASP B 862 -10.02 -33.97 27.71
CA ASP B 862 -10.78 -33.52 26.53
C ASP B 862 -9.93 -33.51 25.25
N GLY B 863 -8.92 -34.37 25.20
CA GLY B 863 -8.02 -34.40 24.07
C GLY B 863 -7.53 -35.80 23.86
N PRO B 864 -7.08 -36.11 22.63
CA PRO B 864 -6.49 -37.39 22.23
C PRO B 864 -5.44 -37.96 23.19
N GLY B 865 -4.56 -38.84 22.69
CA GLY B 865 -3.47 -39.37 23.48
C GLY B 865 -3.96 -40.18 24.66
N VAL B 866 -4.15 -39.51 25.80
CA VAL B 866 -4.62 -40.11 27.07
C VAL B 866 -3.77 -41.31 27.55
N THR B 867 -2.54 -41.39 27.05
CA THR B 867 -1.62 -42.49 27.35
C THR B 867 -0.99 -42.31 28.73
N TYR B 868 -1.80 -42.43 29.77
CA TYR B 868 -1.35 -42.11 31.14
C TYR B 868 0.08 -42.59 31.45
N HIS B 869 0.44 -43.74 30.89
CA HIS B 869 1.73 -44.32 31.19
C HIS B 869 2.54 -44.49 29.94
N GLN B 870 3.84 -44.71 30.12
CA GLN B 870 4.75 -45.16 29.07
C GLN B 870 4.67 -44.32 27.81
N LEU B 871 4.16 -43.11 27.96
CA LEU B 871 4.31 -42.07 26.96
C LEU B 871 5.81 -41.92 26.67
N THR B 872 6.61 -42.35 27.64
CA THR B 872 8.07 -42.43 27.56
C THR B 872 8.53 -43.12 26.28
N HIS B 873 8.33 -44.43 26.21
CA HIS B 873 8.75 -45.21 25.06
C HIS B 873 7.82 -45.03 23.90
N PHE B 874 7.92 -43.89 23.22
CA PHE B 874 7.06 -43.58 22.10
C PHE B 874 7.66 -44.01 20.76
N MET B 875 8.79 -44.72 20.81
CA MET B 875 9.45 -45.19 19.60
C MET B 875 9.02 -46.60 19.24
N GLN B 876 8.89 -47.45 20.24
CA GLN B 876 8.39 -48.80 20.03
C GLN B 876 6.87 -48.76 19.94
N CYS B 877 6.34 -47.89 19.07
CA CYS B 877 4.90 -47.83 18.84
C CYS B 877 4.54 -48.52 17.54
N THR B 878 5.25 -48.18 16.46
CA THR B 878 5.02 -48.78 15.15
C THR B 878 5.24 -50.29 15.22
N GLU B 879 6.41 -50.69 15.71
CA GLU B 879 6.81 -52.09 15.89
C GLU B 879 6.02 -52.79 17.00
N ASP B 880 6.38 -52.46 18.25
CA ASP B 880 5.88 -53.14 19.45
C ASP B 880 4.53 -52.56 19.88
N HIS B 881 3.48 -52.82 19.10
CA HIS B 881 2.17 -52.24 19.39
C HIS B 881 1.14 -53.13 20.06
N PRO B 882 1.57 -54.20 20.79
CA PRO B 882 0.60 -54.88 21.66
C PRO B 882 0.22 -54.06 22.89
N HIS B 883 0.61 -52.78 22.88
CA HIS B 883 0.34 -51.88 24.01
C HIS B 883 -0.58 -50.76 23.64
N PHE B 884 -0.65 -50.44 22.35
CA PHE B 884 -1.57 -49.39 21.86
C PHE B 884 -3.01 -49.85 21.99
N GLU B 885 -3.88 -48.97 22.48
CA GLU B 885 -5.30 -49.27 22.60
C GLU B 885 -6.11 -48.16 21.92
N GLY B 886 -6.51 -48.43 20.67
CA GLY B 886 -7.25 -47.48 19.85
C GLY B 886 -6.51 -46.18 19.60
N LEU B 887 -5.19 -46.21 19.73
CA LEU B 887 -4.37 -45.03 19.53
C LEU B 887 -3.41 -45.15 18.34
N ASP B 888 -3.55 -44.20 17.41
CA ASP B 888 -2.68 -44.10 16.25
C ASP B 888 -1.28 -43.66 16.68
N CYS B 889 -0.26 -44.35 16.19
CA CYS B 889 1.14 -44.00 16.55
C CYS B 889 1.49 -42.58 16.16
N GLU B 890 1.05 -42.16 14.98
CA GLU B 890 1.30 -40.82 14.42
C GLU B 890 0.83 -39.67 15.33
N ILE B 891 0.20 -39.99 16.47
CA ILE B 891 -0.25 -38.95 17.40
C ILE B 891 0.90 -38.22 18.11
N PHE B 892 2.02 -38.92 18.32
CA PHE B 892 3.23 -38.28 18.86
C PHE B 892 3.69 -37.07 18.05
N GLU B 893 3.03 -36.85 16.91
CA GLU B 893 3.30 -35.71 16.04
C GLU B 893 2.06 -34.83 15.97
N ALA B 894 1.29 -34.82 17.06
CA ALA B 894 0.13 -33.96 17.15
C ALA B 894 0.58 -32.53 17.38
N PRO B 895 -0.06 -31.56 16.70
CA PRO B 895 0.37 -30.17 16.86
C PRO B 895 -0.31 -29.52 18.06
N GLU B 896 -0.59 -30.30 19.09
CA GLU B 896 -1.29 -29.77 20.25
C GLU B 896 -0.33 -29.71 21.45
N PRO B 897 0.39 -30.81 21.74
CA PRO B 897 1.38 -30.74 22.82
C PRO B 897 2.42 -29.65 22.55
N MET B 898 2.91 -29.57 21.32
CA MET B 898 3.85 -28.54 20.93
C MET B 898 3.27 -27.15 21.17
N THR B 899 2.01 -26.98 20.78
CA THR B 899 1.29 -25.74 21.02
C THR B 899 1.05 -25.52 22.51
N MET B 900 1.09 -26.58 23.30
CA MET B 900 1.00 -26.43 24.76
C MET B 900 2.31 -25.88 25.30
N ALA B 901 3.39 -26.58 24.99
CA ALA B 901 4.74 -26.18 25.37
C ALA B 901 5.00 -24.71 25.02
N LEU B 902 4.86 -24.38 23.75
CA LEU B 902 5.10 -23.02 23.30
C LEU B 902 4.20 -22.03 24.01
N SER B 903 2.92 -22.36 24.08
CA SER B 903 1.92 -21.46 24.67
C SER B 903 2.06 -21.32 26.19
N VAL B 904 2.99 -22.04 26.79
CA VAL B 904 3.26 -21.92 28.23
C VAL B 904 4.59 -21.21 28.47
N LEU B 905 5.61 -21.61 27.72
CA LEU B 905 6.93 -21.00 27.83
C LEU B 905 6.86 -19.51 27.59
N VAL B 906 6.09 -19.11 26.59
CA VAL B 906 5.98 -17.69 26.26
C VAL B 906 5.26 -16.95 27.38
N THR B 907 4.14 -17.50 27.84
CA THR B 907 3.38 -16.87 28.93
C THR B 907 4.19 -16.76 30.21
N ILE B 908 4.95 -17.82 30.51
CA ILE B 908 5.79 -17.87 31.70
C ILE B 908 6.94 -16.85 31.67
N GLU B 909 7.38 -16.49 30.46
CA GLU B 909 8.40 -15.45 30.26
C GLU B 909 7.91 -14.05 30.55
N MET B 910 6.65 -13.78 30.20
CA MET B 910 6.03 -12.50 30.48
C MET B 910 5.83 -12.35 31.97
N CYS B 911 5.45 -13.45 32.61
CA CYS B 911 5.37 -13.52 34.05
C CYS B 911 6.75 -13.25 34.67
N ASN B 912 7.74 -14.03 34.27
CA ASN B 912 9.10 -13.85 34.76
C ASN B 912 9.62 -12.41 34.58
N ALA B 913 9.22 -11.77 33.48
CA ALA B 913 9.52 -10.36 33.25
C ALA B 913 8.97 -9.45 34.35
N LEU B 914 7.73 -9.68 34.76
CA LEU B 914 7.15 -8.94 35.89
C LEU B 914 7.90 -9.22 37.19
N ASN B 915 8.43 -10.44 37.32
CA ASN B 915 9.24 -10.79 38.49
C ASN B 915 10.51 -9.98 38.54
N SER B 916 10.94 -9.53 37.37
CA SER B 916 12.17 -8.77 37.21
C SER B 916 11.94 -7.25 37.14
N LEU B 917 10.97 -6.77 37.93
CA LEU B 917 10.78 -5.33 38.11
C LEU B 917 11.68 -4.85 39.24
N SER B 918 11.55 -5.48 40.40
CA SER B 918 12.45 -5.23 41.52
C SER B 918 13.31 -6.46 41.77
N GLU B 919 14.49 -6.25 42.35
CA GLU B 919 15.38 -7.34 42.66
C GLU B 919 14.92 -8.12 43.88
N ASN B 920 14.10 -7.49 44.73
CA ASN B 920 13.61 -8.14 45.94
C ASN B 920 12.20 -7.81 46.33
N GLN B 921 11.70 -6.69 45.82
CA GLN B 921 10.40 -6.16 46.25
C GLN B 921 9.22 -6.80 45.52
N SER B 922 8.25 -7.23 46.33
CA SER B 922 7.02 -7.89 45.88
C SER B 922 6.26 -7.10 44.83
N LEU B 923 5.50 -7.81 43.98
CA LEU B 923 4.65 -7.15 43.00
C LEU B 923 3.46 -6.46 43.65
N MET B 924 3.29 -6.67 44.95
CA MET B 924 2.28 -5.96 45.73
C MET B 924 2.84 -4.70 46.39
N ARG B 925 4.17 -4.64 46.48
CA ARG B 925 4.90 -3.47 46.98
C ARG B 925 5.47 -2.69 45.79
N MET B 926 5.67 -3.38 44.68
CA MET B 926 6.10 -2.79 43.41
C MET B 926 5.23 -3.31 42.26
N PRO B 927 3.99 -2.79 42.14
CA PRO B 927 2.98 -3.18 41.15
C PRO B 927 3.48 -3.21 39.71
N PRO B 928 2.94 -4.15 38.92
CA PRO B 928 3.35 -4.39 37.54
C PRO B 928 3.21 -3.18 36.62
N TRP B 929 2.21 -2.34 36.87
CA TRP B 929 1.98 -1.15 36.07
C TRP B 929 2.93 -0.03 36.42
N VAL B 930 4.05 -0.37 37.04
CA VAL B 930 5.09 0.61 37.30
C VAL B 930 5.98 0.76 36.06
N ASN B 931 6.18 -0.33 35.33
CA ASN B 931 6.86 -0.29 34.05
C ASN B 931 5.84 -0.50 32.94
N ILE B 932 5.27 0.60 32.45
CA ILE B 932 4.26 0.55 31.40
C ILE B 932 4.90 0.02 30.13
N TRP B 933 6.15 0.37 29.91
CA TRP B 933 6.90 -0.13 28.76
C TRP B 933 6.86 -1.63 28.70
N LEU B 934 7.25 -2.28 29.80
CA LEU B 934 7.17 -3.74 29.91
C LEU B 934 5.77 -4.27 29.60
N LEU B 935 4.77 -3.63 30.21
CA LEU B 935 3.37 -3.99 30.07
C LEU B 935 2.87 -3.89 28.62
N GLY B 936 3.36 -2.87 27.91
CA GLY B 936 3.16 -2.73 26.47
C GLY B 936 3.86 -3.82 25.69
N SER B 937 5.08 -4.17 26.11
CA SER B 937 5.83 -5.27 25.51
C SER B 937 5.13 -6.63 25.71
N ILE B 938 4.46 -6.81 26.84
CA ILE B 938 3.72 -8.04 27.10
C ILE B 938 2.58 -8.19 26.11
N CYS B 939 1.92 -7.09 25.82
CA CYS B 939 0.85 -7.05 24.84
C CYS B 939 1.32 -7.46 23.44
N LEU B 940 2.33 -6.77 22.91
CA LEU B 940 2.88 -7.04 21.58
C LEU B 940 3.33 -8.48 21.41
N SER B 941 3.98 -9.02 22.44
CA SER B 941 4.44 -10.40 22.43
C SER B 941 3.25 -11.36 22.28
N MET B 942 2.21 -11.14 23.08
CA MET B 942 0.99 -11.94 23.01
C MET B 942 0.24 -11.75 21.69
N SER B 943 0.39 -10.57 21.07
CA SER B 943 -0.15 -10.32 19.73
C SER B 943 0.48 -11.28 18.73
N LEU B 944 1.81 -11.31 18.73
CA LEU B 944 2.57 -12.16 17.83
C LEU B 944 2.26 -13.65 17.98
N HIS B 945 2.12 -14.10 19.23
CA HIS B 945 1.84 -15.50 19.53
C HIS B 945 0.52 -15.95 18.97
N PHE B 946 -0.56 -15.25 19.31
CA PHE B 946 -1.89 -15.53 18.75
C PHE B 946 -1.90 -15.52 17.22
N LEU B 947 -1.13 -14.60 16.64
CA LEU B 947 -1.05 -14.45 15.19
C LEU B 947 -0.35 -15.63 14.51
N ILE B 948 0.79 -16.05 15.06
CA ILE B 948 1.51 -17.23 14.58
C ILE B 948 0.69 -18.54 14.76
N LEU B 949 -0.49 -18.41 15.36
CA LEU B 949 -1.37 -19.55 15.69
C LEU B 949 -2.67 -19.54 14.90
N TYR B 950 -3.05 -18.35 14.41
CA TYR B 950 -4.36 -18.17 13.78
C TYR B 950 -4.30 -17.79 12.31
N VAL B 951 -3.19 -17.20 11.87
CA VAL B 951 -3.01 -16.90 10.45
C VAL B 951 -2.53 -18.16 9.72
N ASP B 952 -3.44 -18.77 8.97
CA ASP B 952 -3.28 -20.14 8.41
C ASP B 952 -1.90 -20.59 7.91
N PRO B 953 -1.19 -19.76 7.10
CA PRO B 953 0.15 -20.19 6.68
C PRO B 953 1.12 -20.49 7.85
N LEU B 954 1.09 -19.62 8.87
CA LEU B 954 2.02 -19.70 10.00
C LEU B 954 1.92 -21.00 10.84
N PRO B 955 0.79 -21.24 11.54
CA PRO B 955 0.72 -22.40 12.45
C PRO B 955 1.09 -23.71 11.78
N MET B 956 0.85 -23.78 10.46
CA MET B 956 1.18 -24.96 9.69
C MET B 956 2.69 -25.18 9.73
N ILE B 957 3.45 -24.20 9.23
CA ILE B 957 4.91 -24.28 9.16
C ILE B 957 5.55 -24.31 10.55
N PHE B 958 4.86 -23.77 11.53
CA PHE B 958 5.33 -23.77 12.92
C PHE B 958 4.92 -25.03 13.69
N LYS B 959 4.20 -25.93 13.04
CA LYS B 959 3.73 -27.16 13.68
C LYS B 959 2.94 -26.82 14.95
N LEU B 960 1.91 -26.01 14.78
CA LEU B 960 1.10 -25.53 15.89
C LEU B 960 -0.36 -25.53 15.49
N LYS B 961 -1.23 -25.72 16.47
CA LYS B 961 -2.67 -25.63 16.27
C LYS B 961 -3.29 -24.81 17.40
N ALA B 962 -4.14 -23.85 17.04
CA ALA B 962 -4.84 -22.98 17.99
C ALA B 962 -5.60 -23.77 19.07
N LEU B 963 -5.51 -23.30 20.31
CA LEU B 963 -6.05 -24.03 21.45
C LEU B 963 -7.38 -23.47 21.97
N ASP B 964 -8.12 -24.33 22.66
CA ASP B 964 -9.43 -24.01 23.19
C ASP B 964 -9.32 -23.27 24.52
N LEU B 965 -10.32 -22.43 24.80
CA LEU B 965 -10.40 -21.62 26.03
C LEU B 965 -10.05 -22.41 27.29
N THR B 966 -10.49 -23.66 27.35
CA THR B 966 -10.19 -24.52 28.49
C THR B 966 -8.69 -24.75 28.64
N GLN B 967 -8.04 -25.07 27.53
CA GLN B 967 -6.62 -25.39 27.51
C GLN B 967 -5.78 -24.16 27.78
N TRP B 968 -6.29 -22.99 27.40
CA TRP B 968 -5.69 -21.72 27.74
C TRP B 968 -5.71 -21.48 29.21
N LEU B 969 -6.85 -21.79 29.84
CA LEU B 969 -6.98 -21.69 31.29
C LEU B 969 -5.96 -22.59 31.97
N MET B 970 -5.77 -23.79 31.41
CA MET B 970 -4.75 -24.68 31.90
C MET B 970 -3.36 -24.01 31.81
N VAL B 971 -3.05 -23.41 30.65
CA VAL B 971 -1.78 -22.69 30.48
C VAL B 971 -1.55 -21.76 31.67
N LEU B 972 -2.55 -20.94 31.99
CA LEU B 972 -2.49 -20.02 33.13
C LEU B 972 -2.28 -20.76 34.45
N LYS B 973 -3.06 -21.82 34.66
CA LYS B 973 -3.00 -22.61 35.88
C LYS B 973 -1.62 -23.26 36.06
N ILE B 974 -0.82 -23.20 35.00
CA ILE B 974 0.49 -23.85 35.01
C ILE B 974 1.65 -22.83 34.97
N SER B 975 1.40 -21.65 34.42
CA SER B 975 2.40 -20.58 34.30
C SER B 975 2.46 -19.71 35.56
N LEU B 976 1.30 -19.17 35.94
CA LEU B 976 1.14 -18.27 37.08
C LEU B 976 1.84 -18.63 38.42
N PRO B 977 1.99 -19.94 38.73
CA PRO B 977 2.80 -20.30 39.91
C PRO B 977 4.29 -19.87 39.88
N VAL B 978 4.79 -19.42 38.73
CA VAL B 978 6.16 -18.87 38.69
C VAL B 978 6.22 -17.57 39.50
N ILE B 979 5.18 -16.76 39.39
CA ILE B 979 5.10 -15.50 40.10
C ILE B 979 5.18 -15.78 41.59
N GLY B 980 4.40 -16.76 42.03
CA GLY B 980 4.38 -17.17 43.43
C GLY B 980 5.70 -17.73 43.96
N LEU B 981 6.42 -18.45 43.09
CA LEU B 981 7.70 -19.07 43.45
C LEU B 981 8.70 -17.99 43.76
N ASP B 982 8.99 -17.17 42.76
CA ASP B 982 9.88 -16.03 42.89
C ASP B 982 9.43 -15.12 44.03
N GLU B 983 8.12 -14.96 44.20
CA GLU B 983 7.58 -14.19 45.32
C GLU B 983 8.01 -14.74 46.69
N ILE B 984 7.96 -16.05 46.83
CA ILE B 984 8.46 -16.75 48.03
C ILE B 984 9.94 -16.44 48.21
N LEU B 985 10.73 -16.80 47.21
CA LEU B 985 12.16 -16.52 47.19
C LEU B 985 12.48 -15.07 47.54
N LYS B 986 11.76 -14.13 46.94
CA LYS B 986 11.87 -12.71 47.27
C LYS B 986 11.65 -12.46 48.76
N PHE B 987 10.57 -13.04 49.29
CA PHE B 987 10.24 -12.88 50.71
C PHE B 987 11.31 -13.50 51.61
N ILE B 988 12.01 -14.52 51.12
CA ILE B 988 13.11 -15.12 51.87
C ILE B 988 14.36 -14.24 51.83
N ALA B 989 14.65 -13.69 50.65
CA ALA B 989 15.78 -12.79 50.45
C ALA B 989 15.55 -11.46 51.15
N ARG B 990 14.29 -11.16 51.40
CA ARG B 990 13.90 -9.89 51.95
C ARG B 990 13.90 -9.95 53.48
N ASN B 991 13.50 -11.08 54.05
CA ASN B 991 13.31 -11.14 55.50
C ASN B 991 14.29 -12.02 56.25
N TYR B 992 15.08 -12.81 55.53
CA TYR B 992 16.00 -13.75 56.16
C TYR B 992 17.45 -13.42 55.82
N LEU B 993 17.66 -12.98 54.59
CA LEU B 993 18.98 -12.61 54.13
C LEU B 993 18.94 -11.13 53.75
N GLU B 994 18.74 -10.25 54.75
CA GLU B 994 18.51 -8.82 54.54
C GLU B 994 19.56 -8.17 53.61
N GLY B 995 20.83 -8.48 53.87
CA GLY B 995 21.95 -8.02 53.05
C GLY B 995 23.07 -9.05 53.01
N MET C 1 15.21 13.96 25.77
CA MET C 1 15.02 13.46 24.37
C MET C 1 14.31 12.10 24.37
N GLU C 2 15.03 11.06 24.82
CA GLU C 2 14.53 9.68 24.92
C GLU C 2 13.88 9.06 23.67
N ARG C 3 14.69 8.31 22.91
CA ARG C 3 14.20 7.58 21.73
C ARG C 3 13.57 6.24 22.16
N SER C 4 13.11 6.22 23.41
CA SER C 4 12.46 5.08 24.05
C SER C 4 11.35 4.40 23.24
N THR C 5 10.38 5.20 22.78
CA THR C 5 9.21 4.67 22.06
C THR C 5 9.57 4.12 20.68
N ARG C 6 10.51 4.78 20.01
CA ARG C 6 11.08 4.33 18.74
C ARG C 6 11.71 2.94 18.87
N GLU C 7 12.15 2.63 20.08
CA GLU C 7 12.78 1.35 20.38
C GLU C 7 11.78 0.20 20.41
N LEU C 8 10.59 0.44 20.97
CA LEU C 8 9.55 -0.59 21.00
C LEU C 8 8.81 -0.75 19.66
N CYS C 9 8.67 0.34 18.90
CA CYS C 9 8.05 0.29 17.57
C CYS C 9 8.91 -0.47 16.55
N LEU C 10 10.21 -0.19 16.53
CA LEU C 10 11.15 -0.86 15.62
C LEU C 10 11.26 -2.37 15.87
N ASN C 11 11.23 -2.76 17.15
CA ASN C 11 11.25 -4.19 17.55
C ASN C 11 9.87 -4.87 17.46
N PHE C 12 8.84 -4.07 17.16
CA PHE C 12 7.47 -4.54 16.88
C PHE C 12 7.26 -4.71 15.38
N THR C 13 8.04 -3.96 14.59
CA THR C 13 7.97 -4.01 13.13
C THR C 13 8.92 -5.05 12.52
N VAL C 14 10.09 -5.25 13.15
CA VAL C 14 11.07 -6.28 12.71
C VAL C 14 10.51 -7.71 12.83
N VAL C 15 9.65 -7.94 13.84
CA VAL C 15 8.93 -9.22 14.04
C VAL C 15 7.54 -9.24 13.37
N LEU C 16 7.06 -8.06 12.95
CA LEU C 16 5.85 -7.92 12.15
C LEU C 16 6.22 -8.24 10.71
N ILE C 17 7.23 -7.51 10.19
CA ILE C 17 7.75 -7.65 8.82
C ILE C 17 8.18 -9.09 8.47
N THR C 18 9.04 -9.68 9.30
CA THR C 18 9.57 -11.04 9.03
C THR C 18 8.50 -12.14 9.12
N VAL C 19 7.36 -11.82 9.75
CA VAL C 19 6.19 -12.71 9.73
C VAL C 19 5.35 -12.50 8.46
N ILE C 20 5.26 -11.26 7.98
CA ILE C 20 4.63 -10.94 6.68
C ILE C 20 5.40 -11.62 5.54
N LEU C 21 6.73 -11.67 5.65
CA LEU C 21 7.60 -12.35 4.67
C LEU C 21 7.60 -13.89 4.83
N ILE C 22 6.79 -14.40 5.76
CA ILE C 22 6.59 -15.84 5.95
C ILE C 22 5.29 -16.30 5.23
N TRP C 23 4.21 -15.53 5.41
CA TRP C 23 2.98 -15.68 4.62
C TRP C 23 3.31 -15.67 3.15
N LEU C 24 4.05 -14.64 2.75
CA LEU C 24 4.53 -14.39 1.39
C LEU C 24 5.42 -15.53 0.85
N LEU C 25 6.58 -15.74 1.48
CA LEU C 25 7.59 -16.72 1.02
C LEU C 25 7.10 -18.17 0.97
N VAL C 26 6.18 -18.55 1.86
CA VAL C 26 5.61 -19.90 1.88
C VAL C 26 4.75 -20.15 0.63
N ARG C 27 4.05 -19.10 0.18
CA ARG C 27 3.15 -19.18 -0.99
C ARG C 27 3.84 -19.15 -2.36
N SER C 28 5.08 -18.64 -2.41
CA SER C 28 5.85 -18.59 -3.66
C SER C 28 6.45 -19.96 -4.06
N TYR C 29 6.40 -20.92 -3.13
CA TYR C 29 6.70 -22.32 -3.41
C TYR C 29 5.42 -23.19 -3.40
N GLN C 30 4.35 -22.69 -2.76
CA GLN C 30 3.03 -23.34 -2.79
C GLN C 30 2.49 -23.41 -4.22
N TYR C 31 2.50 -22.27 -4.90
CA TYR C 31 2.04 -22.16 -6.29
C TYR C 31 2.86 -23.04 -7.25
#